data_6BEE
#
_entry.id   6BEE
#
_cell.length_a   191.140
_cell.length_b   191.140
_cell.length_c   253.270
_cell.angle_alpha   90.000
_cell.angle_beta   90.000
_cell.angle_gamma   120.000
#
_symmetry.space_group_name_H-M   'P 61 2 2'
#
loop_
_entity.id
_entity.type
_entity.pdbx_description
1 polymer 'Scaffold protein D13'
2 non-polymer 'FORMIC ACID'
3 non-polymer 1,2-ETHANEDIOL
4 non-polymer "(2S,16Z,18E,20S,21S,22R,23R,24R,25S,26R,27S,28E)-5,6,21,23-tetrahydroxy-27-methoxy-2,4,11,16,20,22,24,26-octamethyl-1,1 5-dioxo-1,2-dihydro-2,7-(epoxypentadeca[1,11,13]trienoimino)furo[2'',3'':7',8']naphtho[1',2':4,5]imidazo[1,2-a]pyridin-2 5-yl acetate"
5 water water
#
_entity_poly.entity_id   1
_entity_poly.type   'polypeptide(L)'
_entity_poly.pdbx_seq_one_letter_code
;GAMNNTIINSLIGGDDSIKRSNVFAVDSQIPTLYMPQYISLSGVMTNDGPDNQAIASFEIRDQYITALNHLVLSLELPEV
KGMGRFGYVPYVGYKCINHVSISSCNGVIWEIEGEELYNNCINNTIALKHSGYSSELNDISIGLTPNDTIKEPSTVYVYI
KTPFDVEDTFSSLKLSDSKITVTVTFNPVSDIVIRDSSFDFETFNKEFVYVPELSFIGYMVKNVQIKPSFIEKPRRVIGQ
INQPTATVTEVHAATSLSVYTKPYYGNTDNKFISYPGYSQDEKDYIDAYVSRLLDDLVIVSDGPPTGYPESAEIVEVPED
GIVSIQDADVYVKIDNVPDNMSVYLHTNLLMFGTRKNSFIYNISKKFSAITGTYSDATKRTIFAHISHSINIIDTSIPVS
LWTSQRNVYNGDNRSAESKAKDLFINDPFIKGIDFKNKTDIISRLEVRFGNDVLYSENGPISRIYNELLTKSNNGTRTLT
FNFTPKIFFRPTTITANVSRGKDKLSVRVVYSTMDVNHPIYYVQKQLVVVCNDLYKVSYDQGVSITKIMGDNN
;
_entity_poly.pdbx_strand_id   A,B,C
#
# COMPACT_ATOMS: atom_id res chain seq x y z
N GLY A 1 -10.24 12.42 -40.73
CA GLY A 1 -8.83 12.22 -40.44
C GLY A 1 -8.62 11.34 -39.22
N ALA A 2 -8.02 11.91 -38.16
CA ALA A 2 -7.74 11.25 -36.88
C ALA A 2 -9.03 10.87 -36.15
N MET A 3 -10.02 11.79 -36.12
CA MET A 3 -11.33 11.55 -35.51
C MET A 3 -12.11 10.60 -36.42
N ASN A 4 -12.80 9.62 -35.84
CA ASN A 4 -13.58 8.64 -36.60
C ASN A 4 -14.83 9.29 -37.21
N ASN A 5 -15.14 8.94 -38.48
CA ASN A 5 -16.26 9.45 -39.27
C ASN A 5 -17.61 9.36 -38.58
N THR A 6 -17.84 8.30 -37.78
CA THR A 6 -19.08 8.06 -37.03
C THR A 6 -19.32 9.17 -35.98
N ILE A 7 -18.23 9.72 -35.41
CA ILE A 7 -18.26 10.79 -34.41
C ILE A 7 -18.50 12.15 -35.10
N ILE A 8 -17.70 12.49 -36.14
CA ILE A 8 -17.77 13.76 -36.88
C ILE A 8 -19.17 14.00 -37.47
N ASN A 9 -19.85 12.94 -37.99
CA ASN A 9 -21.21 13.00 -38.54
C ASN A 9 -22.24 13.23 -37.43
N SER A 10 -22.03 12.60 -36.25
CA SER A 10 -22.90 12.69 -35.08
C SER A 10 -22.99 14.11 -34.47
N LEU A 11 -21.97 14.94 -34.70
CA LEU A 11 -21.90 16.31 -34.18
C LEU A 11 -22.09 17.36 -35.28
N ILE A 12 -21.28 17.27 -36.37
CA ILE A 12 -21.35 18.19 -37.52
C ILE A 12 -22.41 17.75 -38.52
N SER A 17 -29.39 26.46 -29.48
CA SER A 17 -30.58 27.02 -28.85
C SER A 17 -30.55 26.89 -27.32
N ILE A 18 -30.18 25.68 -26.81
CA ILE A 18 -30.10 25.36 -25.37
C ILE A 18 -28.87 25.98 -24.70
N LYS A 19 -29.05 26.53 -23.48
CA LYS A 19 -27.99 27.17 -22.69
C LYS A 19 -27.04 26.10 -22.15
N ARG A 20 -25.75 26.24 -22.47
CA ARG A 20 -24.72 25.28 -22.06
C ARG A 20 -23.60 25.91 -21.25
N SER A 21 -23.16 25.22 -20.17
CA SER A 21 -22.07 25.65 -19.30
C SER A 21 -20.75 25.28 -19.97
N ASN A 22 -19.79 26.21 -19.99
CA ASN A 22 -18.49 25.98 -20.62
C ASN A 22 -17.65 25.01 -19.81
N VAL A 23 -17.38 23.85 -20.41
CA VAL A 23 -16.62 22.76 -19.79
C VAL A 23 -15.20 22.67 -20.37
N PHE A 24 -14.90 23.49 -21.40
CA PHE A 24 -13.59 23.47 -22.05
C PHE A 24 -12.73 24.71 -21.79
N ALA A 25 -13.31 25.73 -21.13
CA ALA A 25 -12.61 26.96 -20.78
C ALA A 25 -13.20 27.57 -19.52
N VAL A 26 -12.41 28.38 -18.81
CA VAL A 26 -12.87 29.04 -17.59
C VAL A 26 -12.22 30.42 -17.44
N ASP A 27 -12.98 31.40 -16.92
CA ASP A 27 -12.48 32.74 -16.65
C ASP A 27 -11.56 32.64 -15.43
N SER A 28 -10.25 32.87 -15.62
CA SER A 28 -9.28 32.78 -14.52
C SER A 28 -9.48 33.96 -13.56
N GLN A 29 -10.15 33.70 -12.43
CA GLN A 29 -10.48 34.69 -11.40
C GLN A 29 -9.21 35.20 -10.73
N ILE A 30 -9.13 36.52 -10.48
CA ILE A 30 -7.97 37.09 -9.80
C ILE A 30 -8.14 36.84 -8.30
N PRO A 31 -7.21 36.10 -7.65
CA PRO A 31 -7.37 35.81 -6.22
C PRO A 31 -7.02 36.99 -5.33
N THR A 32 -7.23 36.85 -4.02
CA THR A 32 -6.87 37.84 -3.01
C THR A 32 -5.32 37.92 -3.04
N LEU A 33 -4.75 39.13 -3.05
CA LEU A 33 -3.29 39.26 -3.10
C LEU A 33 -2.66 38.83 -1.78
N TYR A 34 -1.87 37.75 -1.84
CA TYR A 34 -1.17 37.19 -0.69
C TYR A 34 0.21 36.65 -1.08
N MET A 35 0.97 36.25 -0.07
CA MET A 35 2.28 35.65 -0.21
C MET A 35 2.48 34.66 0.93
N PRO A 36 2.68 33.36 0.63
CA PRO A 36 2.87 32.39 1.72
C PRO A 36 4.32 32.26 2.16
N GLN A 37 4.54 31.77 3.40
CA GLN A 37 5.89 31.58 3.93
C GLN A 37 5.89 30.47 4.97
N TYR A 38 6.85 29.54 4.87
CA TYR A 38 6.98 28.48 5.87
C TYR A 38 7.75 29.08 7.05
N ILE A 39 7.03 29.33 8.17
CA ILE A 39 7.62 29.94 9.37
C ILE A 39 7.80 28.91 10.47
N SER A 40 9.03 28.81 10.99
CA SER A 40 9.40 27.91 12.08
C SER A 40 9.74 28.74 13.31
N LEU A 41 9.24 28.32 14.49
CA LEU A 41 9.44 29.04 15.76
C LEU A 41 9.93 28.14 16.87
N SER A 42 10.93 28.62 17.62
CA SER A 42 11.45 27.93 18.79
C SER A 42 10.56 28.38 19.96
N GLY A 43 10.19 27.44 20.82
CA GLY A 43 9.30 27.72 21.94
C GLY A 43 9.94 27.94 23.29
N VAL A 44 9.07 28.10 24.30
CA VAL A 44 9.45 28.31 25.69
C VAL A 44 9.06 27.03 26.43
N MET A 45 10.06 26.34 27.00
CA MET A 45 9.84 25.10 27.74
C MET A 45 9.59 25.37 29.22
N THR A 46 8.55 24.71 29.77
CA THR A 46 8.11 24.80 31.16
C THR A 46 7.95 23.39 31.72
N ASN A 47 7.87 23.26 33.07
CA ASN A 47 7.67 21.99 33.77
C ASN A 47 6.78 22.17 34.99
N ASP A 51 2.52 17.92 37.98
CA ASP A 51 3.23 16.64 37.84
C ASP A 51 4.56 16.80 37.07
N ASN A 52 5.05 18.06 36.95
CA ASN A 52 6.28 18.47 36.26
C ASN A 52 6.25 18.08 34.76
N GLN A 53 5.05 18.18 34.15
CA GLN A 53 4.78 17.88 32.74
C GLN A 53 5.39 18.94 31.85
N ALA A 54 6.08 18.51 30.77
CA ALA A 54 6.75 19.40 29.83
C ALA A 54 5.72 20.14 28.96
N ILE A 55 5.81 21.49 28.94
CA ILE A 55 4.90 22.34 28.18
C ILE A 55 5.69 23.29 27.27
N ALA A 56 5.37 23.28 25.97
CA ALA A 56 6.00 24.16 24.99
C ALA A 56 4.99 25.22 24.55
N SER A 57 5.40 26.50 24.59
CA SER A 57 4.55 27.61 24.19
C SER A 57 5.16 28.37 23.02
N PHE A 58 4.35 28.57 21.97
CA PHE A 58 4.77 29.26 20.75
C PHE A 58 3.88 30.48 20.51
N GLU A 59 4.45 31.70 20.60
CA GLU A 59 3.72 32.95 20.40
C GLU A 59 3.86 33.50 18.99
N ILE A 60 2.75 33.54 18.26
CA ILE A 60 2.67 34.02 16.89
C ILE A 60 2.02 35.40 16.90
N ARG A 61 2.84 36.44 16.73
CA ARG A 61 2.39 37.82 16.64
C ARG A 61 3.32 38.54 15.68
N ASP A 62 2.76 38.91 14.54
CA ASP A 62 3.46 39.59 13.44
C ASP A 62 2.41 40.34 12.62
N GLN A 63 2.72 41.60 12.26
CA GLN A 63 1.81 42.44 11.46
C GLN A 63 1.54 41.83 10.09
N TYR A 64 2.60 41.27 9.49
CA TYR A 64 2.55 40.67 8.17
C TYR A 64 1.92 39.27 8.17
N ILE A 65 1.93 38.52 9.30
CA ILE A 65 1.25 37.20 9.31
C ILE A 65 -0.26 37.47 9.49
N THR A 66 -0.98 37.42 8.37
CA THR A 66 -2.43 37.67 8.33
C THR A 66 -3.23 36.40 8.66
N ALA A 67 -2.78 35.25 8.13
CA ALA A 67 -3.42 33.94 8.33
C ALA A 67 -2.40 32.81 8.40
N LEU A 68 -2.79 31.68 9.02
CA LEU A 68 -1.94 30.51 9.14
C LEU A 68 -2.72 29.19 9.14
N ASN A 69 -2.07 28.13 8.66
CA ASN A 69 -2.58 26.76 8.63
C ASN A 69 -1.40 25.76 8.58
N HIS A 70 -1.71 24.45 8.54
CA HIS A 70 -0.75 23.34 8.45
C HIS A 70 0.36 23.40 9.50
N LEU A 71 -0.01 23.17 10.77
CA LEU A 71 0.92 23.18 11.90
C LEU A 71 1.71 21.86 11.89
N VAL A 72 3.05 21.95 11.97
CA VAL A 72 3.95 20.79 11.98
C VAL A 72 4.93 20.99 13.13
N LEU A 73 4.89 20.10 14.13
CA LEU A 73 5.79 20.17 15.27
C LEU A 73 6.95 19.22 15.07
N SER A 74 8.17 19.78 15.01
CA SER A 74 9.37 18.97 14.85
C SER A 74 9.95 18.66 16.22
N LEU A 75 10.55 17.48 16.37
CA LEU A 75 11.15 17.05 17.64
C LEU A 75 12.50 16.43 17.42
N GLU A 76 13.51 16.96 18.12
CA GLU A 76 14.88 16.49 18.05
C GLU A 76 15.08 15.41 19.09
N LEU A 77 15.10 14.16 18.62
CA LEU A 77 15.31 13.02 19.51
C LEU A 77 16.82 12.88 19.74
N PRO A 78 17.27 12.76 21.01
CA PRO A 78 18.72 12.72 21.27
C PRO A 78 19.35 11.39 20.97
N GLU A 79 20.71 11.36 21.01
CA GLU A 79 21.50 10.16 20.84
C GLU A 79 21.30 9.34 22.13
N VAL A 80 20.99 8.05 21.98
CA VAL A 80 20.78 7.17 23.12
C VAL A 80 22.01 6.27 23.25
N LYS A 81 22.80 6.50 24.32
CA LYS A 81 24.03 5.75 24.61
C LYS A 81 23.92 5.01 25.93
N GLY A 82 24.51 3.82 25.98
CA GLY A 82 24.50 3.00 27.18
C GLY A 82 24.26 1.53 26.92
N MET A 83 23.89 0.81 27.99
CA MET A 83 23.63 -0.62 27.97
C MET A 83 22.14 -0.95 28.05
N GLY A 84 21.78 -2.10 27.50
CA GLY A 84 20.41 -2.61 27.51
C GLY A 84 19.67 -2.45 26.19
N ARG A 85 18.43 -2.96 26.15
CA ARG A 85 17.55 -2.89 24.99
C ARG A 85 16.73 -1.62 25.04
N PHE A 86 16.60 -0.93 23.90
CA PHE A 86 15.85 0.33 23.78
C PHE A 86 15.30 0.50 22.36
N GLY A 87 14.11 1.08 22.28
CA GLY A 87 13.42 1.40 21.04
C GLY A 87 12.28 2.37 21.27
N TYR A 88 11.91 3.13 20.23
CA TYR A 88 10.81 4.08 20.33
C TYR A 88 9.51 3.42 19.87
N VAL A 89 8.37 3.91 20.37
CA VAL A 89 7.03 3.42 19.97
C VAL A 89 6.77 3.82 18.50
N PRO A 90 5.99 3.06 17.69
CA PRO A 90 5.74 3.49 16.31
C PRO A 90 4.99 4.82 16.31
N TYR A 91 5.31 5.71 15.34
CA TYR A 91 4.73 7.05 15.22
C TYR A 91 4.99 7.83 16.52
N VAL A 92 6.26 7.74 16.99
CA VAL A 92 6.79 8.32 18.23
C VAL A 92 6.34 9.78 18.44
N GLY A 93 6.43 10.59 17.39
CA GLY A 93 6.05 12.00 17.41
C GLY A 93 4.63 12.27 17.89
N TYR A 94 3.65 11.48 17.41
CA TYR A 94 2.25 11.63 17.82
C TYR A 94 2.06 11.20 19.26
N LYS A 95 2.75 10.12 19.67
CA LYS A 95 2.71 9.57 21.03
C LYS A 95 3.30 10.51 22.09
N CYS A 96 4.18 11.45 21.68
N CYS A 96 4.19 11.44 21.72
CA CYS A 96 4.82 12.46 22.53
CA CYS A 96 4.75 12.37 22.69
C CYS A 96 3.79 13.48 23.01
C CYS A 96 3.77 13.49 23.04
N ILE A 97 2.80 13.78 22.15
CA ILE A 97 1.75 14.78 22.37
C ILE A 97 0.72 14.28 23.39
N ASN A 98 0.42 15.10 24.42
CA ASN A 98 -0.61 14.81 25.41
C ASN A 98 -1.80 15.72 25.12
N HIS A 99 -1.53 16.99 24.73
CA HIS A 99 -2.53 18.00 24.43
C HIS A 99 -1.93 19.12 23.58
N VAL A 100 -2.76 19.70 22.68
CA VAL A 100 -2.41 20.83 21.84
C VAL A 100 -3.55 21.84 21.95
N SER A 101 -3.23 23.12 22.15
CA SER A 101 -4.23 24.19 22.24
C SER A 101 -3.80 25.45 21.52
N ILE A 102 -4.64 25.92 20.58
CA ILE A 102 -4.45 27.16 19.82
C ILE A 102 -5.38 28.18 20.47
N SER A 103 -4.79 29.21 21.09
CA SER A 103 -5.54 30.23 21.82
C SER A 103 -5.13 31.67 21.48
N SER A 104 -6.06 32.60 21.70
CA SER A 104 -5.87 34.04 21.51
C SER A 104 -6.05 34.74 22.87
N CYS A 105 -6.06 36.10 22.88
CA CYS A 105 -6.27 36.92 24.07
CA CYS A 105 -6.26 36.86 24.11
C CYS A 105 -7.69 36.74 24.63
N ASN A 106 -8.62 36.29 23.75
CA ASN A 106 -10.04 36.07 24.07
C ASN A 106 -10.30 34.63 24.57
N GLY A 107 -9.23 33.81 24.62
CA GLY A 107 -9.28 32.44 25.09
C GLY A 107 -8.93 31.38 24.05
N VAL A 108 -9.22 30.11 24.37
CA VAL A 108 -8.96 28.94 23.53
C VAL A 108 -9.84 28.98 22.27
N ILE A 109 -9.21 28.89 21.08
CA ILE A 109 -9.90 28.91 19.77
C ILE A 109 -10.19 27.47 19.36
N TRP A 110 -9.20 26.57 19.55
CA TRP A 110 -9.29 25.15 19.22
C TRP A 110 -8.27 24.37 20.05
N GLU A 111 -8.65 23.16 20.49
CA GLU A 111 -7.79 22.27 21.28
C GLU A 111 -8.11 20.80 21.04
N ILE A 112 -7.11 19.92 21.19
CA ILE A 112 -7.26 18.48 20.99
C ILE A 112 -6.39 17.68 21.95
N GLU A 113 -6.88 16.49 22.34
CA GLU A 113 -6.12 15.56 23.17
C GLU A 113 -5.19 14.79 22.22
N GLY A 114 -3.98 14.50 22.71
CA GLY A 114 -2.95 13.78 21.98
C GLY A 114 -3.43 12.59 21.18
N GLU A 115 -4.23 11.71 21.82
CA GLU A 115 -4.79 10.51 21.19
C GLU A 115 -5.74 10.86 20.05
N GLU A 116 -6.57 11.90 20.22
CA GLU A 116 -7.53 12.32 19.21
C GLU A 116 -6.85 12.87 17.97
N LEU A 117 -5.73 13.61 18.13
CA LEU A 117 -4.97 14.14 17.00
C LEU A 117 -4.41 12.98 16.17
N TYR A 118 -3.89 11.94 16.86
CA TYR A 118 -3.36 10.71 16.26
C TYR A 118 -4.47 9.98 15.50
N ASN A 119 -5.67 9.86 16.12
CA ASN A 119 -6.85 9.23 15.54
C ASN A 119 -7.31 9.95 14.28
N ASN A 120 -7.16 11.28 14.25
CA ASN A 120 -7.53 12.11 13.09
C ASN A 120 -6.52 11.97 11.95
N CYS A 121 -5.28 11.55 12.27
CA CYS A 121 -4.19 11.37 11.30
C CYS A 121 -3.88 9.90 10.97
N ILE A 122 -4.59 8.93 11.61
CA ILE A 122 -4.37 7.49 11.43
C ILE A 122 -4.51 7.04 9.96
N ASN A 123 -5.37 7.73 9.18
CA ASN A 123 -5.61 7.45 7.76
C ASN A 123 -4.54 8.08 6.85
N ASN A 124 -3.76 9.05 7.38
CA ASN A 124 -2.70 9.75 6.65
C ASN A 124 -1.37 9.02 6.84
N THR A 125 -0.96 8.23 5.83
CA THR A 125 0.27 7.43 5.83
C THR A 125 1.52 8.31 5.90
N ILE A 126 1.53 9.41 5.12
CA ILE A 126 2.64 10.37 5.03
C ILE A 126 2.92 11.00 6.39
N ALA A 127 1.87 11.57 7.05
CA ALA A 127 1.96 12.21 8.36
C ALA A 127 2.45 11.23 9.42
N LEU A 128 2.00 9.96 9.34
CA LEU A 128 2.40 8.90 10.26
C LEU A 128 3.88 8.53 10.08
N LYS A 129 4.35 8.41 8.81
CA LYS A 129 5.75 8.09 8.49
C LYS A 129 6.68 9.20 9.01
N HIS A 130 6.28 10.48 8.82
CA HIS A 130 7.03 11.66 9.26
C HIS A 130 7.22 11.70 10.77
N SER A 131 6.19 11.27 11.54
CA SER A 131 6.23 11.27 13.01
C SER A 131 7.19 10.24 13.61
N GLY A 132 7.70 9.31 12.81
CA GLY A 132 8.65 8.31 13.28
C GLY A 132 8.21 6.88 13.11
N TYR A 133 8.39 6.33 11.90
CA TYR A 133 8.08 4.94 11.61
C TYR A 133 9.17 4.33 10.73
N SER A 134 10.26 3.86 11.37
CA SER A 134 11.43 3.28 10.71
C SER A 134 12.05 2.15 11.53
N SER A 135 12.86 1.30 10.89
CA SER A 135 13.59 0.22 11.57
C SER A 135 14.65 0.85 12.47
N GLU A 136 15.15 2.03 12.08
CA GLU A 136 16.14 2.81 12.81
C GLU A 136 15.58 3.25 14.16
N LEU A 137 14.30 3.71 14.18
CA LEU A 137 13.64 4.21 15.39
C LEU A 137 12.86 3.19 16.20
N ASN A 138 12.09 2.31 15.52
CA ASN A 138 11.13 1.42 16.17
C ASN A 138 11.62 0.01 16.47
N ASP A 139 12.67 -0.50 15.80
CA ASP A 139 13.20 -1.82 16.14
C ASP A 139 13.93 -1.74 17.49
N ILE A 140 13.92 -2.82 18.26
CA ILE A 140 14.54 -2.82 19.58
C ILE A 140 16.06 -3.05 19.47
N SER A 141 16.85 -1.97 19.58
CA SER A 141 18.31 -2.00 19.50
C SER A 141 18.93 -2.30 20.87
N ILE A 142 20.11 -2.96 20.88
CA ILE A 142 20.79 -3.33 22.12
C ILE A 142 22.17 -2.67 22.25
N GLY A 143 22.43 -2.12 23.43
CA GLY A 143 23.70 -1.49 23.81
C GLY A 143 24.51 -2.46 24.64
N LEU A 144 25.78 -2.69 24.25
CA LEU A 144 26.64 -3.66 24.91
C LEU A 144 27.60 -3.05 25.94
N THR A 145 28.27 -1.94 25.59
CA THR A 145 29.21 -1.22 26.46
C THR A 145 28.53 0.05 27.00
N PRO A 146 28.95 0.62 28.16
CA PRO A 146 28.27 1.84 28.67
C PRO A 146 28.34 3.06 27.77
N ASN A 147 29.20 3.03 26.72
CA ASN A 147 29.36 4.13 25.77
C ASN A 147 28.85 3.77 24.35
N ASP A 148 28.35 2.52 24.18
CA ASP A 148 27.80 2.00 22.93
C ASP A 148 26.53 2.79 22.56
N THR A 149 26.41 3.16 21.27
CA THR A 149 25.25 3.90 20.80
C THR A 149 24.12 2.93 20.47
N ILE A 150 22.98 3.09 21.16
CA ILE A 150 21.78 2.29 20.96
C ILE A 150 20.97 2.90 19.81
N LYS A 151 20.70 4.23 19.90
CA LYS A 151 19.95 4.98 18.89
C LYS A 151 20.68 6.26 18.51
N GLU A 152 20.83 6.51 17.21
CA GLU A 152 21.48 7.71 16.68
C GLU A 152 20.46 8.86 16.77
N PRO A 153 20.87 10.14 16.93
CA PRO A 153 19.88 11.23 16.99
C PRO A 153 19.08 11.36 15.69
N SER A 154 17.79 11.70 15.80
CA SER A 154 16.90 11.84 14.66
C SER A 154 15.87 12.92 14.90
N THR A 155 15.31 13.48 13.82
CA THR A 155 14.27 14.50 13.88
C THR A 155 12.97 13.89 13.37
N VAL A 156 11.88 14.08 14.12
CA VAL A 156 10.55 13.60 13.75
C VAL A 156 9.60 14.77 13.53
N TYR A 157 8.66 14.64 12.58
CA TYR A 157 7.72 15.70 12.22
C TYR A 157 6.27 15.29 12.47
N VAL A 158 5.62 15.98 13.42
CA VAL A 158 4.23 15.71 13.84
C VAL A 158 3.27 16.71 13.20
N TYR A 159 2.44 16.24 12.25
CA TYR A 159 1.46 17.12 11.61
C TYR A 159 0.25 17.33 12.51
N ILE A 160 0.11 18.56 13.05
CA ILE A 160 -1.01 18.96 13.90
C ILE A 160 -2.17 19.34 12.98
N LYS A 161 -2.98 18.33 12.58
CA LYS A 161 -4.14 18.51 11.71
C LYS A 161 -5.18 19.33 12.47
N THR A 162 -5.51 20.51 11.92
CA THR A 162 -6.48 21.44 12.51
C THR A 162 -7.61 21.71 11.50
N PRO A 163 -8.80 22.23 11.92
CA PRO A 163 -9.88 22.50 10.94
C PRO A 163 -9.54 23.62 9.94
N PHE A 164 -8.40 24.30 10.16
CA PHE A 164 -7.91 25.38 9.31
C PHE A 164 -7.24 24.87 8.02
N ASP A 165 -7.09 23.54 7.89
CA ASP A 165 -6.44 22.90 6.74
C ASP A 165 -7.42 22.32 5.71
N VAL A 166 -8.68 22.06 6.14
CA VAL A 166 -9.77 21.47 5.34
C VAL A 166 -9.86 22.05 3.92
N GLU A 167 -10.00 23.39 3.81
CA GLU A 167 -10.09 24.06 2.51
C GLU A 167 -8.94 25.07 2.28
N ASP A 168 -7.73 24.68 2.70
CA ASP A 168 -6.47 25.42 2.57
C ASP A 168 -6.58 26.91 3.01
N THR A 169 -6.46 27.86 2.07
CA THR A 169 -6.52 29.31 2.33
C THR A 169 -7.88 29.76 2.85
N PHE A 170 -8.98 29.11 2.38
CA PHE A 170 -10.35 29.42 2.79
C PHE A 170 -10.60 29.12 4.26
N SER A 171 -10.09 27.98 4.76
CA SER A 171 -10.26 27.53 6.15
C SER A 171 -9.22 28.08 7.14
N SER A 172 -8.09 28.61 6.63
CA SER A 172 -6.96 29.14 7.42
C SER A 172 -7.36 30.03 8.59
N LEU A 173 -6.62 29.92 9.71
CA LEU A 173 -6.86 30.73 10.91
C LEU A 173 -6.38 32.15 10.66
N LYS A 174 -7.30 33.12 10.67
CA LYS A 174 -6.96 34.53 10.48
C LYS A 174 -6.51 35.10 11.83
N LEU A 175 -5.42 35.88 11.86
CA LEU A 175 -4.91 36.39 13.14
C LEU A 175 -4.49 37.87 13.08
N SER A 176 -5.22 38.67 12.28
CA SER A 176 -4.94 40.11 12.15
C SER A 176 -5.18 40.85 13.47
N ASP A 177 -4.14 41.61 13.92
CA ASP A 177 -4.09 42.42 15.16
C ASP A 177 -4.30 41.59 16.46
N SER A 178 -4.06 40.26 16.40
CA SER A 178 -4.23 39.35 17.54
C SER A 178 -3.06 38.40 17.73
N LYS A 179 -2.73 38.09 18.99
CA LYS A 179 -1.64 37.20 19.38
C LYS A 179 -2.17 35.77 19.51
N ILE A 180 -1.56 34.83 18.77
CA ILE A 180 -1.94 33.42 18.80
C ILE A 180 -0.87 32.63 19.55
N THR A 181 -1.29 31.87 20.56
CA THR A 181 -0.39 31.06 21.39
C THR A 181 -0.70 29.58 21.22
N VAL A 182 0.25 28.84 20.63
CA VAL A 182 0.12 27.39 20.42
C VAL A 182 0.83 26.73 21.60
N THR A 183 0.05 26.03 22.43
CA THR A 183 0.53 25.36 23.62
C THR A 183 0.51 23.85 23.41
N VAL A 184 1.68 23.19 23.60
CA VAL A 184 1.83 21.75 23.43
C VAL A 184 2.30 21.10 24.74
N THR A 185 1.44 20.26 25.31
CA THR A 185 1.73 19.52 26.54
C THR A 185 2.28 18.15 26.13
N PHE A 186 3.42 17.76 26.71
CA PHE A 186 4.05 16.49 26.38
C PHE A 186 3.83 15.40 27.40
N ASN A 187 3.62 14.17 26.91
CA ASN A 187 3.47 12.96 27.70
C ASN A 187 4.87 12.58 28.26
N PRO A 188 4.99 11.88 29.41
CA PRO A 188 6.33 11.51 29.90
C PRO A 188 7.07 10.63 28.91
N VAL A 189 8.42 10.74 28.83
CA VAL A 189 9.25 9.98 27.90
C VAL A 189 9.05 8.45 28.07
N SER A 190 8.53 8.01 29.22
CA SER A 190 8.23 6.61 29.52
C SER A 190 7.24 6.03 28.50
N ASP A 191 6.23 6.84 28.12
CA ASP A 191 5.19 6.49 27.16
C ASP A 191 5.71 6.17 25.76
N ILE A 192 6.71 6.94 25.28
CA ILE A 192 7.27 6.81 23.93
C ILE A 192 8.48 5.87 23.84
N VAL A 193 8.82 5.17 24.94
CA VAL A 193 10.00 4.30 24.99
C VAL A 193 9.67 2.85 25.40
N ILE A 194 10.21 1.88 24.62
CA ILE A 194 10.12 0.44 24.86
C ILE A 194 11.55 0.01 25.28
N ARG A 195 11.72 -0.33 26.57
N ARG A 195 11.73 -0.32 26.57
CA ARG A 195 13.02 -0.69 27.14
CA ARG A 195 13.02 -0.69 27.14
C ARG A 195 12.94 -1.92 28.06
C ARG A 195 12.95 -1.91 28.08
N ASP A 196 14.11 -2.52 28.37
CA ASP A 196 14.21 -3.66 29.29
C ASP A 196 14.69 -3.18 30.67
N SER A 197 14.95 -4.11 31.62
CA SER A 197 15.42 -3.78 32.97
C SER A 197 16.89 -3.34 32.95
N SER A 198 17.67 -3.91 32.01
CA SER A 198 19.10 -3.62 31.79
C SER A 198 19.35 -2.15 31.45
N PHE A 199 18.42 -1.52 30.71
CA PHE A 199 18.51 -0.12 30.30
C PHE A 199 18.36 0.80 31.51
N ASP A 200 19.28 1.78 31.65
CA ASP A 200 19.23 2.73 32.74
C ASP A 200 18.22 3.82 32.43
N PHE A 201 16.92 3.52 32.63
CA PHE A 201 15.85 4.48 32.37
C PHE A 201 15.88 5.65 33.34
N GLU A 202 16.25 5.39 34.62
CA GLU A 202 16.34 6.40 35.68
C GLU A 202 17.16 7.62 35.22
N THR A 203 18.37 7.36 34.70
CA THR A 203 19.28 8.38 34.17
C THR A 203 18.71 8.98 32.88
N PHE A 204 18.17 8.12 31.98
CA PHE A 204 17.58 8.55 30.71
C PHE A 204 16.44 9.56 30.89
N ASN A 205 15.54 9.32 31.87
CA ASN A 205 14.42 10.18 32.18
C ASN A 205 14.89 11.54 32.69
N LYS A 206 15.98 11.56 33.48
CA LYS A 206 16.57 12.79 34.03
C LYS A 206 17.22 13.61 32.91
N GLU A 207 17.98 12.93 32.02
CA GLU A 207 18.73 13.51 30.92
C GLU A 207 17.87 13.92 29.70
N PHE A 208 16.73 13.23 29.46
CA PHE A 208 15.86 13.54 28.31
C PHE A 208 15.11 14.86 28.47
N VAL A 209 15.11 15.64 27.38
CA VAL A 209 14.40 16.92 27.27
C VAL A 209 13.78 17.03 25.88
N TYR A 210 12.48 17.40 25.84
CA TYR A 210 11.76 17.59 24.58
C TYR A 210 12.28 18.84 23.90
N VAL A 211 12.75 18.70 22.64
CA VAL A 211 13.29 19.83 21.85
C VAL A 211 12.30 20.12 20.70
N PRO A 212 11.23 20.91 20.96
CA PRO A 212 10.25 21.16 19.89
C PRO A 212 10.47 22.45 19.12
N GLU A 213 9.91 22.50 17.91
CA GLU A 213 9.94 23.67 17.04
C GLU A 213 8.69 23.64 16.18
N LEU A 214 7.83 24.68 16.34
CA LEU A 214 6.56 24.75 15.60
C LEU A 214 6.68 25.46 14.27
N SER A 215 6.33 24.74 13.20
CA SER A 215 6.31 25.25 11.83
C SER A 215 4.85 25.35 11.40
N PHE A 216 4.56 26.33 10.55
CA PHE A 216 3.22 26.58 10.01
C PHE A 216 3.33 27.34 8.68
N ILE A 217 2.29 27.26 7.84
CA ILE A 217 2.30 28.04 6.61
C ILE A 217 1.62 29.37 6.92
N GLY A 218 2.42 30.43 6.94
CA GLY A 218 1.94 31.78 7.19
C GLY A 218 1.58 32.45 5.89
N TYR A 219 0.59 33.36 5.91
CA TYR A 219 0.12 34.06 4.72
C TYR A 219 0.06 35.56 4.96
N MET A 220 0.74 36.35 4.10
CA MET A 220 0.73 37.81 4.18
CA MET A 220 0.74 37.81 4.18
C MET A 220 -0.33 38.27 3.19
N VAL A 221 -1.51 38.66 3.68
CA VAL A 221 -2.62 39.07 2.83
C VAL A 221 -2.84 40.58 2.76
N LYS A 222 -2.75 41.13 1.54
CA LYS A 222 -2.99 42.54 1.28
C LYS A 222 -4.50 42.75 1.18
N ASN A 223 -5.05 43.61 2.05
CA ASN A 223 -6.47 43.97 2.16
C ASN A 223 -7.37 42.73 2.32
N VAL A 224 -7.18 42.00 3.43
CA VAL A 224 -7.93 40.79 3.76
C VAL A 224 -9.41 41.11 4.06
N GLN A 225 -10.32 40.29 3.53
CA GLN A 225 -11.76 40.46 3.75
C GLN A 225 -12.26 39.31 4.63
N ILE A 226 -12.02 39.43 5.95
CA ILE A 226 -12.39 38.41 6.95
C ILE A 226 -13.91 38.32 7.15
N LYS A 227 -14.44 37.09 7.06
CA LYS A 227 -15.84 36.73 7.25
C LYS A 227 -15.90 35.64 8.35
N PRO A 228 -16.99 35.56 9.18
CA PRO A 228 -17.03 34.52 10.23
C PRO A 228 -17.16 33.09 9.68
N SER A 229 -16.54 32.14 10.38
CA SER A 229 -16.57 30.73 10.02
C SER A 229 -17.05 29.85 11.17
N PHE A 230 -17.15 28.53 10.90
CA PHE A 230 -17.57 27.54 11.88
C PHE A 230 -16.45 26.55 12.14
N ILE A 231 -16.38 26.04 13.38
CA ILE A 231 -15.33 25.10 13.79
C ILE A 231 -15.89 23.95 14.64
N GLU A 232 -15.35 22.74 14.45
CA GLU A 232 -15.71 21.55 15.21
C GLU A 232 -14.62 21.33 16.28
N LYS A 233 -14.99 21.43 17.57
CA LYS A 233 -14.05 21.27 18.67
C LYS A 233 -14.25 19.92 19.38
N PRO A 234 -13.23 19.02 19.39
CA PRO A 234 -13.41 17.72 20.05
C PRO A 234 -13.35 17.77 21.57
N ARG A 235 -14.19 16.95 22.21
CA ARG A 235 -14.34 16.78 23.65
C ARG A 235 -14.29 15.31 23.96
N ARG A 236 -13.44 14.93 24.90
CA ARG A 236 -13.25 13.54 25.29
C ARG A 236 -13.72 13.30 26.73
N VAL A 237 -14.39 12.16 26.97
CA VAL A 237 -14.83 11.76 28.32
C VAL A 237 -14.37 10.32 28.51
N ILE A 238 -13.56 10.08 29.54
CA ILE A 238 -13.08 8.73 29.85
C ILE A 238 -13.85 8.25 31.06
N GLY A 239 -14.56 7.15 30.87
CA GLY A 239 -15.36 6.54 31.91
C GLY A 239 -14.54 5.97 33.05
N GLN A 240 -15.24 5.59 34.12
CA GLN A 240 -14.62 4.97 35.28
C GLN A 240 -14.10 3.60 34.84
N ILE A 241 -13.00 3.18 35.47
CA ILE A 241 -12.30 1.93 35.21
C ILE A 241 -13.28 0.74 35.18
N ASN A 242 -13.34 0.03 34.02
CA ASN A 242 -14.22 -1.13 33.72
C ASN A 242 -15.74 -0.82 33.67
N GLN A 243 -16.15 0.45 33.88
CA GLN A 243 -17.56 0.87 33.85
C GLN A 243 -18.08 0.96 32.42
N PRO A 244 -19.21 0.28 32.09
CA PRO A 244 -19.71 0.34 30.69
C PRO A 244 -20.54 1.59 30.35
N THR A 245 -20.39 2.67 31.12
CA THR A 245 -21.14 3.92 30.90
C THR A 245 -20.27 5.15 30.99
N ALA A 246 -20.57 6.15 30.15
CA ALA A 246 -19.91 7.46 30.10
C ALA A 246 -20.89 8.50 29.59
N THR A 247 -20.87 9.71 30.16
CA THR A 247 -21.80 10.77 29.76
C THR A 247 -21.07 12.07 29.45
N VAL A 248 -21.42 12.66 28.30
CA VAL A 248 -20.89 13.94 27.83
C VAL A 248 -22.01 14.97 28.09
N THR A 249 -21.76 15.91 29.01
CA THR A 249 -22.76 16.92 29.39
C THR A 249 -22.73 18.14 28.48
N GLU A 250 -23.82 18.94 28.49
CA GLU A 250 -24.00 20.18 27.72
C GLU A 250 -23.80 19.98 26.20
N VAL A 251 -24.49 18.98 25.63
CA VAL A 251 -24.45 18.70 24.20
C VAL A 251 -25.58 19.52 23.55
N HIS A 252 -25.21 20.59 22.82
CA HIS A 252 -26.19 21.47 22.19
C HIS A 252 -26.19 21.42 20.66
N ALA A 253 -24.98 21.32 20.05
CA ALA A 253 -24.83 21.25 18.60
C ALA A 253 -23.64 20.35 18.23
N ALA A 254 -23.84 19.02 18.22
CA ALA A 254 -22.75 18.09 17.91
C ALA A 254 -22.81 17.57 16.47
N THR A 255 -21.63 17.53 15.82
CA THR A 255 -21.47 17.07 14.44
C THR A 255 -21.20 15.56 14.37
N SER A 256 -20.60 14.98 15.42
CA SER A 256 -20.28 13.55 15.50
C SER A 256 -20.04 13.07 16.94
N LEU A 257 -20.15 11.74 17.15
CA LEU A 257 -19.90 11.11 18.44
C LEU A 257 -19.18 9.76 18.24
N SER A 258 -17.93 9.66 18.72
CA SER A 258 -17.11 8.45 18.60
C SER A 258 -17.06 7.72 19.93
N VAL A 259 -17.11 6.38 19.89
CA VAL A 259 -17.06 5.52 21.09
C VAL A 259 -16.04 4.39 20.87
N TYR A 260 -15.07 4.27 21.79
CA TYR A 260 -14.06 3.20 21.76
C TYR A 260 -13.61 2.80 23.18
N THR A 261 -12.82 1.72 23.27
CA THR A 261 -12.29 1.17 24.53
C THR A 261 -10.78 1.28 24.54
N LYS A 262 -10.22 1.37 25.74
CA LYS A 262 -8.79 1.47 25.99
C LYS A 262 -8.39 0.56 27.15
N PRO A 263 -7.23 -0.11 27.11
CA PRO A 263 -6.83 -0.91 28.27
C PRO A 263 -6.12 -0.05 29.32
N TYR A 264 -6.26 -0.43 30.58
CA TYR A 264 -5.61 0.27 31.67
C TYR A 264 -4.69 -0.73 32.35
N TYR A 265 -3.38 -0.44 32.35
CA TYR A 265 -2.36 -1.33 32.89
C TYR A 265 -1.75 -0.84 34.23
N GLY A 266 -2.60 -0.27 35.08
CA GLY A 266 -2.20 0.22 36.40
C GLY A 266 -1.85 -0.90 37.37
N ASN A 267 -2.68 -1.97 37.36
CA ASN A 267 -2.49 -3.17 38.19
C ASN A 267 -1.28 -4.03 37.76
N THR A 268 -0.52 -3.58 36.74
CA THR A 268 0.66 -4.27 36.20
C THR A 268 1.89 -3.34 36.19
N ASP A 269 3.09 -3.92 35.95
CA ASP A 269 4.36 -3.18 35.87
C ASP A 269 4.67 -2.72 34.43
N ASN A 270 3.69 -2.91 33.51
CA ASN A 270 3.71 -2.59 32.07
C ASN A 270 4.79 -3.39 31.31
N LYS A 271 5.25 -4.52 31.88
CA LYS A 271 6.26 -5.40 31.29
C LYS A 271 5.57 -6.49 30.46
N PHE A 272 6.08 -6.75 29.25
CA PHE A 272 5.57 -7.75 28.31
C PHE A 272 6.72 -8.65 27.84
N ILE A 273 6.43 -9.93 27.59
CA ILE A 273 7.42 -10.93 27.16
C ILE A 273 8.11 -10.54 25.83
N SER A 274 7.32 -10.13 24.81
CA SER A 274 7.84 -9.81 23.48
C SER A 274 7.27 -8.55 22.83
N TYR A 275 8.05 -8.01 21.86
CA TYR A 275 7.69 -6.86 21.01
C TYR A 275 8.32 -7.05 19.62
N PRO A 276 7.56 -6.89 18.51
CA PRO A 276 8.13 -7.17 17.18
C PRO A 276 8.98 -6.06 16.55
N GLY A 277 8.97 -4.88 17.16
CA GLY A 277 9.73 -3.72 16.70
C GLY A 277 9.00 -2.95 15.61
N TYR A 278 9.73 -2.67 14.50
CA TYR A 278 9.21 -1.94 13.34
C TYR A 278 8.07 -2.69 12.66
N SER A 279 8.22 -4.02 12.48
CA SER A 279 7.22 -4.90 11.86
C SER A 279 5.99 -4.92 12.77
N GLN A 280 4.91 -4.25 12.35
CA GLN A 280 3.70 -4.08 13.16
C GLN A 280 2.48 -4.93 12.78
N ASP A 281 2.61 -5.91 11.87
CA ASP A 281 1.47 -6.76 11.51
C ASP A 281 1.11 -7.72 12.66
N GLU A 282 -0.13 -8.23 12.67
CA GLU A 282 -0.62 -9.17 13.67
C GLU A 282 0.30 -10.39 13.72
N LYS A 283 0.69 -10.93 12.53
CA LYS A 283 1.60 -12.06 12.40
C LYS A 283 2.96 -11.73 12.99
N ASP A 284 3.43 -10.48 12.80
CA ASP A 284 4.71 -10.02 13.31
C ASP A 284 4.76 -10.06 14.84
N TYR A 285 3.66 -9.66 15.50
CA TYR A 285 3.51 -9.69 16.95
C TYR A 285 3.53 -11.13 17.46
N ILE A 286 2.80 -12.03 16.78
CA ILE A 286 2.70 -13.45 17.11
C ILE A 286 4.07 -14.13 16.96
N ASP A 287 4.73 -13.96 15.78
CA ASP A 287 6.04 -14.53 15.49
C ASP A 287 7.10 -14.13 16.50
N ALA A 288 7.06 -12.86 16.97
CA ALA A 288 8.00 -12.34 17.97
C ALA A 288 7.85 -13.08 19.29
N TYR A 289 6.59 -13.37 19.70
CA TYR A 289 6.24 -14.08 20.92
C TYR A 289 6.70 -15.53 20.86
N VAL A 290 6.38 -16.22 19.76
CA VAL A 290 6.76 -17.62 19.52
C VAL A 290 8.29 -17.75 19.61
N SER A 291 9.01 -16.81 18.96
CA SER A 291 10.47 -16.74 18.95
C SER A 291 11.05 -16.64 20.37
N ARG A 292 10.43 -15.82 21.23
CA ARG A 292 10.87 -15.61 22.62
C ARG A 292 10.63 -16.85 23.49
N LEU A 293 9.50 -17.53 23.28
CA LEU A 293 9.13 -18.73 24.03
C LEU A 293 9.94 -19.97 23.65
N LEU A 294 10.26 -20.11 22.34
CA LEU A 294 11.00 -21.25 21.78
C LEU A 294 12.34 -21.53 22.44
N ASP A 295 13.01 -20.49 22.96
CA ASP A 295 14.31 -20.59 23.64
C ASP A 295 14.23 -21.54 24.85
N ASP A 296 13.10 -21.49 25.57
CA ASP A 296 12.82 -22.31 26.75
C ASP A 296 11.88 -23.49 26.48
N LEU A 297 11.00 -23.38 25.46
CA LEU A 297 10.02 -24.41 25.12
C LEU A 297 10.65 -25.75 24.72
N VAL A 298 11.65 -25.74 23.83
CA VAL A 298 12.35 -26.95 23.39
C VAL A 298 13.83 -26.83 23.71
N ILE A 299 14.32 -27.69 24.63
CA ILE A 299 15.71 -27.69 25.09
C ILE A 299 16.43 -28.97 24.73
N VAL A 300 17.66 -28.83 24.18
CA VAL A 300 18.53 -29.96 23.86
C VAL A 300 19.62 -29.91 24.93
N SER A 301 19.61 -30.88 25.86
CA SER A 301 20.57 -30.90 26.97
C SER A 301 21.07 -32.30 27.34
N ASP A 302 22.28 -32.35 27.96
CA ASP A 302 22.89 -33.58 28.47
C ASP A 302 22.29 -33.79 29.86
N GLY A 303 21.26 -34.64 29.91
CA GLY A 303 20.51 -34.89 31.13
C GLY A 303 19.42 -33.85 31.34
N PRO A 304 18.60 -33.95 32.42
CA PRO A 304 17.54 -32.95 32.63
C PRO A 304 18.01 -31.50 32.64
N PRO A 305 17.28 -30.58 31.95
CA PRO A 305 17.73 -29.17 31.90
C PRO A 305 17.72 -28.46 33.25
N THR A 306 18.69 -27.56 33.43
CA THR A 306 18.89 -26.77 34.64
C THR A 306 18.73 -25.27 34.34
N GLY A 307 18.48 -24.49 35.38
CA GLY A 307 18.32 -23.04 35.26
C GLY A 307 16.87 -22.61 35.13
N TYR A 308 15.95 -23.51 35.51
CA TYR A 308 14.51 -23.30 35.47
C TYR A 308 13.92 -23.46 36.88
N PRO A 309 12.78 -22.81 37.21
CA PRO A 309 12.20 -22.98 38.56
C PRO A 309 11.81 -24.43 38.88
N GLU A 310 11.69 -24.76 40.18
CA GLU A 310 11.29 -26.09 40.65
C GLU A 310 9.89 -26.45 40.15
N SER A 311 9.05 -25.40 39.99
CA SER A 311 7.67 -25.42 39.51
C SER A 311 7.54 -25.95 38.09
N ALA A 312 8.56 -25.70 37.24
CA ALA A 312 8.60 -26.12 35.84
C ALA A 312 8.59 -27.63 35.69
N GLU A 313 7.87 -28.12 34.68
CA GLU A 313 7.74 -29.54 34.37
C GLU A 313 8.31 -29.84 32.98
N ILE A 314 9.65 -29.89 32.90
CA ILE A 314 10.35 -30.19 31.65
C ILE A 314 10.42 -31.71 31.47
N VAL A 315 9.79 -32.21 30.40
CA VAL A 315 9.65 -33.64 30.08
C VAL A 315 10.52 -34.01 28.88
N GLU A 316 11.15 -35.21 28.91
CA GLU A 316 11.94 -35.74 27.81
C GLU A 316 11.00 -36.20 26.69
N VAL A 317 11.29 -35.80 25.45
CA VAL A 317 10.49 -36.17 24.28
C VAL A 317 10.74 -37.66 23.95
N PRO A 318 9.67 -38.50 23.88
CA PRO A 318 9.88 -39.93 23.57
C PRO A 318 10.31 -40.18 22.11
N GLU A 319 10.72 -41.43 21.80
CA GLU A 319 11.16 -41.88 20.47
C GLU A 319 10.06 -41.61 19.43
N ASP A 320 8.80 -41.69 19.86
CA ASP A 320 7.56 -41.43 19.11
C ASP A 320 7.48 -39.97 18.61
N GLY A 321 8.06 -39.05 19.36
CA GLY A 321 8.09 -37.61 19.06
C GLY A 321 6.97 -36.81 19.70
N ILE A 322 5.87 -37.49 20.08
CA ILE A 322 4.69 -36.87 20.69
C ILE A 322 4.78 -36.85 22.23
N VAL A 323 4.55 -35.65 22.81
CA VAL A 323 4.50 -35.40 24.25
C VAL A 323 3.05 -35.01 24.55
N SER A 324 2.43 -35.65 25.57
CA SER A 324 1.04 -35.39 25.93
C SER A 324 0.87 -34.52 27.18
N ILE A 325 0.46 -33.26 26.97
CA ILE A 325 0.16 -32.31 28.05
C ILE A 325 -1.36 -32.33 28.11
N GLN A 326 -1.91 -33.17 29.01
CA GLN A 326 -3.35 -33.41 29.17
C GLN A 326 -3.94 -33.89 27.82
N ASP A 327 -4.97 -33.21 27.30
CA ASP A 327 -5.62 -33.52 26.02
C ASP A 327 -4.76 -33.09 24.81
N ALA A 328 -3.86 -32.10 25.01
CA ALA A 328 -3.00 -31.55 23.97
C ALA A 328 -1.72 -32.34 23.70
N ASP A 329 -1.48 -32.66 22.42
CA ASP A 329 -0.31 -33.40 21.95
C ASP A 329 0.66 -32.48 21.21
N VAL A 330 1.96 -32.56 21.55
CA VAL A 330 3.01 -31.75 20.95
C VAL A 330 4.05 -32.66 20.27
N TYR A 331 4.20 -32.53 18.95
CA TYR A 331 5.16 -33.30 18.14
C TYR A 331 6.48 -32.52 18.10
N VAL A 332 7.54 -33.05 18.73
CA VAL A 332 8.84 -32.40 18.77
C VAL A 332 9.92 -33.30 18.15
N LYS A 333 10.52 -32.87 17.03
CA LYS A 333 11.57 -33.61 16.34
C LYS A 333 12.72 -32.69 15.87
N ILE A 334 13.86 -32.76 16.58
CA ILE A 334 15.05 -31.97 16.29
C ILE A 334 16.13 -32.87 15.66
N ASP A 335 16.77 -32.39 14.58
CA ASP A 335 17.82 -33.10 13.86
C ASP A 335 19.22 -32.76 14.41
N ASN A 336 20.23 -33.59 14.06
CA ASN A 336 21.65 -33.48 14.47
C ASN A 336 21.83 -33.31 16.00
N VAL A 337 21.03 -34.06 16.78
CA VAL A 337 21.10 -34.02 18.24
C VAL A 337 22.28 -34.92 18.69
N PRO A 338 23.22 -34.41 19.52
CA PRO A 338 24.36 -35.23 19.96
C PRO A 338 23.94 -36.52 20.67
N ASP A 339 24.79 -37.56 20.59
CA ASP A 339 24.55 -38.87 21.21
C ASP A 339 24.42 -38.79 22.74
N ASN A 340 25.11 -37.82 23.37
CA ASN A 340 25.09 -37.61 24.83
C ASN A 340 23.90 -36.75 25.29
N MET A 341 23.18 -36.10 24.35
CA MET A 341 22.06 -35.21 24.62
C MET A 341 20.69 -35.72 24.18
N SER A 342 19.62 -35.25 24.87
CA SER A 342 18.21 -35.59 24.60
C SER A 342 17.37 -34.34 24.34
N VAL A 343 16.22 -34.51 23.67
CA VAL A 343 15.29 -33.40 23.38
C VAL A 343 14.25 -33.34 24.50
N TYR A 344 14.10 -32.15 25.09
CA TYR A 344 13.20 -31.86 26.20
C TYR A 344 12.18 -30.79 25.84
N LEU A 345 10.95 -30.94 26.36
CA LEU A 345 9.85 -30.00 26.16
C LEU A 345 9.37 -29.44 27.50
N HIS A 346 9.30 -28.11 27.63
CA HIS A 346 8.79 -27.43 28.81
C HIS A 346 7.26 -27.52 28.67
N THR A 347 6.60 -28.36 29.49
CA THR A 347 5.16 -28.61 29.38
C THR A 347 4.29 -27.57 30.10
N ASN A 348 4.88 -26.56 30.78
CA ASN A 348 4.11 -25.54 31.49
C ASN A 348 4.84 -24.18 31.52
N LEU A 349 5.38 -23.75 30.35
CA LEU A 349 6.14 -22.50 30.22
C LEU A 349 5.45 -21.30 30.87
N LEU A 350 4.16 -21.11 30.56
CA LEU A 350 3.33 -20.08 31.14
C LEU A 350 1.98 -20.73 31.44
N MET A 351 1.56 -20.71 32.71
CA MET A 351 0.28 -21.31 33.10
C MET A 351 -0.51 -20.45 34.07
N PHE A 352 -1.83 -20.37 33.86
CA PHE A 352 -2.74 -19.60 34.71
C PHE A 352 -3.97 -20.41 35.06
N GLY A 353 -4.33 -20.36 36.34
CA GLY A 353 -5.51 -21.01 36.89
C GLY A 353 -5.92 -20.35 38.19
N THR A 354 -7.24 -20.20 38.40
CA THR A 354 -7.77 -19.58 39.63
C THR A 354 -8.07 -20.63 40.71
N ARG A 355 -8.19 -21.91 40.32
CA ARG A 355 -8.43 -23.06 41.21
C ARG A 355 -7.40 -24.17 40.99
N LYS A 356 -6.99 -24.85 42.08
CA LYS A 356 -5.94 -25.86 42.10
C LYS A 356 -6.15 -27.11 41.24
N ASN A 357 -7.40 -27.56 41.02
CA ASN A 357 -7.62 -28.76 40.19
C ASN A 357 -8.69 -28.54 39.11
N SER A 358 -8.76 -27.29 38.60
CA SER A 358 -9.70 -26.86 37.58
C SER A 358 -9.00 -26.62 36.23
N PHE A 359 -9.65 -25.84 35.33
CA PHE A 359 -9.17 -25.47 34.00
C PHE A 359 -7.86 -24.72 34.11
N ILE A 360 -6.94 -24.97 33.16
CA ILE A 360 -5.61 -24.32 33.12
C ILE A 360 -5.37 -23.67 31.77
N TYR A 361 -4.89 -22.42 31.77
CA TYR A 361 -4.49 -21.76 30.54
C TYR A 361 -2.97 -21.92 30.43
N ASN A 362 -2.54 -22.96 29.71
CA ASN A 362 -1.14 -23.32 29.52
C ASN A 362 -0.70 -22.96 28.10
N ILE A 363 0.36 -22.14 27.98
CA ILE A 363 0.87 -21.69 26.68
C ILE A 363 1.60 -22.80 25.91
N SER A 364 2.12 -23.83 26.63
CA SER A 364 2.81 -24.96 26.02
C SER A 364 1.80 -25.83 25.25
N LYS A 365 0.54 -25.85 25.72
CA LYS A 365 -0.58 -26.58 25.13
C LYS A 365 -1.01 -25.93 23.80
N LYS A 366 -0.67 -24.63 23.61
CA LYS A 366 -0.98 -23.86 22.40
C LYS A 366 -0.06 -24.23 21.21
N PHE A 367 0.88 -25.17 21.42
CA PHE A 367 1.80 -25.66 20.38
C PHE A 367 1.44 -27.10 20.01
N SER A 368 1.55 -27.44 18.72
CA SER A 368 1.22 -28.79 18.22
C SER A 368 2.41 -29.49 17.57
N ALA A 369 3.31 -28.73 16.89
CA ALA A 369 4.50 -29.29 16.24
C ALA A 369 5.67 -28.32 16.24
N ILE A 370 6.86 -28.82 16.62
CA ILE A 370 8.12 -28.06 16.68
C ILE A 370 9.24 -28.89 16.02
N THR A 371 9.73 -28.41 14.88
CA THR A 371 10.80 -29.06 14.11
C THR A 371 12.00 -28.11 13.98
N GLY A 372 13.19 -28.69 13.99
CA GLY A 372 14.43 -27.93 13.88
C GLY A 372 15.67 -28.80 13.77
N THR A 373 16.84 -28.15 13.80
CA THR A 373 18.14 -28.81 13.71
C THR A 373 19.11 -28.19 14.71
N TYR A 374 19.82 -29.04 15.47
CA TYR A 374 20.81 -28.61 16.46
C TYR A 374 22.10 -28.24 15.76
N SER A 375 22.62 -27.04 16.07
CA SER A 375 23.87 -26.52 15.53
C SER A 375 24.99 -26.84 16.52
N ASP A 376 25.93 -27.73 16.12
CA ASP A 376 27.07 -28.13 16.96
C ASP A 376 28.04 -26.97 17.15
N ALA A 377 28.21 -26.13 16.11
CA ALA A 377 29.12 -24.98 16.11
C ALA A 377 28.71 -23.89 17.11
N THR A 378 27.41 -23.54 17.17
CA THR A 378 26.90 -22.49 18.06
C THR A 378 26.25 -23.06 19.34
N LYS A 379 26.13 -24.40 19.44
CA LYS A 379 25.52 -25.14 20.56
C LYS A 379 24.09 -24.65 20.84
N ARG A 380 23.32 -24.42 19.77
CA ARG A 380 21.94 -23.91 19.79
C ARG A 380 21.01 -24.81 18.97
N THR A 381 19.70 -24.56 19.08
CA THR A 381 18.68 -25.23 18.30
C THR A 381 18.11 -24.21 17.32
N ILE A 382 18.22 -24.49 16.02
CA ILE A 382 17.73 -23.63 14.94
C ILE A 382 16.39 -24.22 14.50
N PHE A 383 15.28 -23.54 14.83
CA PHE A 383 13.93 -23.99 14.54
C PHE A 383 13.52 -23.76 13.10
N ALA A 384 13.04 -24.82 12.44
CA ALA A 384 12.61 -24.81 11.04
C ALA A 384 11.14 -24.43 10.88
N HIS A 385 10.23 -25.25 11.42
CA HIS A 385 8.79 -24.99 11.33
C HIS A 385 8.08 -25.19 12.65
N ILE A 386 7.18 -24.26 12.99
CA ILE A 386 6.38 -24.28 14.21
C ILE A 386 4.89 -24.25 13.85
N SER A 387 4.13 -25.24 14.36
CA SER A 387 2.68 -25.32 14.20
C SER A 387 2.11 -24.99 15.57
N HIS A 388 1.39 -23.86 15.67
CA HIS A 388 0.82 -23.38 16.93
C HIS A 388 -0.54 -22.71 16.75
N SER A 389 -1.17 -22.34 17.89
CA SER A 389 -2.46 -21.66 17.95
C SER A 389 -2.38 -20.32 18.73
N ILE A 390 -1.15 -19.77 18.87
CA ILE A 390 -0.86 -18.50 19.57
C ILE A 390 -1.59 -17.35 18.85
N ASN A 391 -2.26 -16.48 19.63
CA ASN A 391 -3.03 -15.35 19.11
C ASN A 391 -2.46 -13.99 19.54
N ILE A 392 -3.03 -12.89 19.00
CA ILE A 392 -2.65 -11.51 19.31
C ILE A 392 -2.87 -11.15 20.79
N ILE A 393 -3.87 -11.79 21.43
CA ILE A 393 -4.18 -11.58 22.84
C ILE A 393 -3.01 -12.07 23.71
N ASP A 394 -2.47 -13.29 23.42
CA ASP A 394 -1.34 -13.92 24.13
C ASP A 394 -0.12 -12.99 24.22
N THR A 395 0.20 -12.31 23.09
CA THR A 395 1.32 -11.36 22.96
C THR A 395 1.03 -10.05 23.70
N SER A 396 -0.26 -9.78 24.02
CA SER A 396 -0.70 -8.57 24.71
C SER A 396 -0.93 -8.77 26.23
N ILE A 397 -0.55 -9.94 26.78
CA ILE A 397 -0.71 -10.23 28.21
C ILE A 397 0.48 -9.67 29.01
N PRO A 398 0.26 -8.72 29.95
CA PRO A 398 1.38 -8.24 30.78
C PRO A 398 1.88 -9.35 31.70
N VAL A 399 3.21 -9.50 31.84
CA VAL A 399 3.86 -10.55 32.64
C VAL A 399 3.30 -10.63 34.07
N SER A 400 2.92 -9.48 34.67
CA SER A 400 2.34 -9.36 36.02
C SER A 400 1.16 -10.31 36.21
N LEU A 401 0.28 -10.40 35.20
CA LEU A 401 -0.92 -11.24 35.25
C LEU A 401 -0.60 -12.75 35.23
N TRP A 402 0.62 -13.15 34.79
CA TRP A 402 1.01 -14.56 34.82
C TRP A 402 1.42 -14.91 36.26
N THR A 403 2.07 -13.98 36.95
CA THR A 403 2.53 -14.11 38.34
C THR A 403 1.60 -13.41 39.35
N SER A 404 0.33 -13.18 38.97
CA SER A 404 -0.64 -12.52 39.85
C SER A 404 -1.06 -13.41 41.04
N GLN A 405 -1.70 -12.79 42.06
CA GLN A 405 -2.19 -13.50 43.24
C GLN A 405 -3.40 -14.38 42.91
N ARG A 406 -4.15 -14.04 41.83
CA ARG A 406 -5.31 -14.80 41.35
C ARG A 406 -4.87 -16.21 40.88
N ASN A 407 -3.59 -16.35 40.50
CA ASN A 407 -3.02 -17.60 39.99
C ASN A 407 -2.58 -18.53 41.11
N VAL A 408 -3.14 -19.77 41.11
CA VAL A 408 -2.80 -20.81 42.08
C VAL A 408 -1.39 -21.37 41.81
N TYR A 409 -1.01 -21.44 40.52
CA TYR A 409 0.29 -21.92 40.05
C TYR A 409 1.34 -20.81 40.15
N ASN A 410 2.63 -21.15 39.90
CA ASN A 410 3.71 -20.17 39.92
C ASN A 410 3.47 -19.13 38.82
N GLY A 411 3.15 -19.62 37.62
CA GLY A 411 2.81 -18.81 36.46
C GLY A 411 3.89 -18.67 35.40
N ASP A 412 4.97 -17.96 35.75
CA ASP A 412 6.08 -17.72 34.83
C ASP A 412 7.21 -18.71 35.10
N ASN A 413 7.25 -19.81 34.32
CA ASN A 413 8.24 -20.86 34.49
C ASN A 413 9.39 -20.77 33.47
N ARG A 414 9.56 -19.58 32.89
CA ARG A 414 10.63 -19.27 31.94
C ARG A 414 11.99 -19.20 32.64
N SER A 415 13.09 -19.22 31.87
CA SER A 415 14.44 -19.11 32.40
C SER A 415 14.70 -17.66 32.81
N ALA A 416 15.71 -17.42 33.67
CA ALA A 416 16.07 -16.09 34.14
C ALA A 416 16.52 -15.22 32.96
N GLU A 417 17.17 -15.86 31.97
CA GLU A 417 17.68 -15.26 30.73
C GLU A 417 16.52 -14.67 29.95
N SER A 418 15.46 -15.46 29.73
CA SER A 418 14.24 -15.09 29.02
C SER A 418 13.49 -13.98 29.75
N LYS A 419 13.35 -14.08 31.09
CA LYS A 419 12.68 -13.08 31.94
C LYS A 419 13.37 -11.72 31.92
N ALA A 420 14.70 -11.71 31.75
CA ALA A 420 15.53 -10.49 31.69
C ALA A 420 15.30 -9.75 30.38
N LYS A 421 14.84 -10.45 29.33
CA LYS A 421 14.60 -9.90 28.00
C LYS A 421 13.22 -9.23 27.87
N ASP A 422 12.37 -9.27 28.94
CA ASP A 422 11.03 -8.65 28.95
C ASP A 422 11.11 -7.15 28.79
N LEU A 423 10.14 -6.56 28.08
CA LEU A 423 10.15 -5.14 27.79
C LEU A 423 8.98 -4.36 28.37
N PHE A 424 9.27 -3.18 28.91
CA PHE A 424 8.29 -2.25 29.44
C PHE A 424 7.66 -1.50 28.26
N ILE A 425 6.35 -1.65 28.06
CA ILE A 425 5.60 -0.97 26.99
C ILE A 425 4.56 -0.08 27.66
N ASN A 426 4.64 1.23 27.42
CA ASN A 426 3.73 2.23 27.99
C ASN A 426 3.07 3.11 26.94
N ASP A 427 2.83 2.56 25.72
CA ASP A 427 2.20 3.30 24.61
C ASP A 427 0.88 3.94 25.07
N PRO A 428 0.75 5.27 24.96
CA PRO A 428 -0.47 5.91 25.49
C PRO A 428 -1.72 5.74 24.62
N PHE A 429 -1.56 5.32 23.35
CA PHE A 429 -2.68 5.23 22.41
C PHE A 429 -3.13 3.78 22.08
N ILE A 430 -2.97 2.83 23.03
CA ILE A 430 -3.43 1.45 22.83
C ILE A 430 -4.96 1.43 22.95
N LYS A 431 -5.64 0.69 22.08
CA LYS A 431 -7.09 0.54 22.08
C LYS A 431 -7.47 -0.93 22.24
N GLY A 432 -8.66 -1.18 22.80
CA GLY A 432 -9.17 -2.54 23.03
C GLY A 432 -8.46 -3.24 24.16
N ILE A 433 -8.09 -4.53 23.96
CA ILE A 433 -7.40 -5.35 24.96
C ILE A 433 -6.14 -6.02 24.38
N ASP A 434 -5.88 -5.78 23.09
CA ASP A 434 -4.71 -6.31 22.39
C ASP A 434 -3.97 -5.19 21.65
N PHE A 435 -2.66 -5.40 21.39
CA PHE A 435 -1.78 -4.44 20.71
C PHE A 435 -2.25 -4.03 19.31
N LYS A 436 -3.01 -4.90 18.63
CA LYS A 436 -3.53 -4.64 17.28
C LYS A 436 -4.98 -4.16 17.25
N ASN A 437 -5.64 -4.07 18.43
CA ASN A 437 -7.04 -3.66 18.58
C ASN A 437 -7.96 -4.58 17.73
N LYS A 438 -7.57 -5.87 17.64
CA LYS A 438 -8.24 -6.92 16.87
C LYS A 438 -9.55 -7.32 17.54
N THR A 439 -9.48 -7.72 18.83
CA THR A 439 -10.62 -8.19 19.62
C THR A 439 -11.63 -7.08 19.92
N ASP A 440 -12.89 -7.25 19.43
CA ASP A 440 -13.99 -6.31 19.68
C ASP A 440 -14.73 -6.82 20.91
N ILE A 441 -14.59 -6.09 22.02
CA ILE A 441 -15.19 -6.47 23.31
C ILE A 441 -16.57 -5.83 23.53
N ILE A 442 -16.98 -4.88 22.67
CA ILE A 442 -18.29 -4.27 22.77
C ILE A 442 -19.27 -5.19 22.04
N SER A 443 -20.19 -5.81 22.80
CA SER A 443 -21.22 -6.72 22.31
C SER A 443 -22.47 -5.94 21.85
N ARG A 444 -22.73 -4.76 22.47
CA ARG A 444 -23.85 -3.88 22.17
C ARG A 444 -23.52 -2.45 22.55
N LEU A 445 -24.00 -1.47 21.76
CA LEU A 445 -23.83 -0.05 22.00
C LEU A 445 -25.21 0.64 22.07
N GLU A 446 -25.37 1.55 23.06
CA GLU A 446 -26.59 2.33 23.29
C GLU A 446 -26.21 3.79 23.48
N VAL A 447 -26.75 4.67 22.65
CA VAL A 447 -26.50 6.11 22.74
C VAL A 447 -27.83 6.81 23.02
N ARG A 448 -27.89 7.57 24.12
CA ARG A 448 -29.07 8.32 24.52
C ARG A 448 -28.85 9.81 24.52
N PHE A 449 -29.70 10.54 23.78
CA PHE A 449 -29.69 12.00 23.75
C PHE A 449 -30.77 12.41 24.75
N GLY A 450 -30.31 12.81 25.93
CA GLY A 450 -31.19 13.12 27.05
C GLY A 450 -31.63 11.80 27.68
N ASN A 451 -32.96 11.58 27.72
CA ASN A 451 -33.53 10.35 28.28
C ASN A 451 -34.05 9.40 27.18
N ASP A 452 -34.00 9.85 25.92
CA ASP A 452 -34.48 9.11 24.75
C ASP A 452 -33.32 8.47 23.96
N VAL A 453 -33.52 7.23 23.46
CA VAL A 453 -32.52 6.49 22.68
C VAL A 453 -32.31 7.15 21.31
N LEU A 454 -31.08 7.65 21.06
CA LEU A 454 -30.72 8.28 19.78
C LEU A 454 -30.28 7.22 18.78
N TYR A 455 -29.53 6.21 19.24
CA TYR A 455 -29.02 5.11 18.42
C TYR A 455 -28.69 3.89 19.27
N SER A 456 -28.84 2.70 18.68
CA SER A 456 -28.53 1.42 19.30
C SER A 456 -28.07 0.41 18.24
N GLU A 457 -27.04 -0.39 18.56
CA GLU A 457 -26.51 -1.40 17.66
C GLU A 457 -25.97 -2.63 18.37
N ASN A 458 -26.04 -3.79 17.71
CA ASN A 458 -25.51 -5.06 18.23
C ASN A 458 -24.19 -5.41 17.55
N GLY A 459 -24.01 -4.94 16.32
CA GLY A 459 -22.80 -5.12 15.54
C GLY A 459 -22.08 -3.79 15.34
N PRO A 460 -20.78 -3.77 14.96
CA PRO A 460 -20.10 -2.48 14.79
C PRO A 460 -20.37 -1.83 13.42
N ILE A 461 -21.66 -1.67 13.06
CA ILE A 461 -22.07 -1.07 11.79
C ILE A 461 -21.67 0.41 11.73
N SER A 462 -21.65 1.11 12.88
CA SER A 462 -21.21 2.51 12.98
C SER A 462 -19.71 2.60 12.70
N ARG A 463 -18.93 1.57 13.10
CA ARG A 463 -17.49 1.47 12.85
C ARG A 463 -17.28 1.18 11.35
N ILE A 464 -18.11 0.32 10.75
CA ILE A 464 -18.08 -0.01 9.32
C ILE A 464 -18.32 1.26 8.48
N TYR A 465 -19.36 2.05 8.85
CA TYR A 465 -19.66 3.31 8.17
C TYR A 465 -18.53 4.31 8.35
N ASN A 466 -17.95 4.38 9.56
CA ASN A 466 -16.82 5.28 9.83
C ASN A 466 -15.63 4.92 8.93
N GLU A 467 -15.28 3.63 8.87
CA GLU A 467 -14.20 3.10 8.05
C GLU A 467 -14.42 3.36 6.55
N LEU A 468 -15.67 3.16 6.07
CA LEU A 468 -16.03 3.40 4.67
C LEU A 468 -16.01 4.89 4.32
N LEU A 469 -16.76 5.71 5.06
CA LEU A 469 -16.90 7.16 4.83
C LEU A 469 -15.58 7.94 4.96
N THR A 470 -14.67 7.51 5.85
CA THR A 470 -13.38 8.19 6.04
C THR A 470 -12.23 7.54 5.26
N LYS A 471 -12.50 6.38 4.59
CA LYS A 471 -11.53 5.60 3.82
C LYS A 471 -10.33 5.21 4.72
N SER A 472 -10.65 4.72 5.94
CA SER A 472 -9.68 4.33 6.96
C SER A 472 -9.86 2.86 7.32
N ASN A 473 -8.75 2.16 7.63
CA ASN A 473 -8.77 0.75 8.02
C ASN A 473 -8.80 0.62 9.55
N ASN A 474 -8.60 1.76 10.26
CA ASN A 474 -8.59 1.82 11.72
C ASN A 474 -9.59 2.86 12.24
N GLY A 475 -10.86 2.54 12.07
CA GLY A 475 -11.96 3.40 12.52
C GLY A 475 -12.49 3.04 13.88
N THR A 476 -13.46 3.83 14.36
CA THR A 476 -14.13 3.67 15.66
C THR A 476 -15.64 3.72 15.45
N ARG A 477 -16.43 3.23 16.43
CA ARG A 477 -17.89 3.28 16.38
C ARG A 477 -18.27 4.77 16.44
N THR A 478 -18.49 5.38 15.27
CA THR A 478 -18.76 6.82 15.15
C THR A 478 -20.14 7.11 14.58
N LEU A 479 -20.85 8.05 15.22
CA LEU A 479 -22.17 8.53 14.81
C LEU A 479 -21.97 9.90 14.18
N THR A 480 -22.09 9.98 12.85
CA THR A 480 -21.90 11.25 12.12
C THR A 480 -23.26 11.90 11.90
N PHE A 481 -23.38 13.16 12.30
CA PHE A 481 -24.61 13.95 12.16
C PHE A 481 -24.48 14.97 11.03
N ASN A 482 -23.24 15.29 10.62
CA ASN A 482 -22.94 16.24 9.56
C ASN A 482 -22.46 15.57 8.27
N PHE A 483 -23.31 15.57 7.24
CA PHE A 483 -23.01 15.03 5.90
C PHE A 483 -23.01 16.17 4.86
N THR A 484 -22.99 17.42 5.36
CA THR A 484 -22.99 18.66 4.59
C THR A 484 -21.54 19.06 4.31
N PRO A 485 -21.20 19.54 3.07
CA PRO A 485 -19.80 19.92 2.80
C PRO A 485 -19.23 20.94 3.78
N LYS A 486 -18.03 20.67 4.30
CA LYS A 486 -17.34 21.52 5.27
C LYS A 486 -16.89 22.86 4.68
N ILE A 487 -16.76 23.87 5.56
CA ILE A 487 -16.30 25.25 5.31
C ILE A 487 -17.32 26.08 4.50
N PHE A 488 -17.81 25.56 3.36
CA PHE A 488 -18.77 26.25 2.50
C PHE A 488 -20.21 26.25 3.02
N PHE A 489 -20.46 25.51 4.12
CA PHE A 489 -21.77 25.41 4.75
C PHE A 489 -21.67 25.36 6.27
N ARG A 490 -22.77 25.73 6.96
CA ARG A 490 -22.86 25.63 8.41
C ARG A 490 -23.11 24.14 8.70
N PRO A 491 -22.24 23.44 9.46
CA PRO A 491 -22.44 22.00 9.68
C PRO A 491 -23.77 21.61 10.31
N THR A 492 -24.31 20.45 9.89
CA THR A 492 -25.56 19.88 10.39
C THR A 492 -25.26 19.26 11.76
N THR A 493 -26.05 19.63 12.77
CA THR A 493 -25.84 19.17 14.14
C THR A 493 -27.08 18.62 14.82
N ILE A 494 -26.88 17.83 15.90
CA ILE A 494 -27.98 17.36 16.74
C ILE A 494 -28.46 18.59 17.51
N THR A 495 -29.77 18.86 17.46
CA THR A 495 -30.32 20.04 18.11
C THR A 495 -30.88 19.64 19.47
N ALA A 496 -30.44 20.35 20.52
CA ALA A 496 -30.82 20.11 21.89
C ALA A 496 -32.13 20.80 22.31
N ASN A 497 -32.73 20.32 23.42
CA ASN A 497 -33.95 20.87 24.03
C ASN A 497 -33.77 20.84 25.55
N VAL A 498 -33.12 21.89 26.09
CA VAL A 498 -32.78 22.07 27.51
C VAL A 498 -34.00 21.88 28.43
N SER A 499 -35.17 22.45 28.04
CA SER A 499 -36.43 22.35 28.76
C SER A 499 -36.90 20.90 28.95
N ARG A 500 -36.69 20.04 27.93
CA ARG A 500 -37.04 18.61 27.95
C ARG A 500 -35.89 17.71 28.47
N GLY A 501 -34.82 18.35 28.97
CA GLY A 501 -33.63 17.69 29.51
C GLY A 501 -32.71 17.05 28.48
N LYS A 502 -33.00 17.27 27.19
CA LYS A 502 -32.26 16.76 26.04
C LYS A 502 -31.06 17.70 25.81
N ASP A 503 -30.02 17.58 26.65
CA ASP A 503 -28.82 18.42 26.55
C ASP A 503 -27.53 17.66 26.93
N LYS A 504 -27.53 16.33 26.73
CA LYS A 504 -26.41 15.45 27.03
C LYS A 504 -26.47 14.17 26.23
N LEU A 505 -25.30 13.54 26.04
CA LEU A 505 -25.20 12.25 25.36
C LEU A 505 -24.65 11.23 26.33
N SER A 506 -25.45 10.19 26.60
CA SER A 506 -25.12 9.09 27.50
C SER A 506 -24.88 7.81 26.70
N VAL A 507 -23.67 7.26 26.84
CA VAL A 507 -23.26 6.05 26.14
C VAL A 507 -23.25 4.87 27.12
N ARG A 508 -23.93 3.78 26.73
CA ARG A 508 -23.97 2.54 27.50
C ARG A 508 -23.60 1.38 26.60
N VAL A 509 -22.51 0.69 26.94
CA VAL A 509 -22.05 -0.47 26.19
C VAL A 509 -22.34 -1.73 27.01
N VAL A 510 -22.27 -2.90 26.35
CA VAL A 510 -22.43 -4.20 26.99
C VAL A 510 -21.17 -4.95 26.60
N TYR A 511 -20.24 -5.11 27.54
CA TYR A 511 -18.98 -5.77 27.28
C TYR A 511 -19.13 -7.28 27.27
N SER A 512 -18.54 -7.96 26.26
CA SER A 512 -18.54 -9.41 26.19
C SER A 512 -17.52 -9.90 27.22
N THR A 513 -17.99 -10.73 28.18
CA THR A 513 -17.17 -11.22 29.27
C THR A 513 -16.29 -12.41 28.84
N MET A 514 -15.04 -12.42 29.33
CA MET A 514 -14.00 -13.42 29.04
C MET A 514 -13.98 -14.53 30.11
N ASP A 515 -13.25 -15.64 29.81
CA ASP A 515 -13.10 -16.73 30.77
C ASP A 515 -12.16 -16.26 31.88
N VAL A 516 -12.54 -16.52 33.15
CA VAL A 516 -11.77 -16.07 34.32
C VAL A 516 -10.42 -16.79 34.46
N ASN A 517 -10.24 -17.95 33.81
CA ASN A 517 -8.98 -18.71 33.87
C ASN A 517 -7.98 -18.28 32.79
N HIS A 518 -8.37 -17.31 31.95
CA HIS A 518 -7.54 -16.71 30.90
C HIS A 518 -6.95 -15.41 31.45
N PRO A 519 -5.62 -15.20 31.38
CA PRO A 519 -5.03 -14.00 31.96
C PRO A 519 -5.54 -12.64 31.46
N ILE A 520 -6.09 -12.55 30.22
CA ILE A 520 -6.59 -11.29 29.66
C ILE A 520 -7.85 -10.75 30.39
N TYR A 521 -8.58 -11.61 31.14
CA TYR A 521 -9.76 -11.22 31.90
C TYR A 521 -9.43 -10.11 32.90
N TYR A 522 -8.18 -10.13 33.41
CA TYR A 522 -7.68 -9.22 34.43
C TYR A 522 -7.07 -7.92 33.85
N VAL A 523 -7.18 -7.72 32.51
CA VAL A 523 -6.76 -6.48 31.85
C VAL A 523 -7.95 -5.53 32.00
N GLN A 524 -7.73 -4.40 32.71
CA GLN A 524 -8.75 -3.37 32.97
C GLN A 524 -9.10 -2.63 31.67
N LYS A 525 -10.38 -2.21 31.52
CA LYS A 525 -10.88 -1.49 30.34
C LYS A 525 -11.30 -0.08 30.72
N GLN A 526 -11.43 0.82 29.73
CA GLN A 526 -11.88 2.21 29.93
C GLN A 526 -12.70 2.67 28.72
N LEU A 527 -13.94 3.11 28.95
CA LEU A 527 -14.80 3.57 27.86
C LEU A 527 -14.46 5.03 27.53
N VAL A 528 -14.12 5.29 26.26
CA VAL A 528 -13.77 6.63 25.78
C VAL A 528 -14.85 7.10 24.82
N VAL A 529 -15.45 8.27 25.11
CA VAL A 529 -16.52 8.87 24.30
C VAL A 529 -16.06 10.25 23.84
N VAL A 530 -15.98 10.45 22.52
CA VAL A 530 -15.54 11.72 21.93
C VAL A 530 -16.71 12.44 21.24
N CYS A 531 -16.90 13.72 21.58
CA CYS A 531 -17.96 14.57 21.06
C CYS A 531 -17.39 15.80 20.34
N ASN A 532 -17.85 16.05 19.09
CA ASN A 532 -17.40 17.22 18.32
C ASN A 532 -18.47 18.30 18.39
N ASP A 533 -18.23 19.31 19.24
CA ASP A 533 -19.14 20.43 19.45
C ASP A 533 -18.93 21.53 18.42
N LEU A 534 -20.04 22.11 17.92
CA LEU A 534 -20.01 23.20 16.95
C LEU A 534 -19.84 24.56 17.62
N TYR A 535 -18.88 25.35 17.12
CA TYR A 535 -18.55 26.68 17.60
C TYR A 535 -18.51 27.68 16.43
N LYS A 536 -18.82 28.96 16.71
CA LYS A 536 -18.75 30.01 15.69
C LYS A 536 -17.52 30.86 15.93
N VAL A 537 -16.68 31.00 14.88
CA VAL A 537 -15.48 31.82 14.94
C VAL A 537 -15.83 33.26 14.57
N SER A 538 -15.64 34.18 15.52
CA SER A 538 -15.89 35.61 15.40
C SER A 538 -14.55 36.33 15.37
N TYR A 539 -14.40 37.31 14.48
CA TYR A 539 -13.15 38.05 14.34
C TYR A 539 -13.25 39.52 14.77
N ASP A 540 -14.43 39.93 15.30
CA ASP A 540 -14.67 41.29 15.78
C ASP A 540 -13.88 41.54 17.07
N GLN A 541 -12.87 42.45 17.01
CA GLN A 541 -11.95 42.80 18.11
C GLN A 541 -11.20 41.56 18.62
N GLY A 542 -10.42 40.96 17.72
CA GLY A 542 -9.65 39.75 17.98
C GLY A 542 -10.39 38.47 17.63
N VAL A 543 -9.68 37.34 17.62
CA VAL A 543 -10.25 36.02 17.31
C VAL A 543 -10.94 35.46 18.56
N SER A 544 -12.18 34.95 18.39
CA SER A 544 -12.97 34.39 19.49
C SER A 544 -13.92 33.30 19.00
N ILE A 545 -14.22 32.32 19.87
CA ILE A 545 -15.15 31.23 19.56
C ILE A 545 -16.36 31.27 20.50
N THR A 546 -17.54 30.90 19.97
CA THR A 546 -18.79 30.91 20.71
C THR A 546 -19.52 29.58 20.47
N LYS A 547 -19.84 28.85 21.56
CA LYS A 547 -20.53 27.56 21.49
C LYS A 547 -21.96 27.71 20.95
N ILE A 548 -22.26 27.02 19.82
CA ILE A 548 -23.57 27.03 19.18
C ILE A 548 -24.57 26.31 20.11
N MET A 549 -25.61 27.04 20.56
CA MET A 549 -26.63 26.55 21.49
C MET A 549 -28.03 26.93 21.05
N GLY B 1 -41.46 4.75 13.34
CA GLY B 1 -41.07 3.48 12.71
C GLY B 1 -39.58 3.24 12.80
N ALA B 2 -38.92 3.22 11.61
CA ALA B 2 -37.47 3.02 11.48
C ALA B 2 -36.68 4.19 12.08
N MET B 3 -37.13 5.44 11.83
CA MET B 3 -36.51 6.65 12.38
C MET B 3 -36.85 6.72 13.87
N ASN B 4 -35.87 7.07 14.71
CA ASN B 4 -36.08 7.17 16.15
C ASN B 4 -36.93 8.40 16.49
N ASN B 5 -37.88 8.23 17.44
CA ASN B 5 -38.83 9.25 17.91
C ASN B 5 -38.18 10.55 18.36
N THR B 6 -36.98 10.47 18.94
CA THR B 6 -36.19 11.62 19.42
C THR B 6 -35.81 12.56 18.25
N ILE B 7 -35.57 11.99 17.05
CA ILE B 7 -35.22 12.71 15.83
C ILE B 7 -36.47 13.34 15.22
N ILE B 8 -37.55 12.53 15.06
CA ILE B 8 -38.85 12.92 14.51
C ILE B 8 -39.39 14.19 15.18
N ASN B 9 -39.38 14.20 16.52
CA ASN B 9 -39.86 15.30 17.36
C ASN B 9 -38.98 16.55 17.24
N SER B 10 -37.66 16.35 17.09
CA SER B 10 -36.65 17.41 16.95
C SER B 10 -36.80 18.24 15.67
N LEU B 11 -37.43 17.68 14.62
CA LEU B 11 -37.65 18.35 13.34
C LEU B 11 -39.12 18.73 13.12
N ILE B 12 -40.05 17.75 13.28
CA ILE B 12 -41.49 17.96 13.11
C ILE B 12 -42.11 18.49 14.41
N ASP B 16 -37.69 27.06 9.09
CA ASP B 16 -38.69 27.30 8.05
C ASP B 16 -38.61 28.73 7.51
N SER B 17 -38.44 29.72 8.43
CA SER B 17 -38.34 31.15 8.15
C SER B 17 -37.04 31.52 7.41
N ILE B 18 -35.92 30.88 7.79
CA ILE B 18 -34.58 31.13 7.28
C ILE B 18 -34.38 30.57 5.85
N LYS B 19 -33.63 31.31 5.00
CA LYS B 19 -33.30 30.90 3.64
C LYS B 19 -32.24 29.80 3.67
N ARG B 20 -32.54 28.66 3.03
CA ARG B 20 -31.67 27.49 3.03
C ARG B 20 -31.22 27.04 1.64
N SER B 21 -29.93 26.66 1.51
CA SER B 21 -29.35 26.14 0.28
C SER B 21 -29.73 24.67 0.13
N ASN B 22 -30.16 24.26 -1.07
CA ASN B 22 -30.55 22.88 -1.33
C ASN B 22 -29.35 21.95 -1.35
N VAL B 23 -29.30 21.04 -0.38
CA VAL B 23 -28.22 20.08 -0.19
C VAL B 23 -28.66 18.65 -0.60
N PHE B 24 -29.96 18.49 -0.96
CA PHE B 24 -30.50 17.19 -1.36
C PHE B 24 -30.84 17.08 -2.84
N ALA B 25 -30.73 18.18 -3.59
CA ALA B 25 -30.99 18.21 -5.03
C ALA B 25 -30.17 19.31 -5.70
N VAL B 26 -29.92 19.17 -7.01
CA VAL B 26 -29.13 20.13 -7.78
C VAL B 26 -29.64 20.26 -9.22
N ASP B 27 -29.59 21.49 -9.78
CA ASP B 27 -29.99 21.75 -11.16
C ASP B 27 -28.89 21.20 -12.06
N SER B 28 -29.22 20.14 -12.84
CA SER B 28 -28.27 19.49 -13.72
C SER B 28 -27.95 20.40 -14.92
N GLN B 29 -26.77 21.04 -14.88
CA GLN B 29 -26.30 21.96 -15.92
C GLN B 29 -25.99 21.20 -17.21
N ILE B 30 -26.40 21.77 -18.37
CA ILE B 30 -26.11 21.14 -19.66
C ILE B 30 -24.68 21.50 -20.05
N PRO B 31 -23.80 20.50 -20.24
CA PRO B 31 -22.40 20.81 -20.60
C PRO B 31 -22.22 21.22 -22.06
N THR B 32 -20.98 21.62 -22.42
CA THR B 32 -20.59 21.95 -23.79
C THR B 32 -20.67 20.64 -24.59
N LEU B 33 -21.27 20.69 -25.79
CA LEU B 33 -21.38 19.48 -26.61
C LEU B 33 -20.04 19.07 -27.19
N TYR B 34 -19.56 17.90 -26.76
CA TYR B 34 -18.30 17.33 -27.22
C TYR B 34 -18.38 15.81 -27.32
N MET B 35 -17.30 15.22 -27.85
CA MET B 35 -17.16 13.77 -27.99
C MET B 35 -15.69 13.42 -27.88
N PRO B 36 -15.29 12.60 -26.89
CA PRO B 36 -13.87 12.25 -26.76
C PRO B 36 -13.46 11.04 -27.61
N GLN B 37 -12.14 10.93 -27.89
CA GLN B 37 -11.58 9.82 -28.65
C GLN B 37 -10.12 9.58 -28.27
N TYR B 38 -9.75 8.30 -28.02
CA TYR B 38 -8.37 7.95 -27.71
C TYR B 38 -7.64 7.85 -29.06
N ILE B 39 -6.77 8.83 -29.36
CA ILE B 39 -6.03 8.87 -30.63
C ILE B 39 -4.56 8.52 -30.42
N SER B 40 -4.05 7.53 -31.18
CA SER B 40 -2.65 7.08 -31.15
C SER B 40 -1.97 7.47 -32.48
N LEU B 41 -0.74 7.99 -32.41
CA LEU B 41 0.01 8.44 -33.58
C LEU B 41 1.43 7.90 -33.62
N SER B 42 1.85 7.43 -34.81
CA SER B 42 3.23 6.97 -35.05
C SER B 42 4.04 8.21 -35.42
N GLY B 43 5.24 8.32 -34.89
CA GLY B 43 6.08 9.47 -35.12
C GLY B 43 7.18 9.36 -36.16
N VAL B 44 7.98 10.42 -36.27
CA VAL B 44 9.11 10.53 -37.20
C VAL B 44 10.37 10.49 -36.35
N MET B 45 11.21 9.47 -36.57
CA MET B 45 12.47 9.32 -35.83
C MET B 45 13.62 10.02 -36.52
N THR B 46 14.43 10.76 -35.74
CA THR B 46 15.59 11.53 -36.17
C THR B 46 16.77 11.20 -35.24
N ASN B 47 18.02 11.55 -35.64
CA ASN B 47 19.22 11.31 -34.84
C ASN B 47 20.19 12.49 -34.89
N ASN B 52 23.04 13.21 -32.72
CA ASN B 52 23.28 11.85 -32.23
C ASN B 52 22.10 11.29 -31.43
N GLN B 53 21.42 12.17 -30.64
CA GLN B 53 20.28 11.82 -29.79
C GLN B 53 19.02 11.50 -30.59
N ALA B 54 18.31 10.42 -30.21
CA ALA B 54 17.06 9.98 -30.84
C ALA B 54 15.94 10.97 -30.51
N ILE B 55 15.27 11.48 -31.56
CA ILE B 55 14.18 12.45 -31.42
C ILE B 55 12.93 11.96 -32.16
N ALA B 56 11.79 11.90 -31.46
CA ALA B 56 10.51 11.50 -32.04
C ALA B 56 9.61 12.72 -32.14
N SER B 57 9.01 12.94 -33.33
CA SER B 57 8.13 14.07 -33.57
C SER B 57 6.73 13.60 -33.96
N PHE B 58 5.71 14.12 -33.27
CA PHE B 58 4.30 13.76 -33.49
C PHE B 58 3.51 15.01 -33.85
N GLU B 59 2.99 15.07 -35.09
CA GLU B 59 2.23 16.20 -35.58
C GLU B 59 0.72 15.97 -35.47
N ILE B 60 0.07 16.79 -34.65
CA ILE B 60 -1.37 16.74 -34.41
C ILE B 60 -2.00 17.93 -35.13
N ARG B 61 -2.63 17.65 -36.28
CA ARG B 61 -3.33 18.64 -37.09
C ARG B 61 -4.58 18.00 -37.66
N ASP B 62 -5.72 18.39 -37.10
CA ASP B 62 -7.05 17.89 -37.47
C ASP B 62 -8.07 18.97 -37.12
N GLN B 63 -8.98 19.27 -38.06
CA GLN B 63 -10.01 20.29 -37.84
C GLN B 63 -10.96 19.88 -36.74
N TYR B 64 -11.27 18.56 -36.66
CA TYR B 64 -12.18 18.01 -35.67
C TYR B 64 -11.54 17.82 -34.28
N ILE B 65 -10.19 17.73 -34.17
CA ILE B 65 -9.56 17.68 -32.84
C ILE B 65 -9.53 19.12 -32.31
N THR B 66 -10.50 19.45 -31.44
CA THR B 66 -10.66 20.78 -30.86
C THR B 66 -9.75 20.97 -29.65
N ALA B 67 -9.63 19.93 -28.80
CA ALA B 67 -8.81 19.94 -27.59
C ALA B 67 -8.19 18.57 -27.30
N LEU B 68 -7.09 18.56 -26.53
CA LEU B 68 -6.42 17.32 -26.13
C LEU B 68 -5.77 17.41 -24.75
N ASN B 69 -5.66 16.26 -24.08
CA ASN B 69 -5.02 16.07 -22.78
C ASN B 69 -4.59 14.61 -22.60
N HIS B 70 -3.98 14.27 -21.45
CA HIS B 70 -3.52 12.94 -21.05
C HIS B 70 -2.64 12.26 -22.11
N LEU B 71 -1.43 12.78 -22.30
CA LEU B 71 -0.46 12.25 -23.25
C LEU B 71 0.19 10.98 -22.65
N VAL B 72 0.20 9.89 -23.42
CA VAL B 72 0.80 8.61 -23.02
C VAL B 72 1.70 8.12 -24.15
N LEU B 73 3.00 8.01 -23.88
CA LEU B 73 3.96 7.54 -24.87
C LEU B 73 4.24 6.07 -24.66
N SER B 74 3.94 5.24 -25.67
CA SER B 74 4.21 3.81 -25.62
C SER B 74 5.56 3.51 -26.24
N LEU B 75 6.27 2.51 -25.70
CA LEU B 75 7.58 2.11 -26.21
C LEU B 75 7.72 0.61 -26.33
N GLU B 76 8.05 0.15 -27.53
CA GLU B 76 8.24 -1.26 -27.80
C GLU B 76 9.70 -1.58 -27.50
N LEU B 77 9.91 -2.35 -26.44
CA LEU B 77 11.24 -2.81 -26.04
C LEU B 77 11.53 -4.12 -26.79
N PRO B 78 12.71 -4.24 -27.44
CA PRO B 78 12.98 -5.45 -28.24
C PRO B 78 13.38 -6.66 -27.42
N GLU B 79 13.44 -7.82 -28.09
CA GLU B 79 13.90 -9.08 -27.51
C GLU B 79 15.41 -8.93 -27.33
N VAL B 80 15.90 -9.28 -26.13
CA VAL B 80 17.32 -9.19 -25.82
C VAL B 80 17.89 -10.61 -25.81
N LYS B 81 18.74 -10.91 -26.82
CA LYS B 81 19.38 -12.21 -26.98
C LYS B 81 20.89 -12.09 -26.89
N GLY B 82 21.52 -13.11 -26.31
CA GLY B 82 22.97 -13.15 -26.16
C GLY B 82 23.45 -13.65 -24.82
N MET B 83 24.72 -13.39 -24.51
CA MET B 83 25.37 -13.80 -23.27
C MET B 83 25.58 -12.65 -22.31
N GLY B 84 25.64 -12.99 -21.02
CA GLY B 84 25.87 -12.03 -19.94
C GLY B 84 24.63 -11.65 -19.16
N ARG B 85 24.82 -10.80 -18.13
N ARG B 85 24.83 -10.81 -18.13
CA ARG B 85 23.76 -10.30 -17.26
CA ARG B 85 23.77 -10.30 -17.25
C ARG B 85 23.18 -9.01 -17.83
C ARG B 85 23.18 -9.02 -17.83
N PHE B 86 21.85 -8.91 -17.86
CA PHE B 86 21.12 -7.75 -18.39
C PHE B 86 19.78 -7.55 -17.67
N GLY B 87 19.42 -6.28 -17.48
CA GLY B 87 18.17 -5.87 -16.86
C GLY B 87 17.90 -4.40 -17.12
N TYR B 88 16.62 -4.01 -17.10
CA TYR B 88 16.25 -2.61 -17.30
C TYR B 88 16.15 -1.91 -15.95
N VAL B 89 16.33 -0.57 -15.96
CA VAL B 89 16.22 0.25 -14.74
C VAL B 89 14.74 0.29 -14.31
N PRO B 90 14.39 0.42 -13.00
CA PRO B 90 12.97 0.50 -12.63
C PRO B 90 12.32 1.72 -13.26
N TYR B 91 11.05 1.59 -13.70
CA TYR B 91 10.28 2.65 -14.37
C TYR B 91 11.05 3.09 -15.64
N VAL B 92 11.51 2.08 -16.41
CA VAL B 92 12.32 2.18 -17.63
C VAL B 92 11.80 3.25 -18.60
N GLY B 93 10.49 3.27 -18.82
CA GLY B 93 9.82 4.23 -19.70
C GLY B 93 10.11 5.70 -19.39
N TYR B 94 10.06 6.08 -18.10
CA TYR B 94 10.35 7.45 -17.68
C TYR B 94 11.82 7.79 -17.86
N LYS B 95 12.71 6.81 -17.56
CA LYS B 95 14.16 6.95 -17.68
C LYS B 95 14.63 7.10 -19.13
N CYS B 96 13.81 6.67 -20.12
CA CYS B 96 14.05 6.78 -21.56
C CYS B 96 14.01 8.23 -21.97
N ILE B 97 13.07 8.99 -21.39
CA ILE B 97 12.80 10.39 -21.69
C ILE B 97 13.93 11.30 -21.23
N ASN B 98 14.43 12.15 -22.14
CA ASN B 98 15.46 13.15 -21.88
C ASN B 98 14.76 14.53 -21.82
N HIS B 99 13.85 14.79 -22.78
CA HIS B 99 13.10 16.05 -22.89
C HIS B 99 11.81 15.84 -23.69
N VAL B 100 10.72 16.51 -23.27
CA VAL B 100 9.43 16.50 -23.95
C VAL B 100 9.03 17.96 -24.18
N SER B 101 8.57 18.29 -25.39
CA SER B 101 8.14 19.64 -25.73
C SER B 101 6.88 19.66 -26.60
N ILE B 102 5.84 20.36 -26.14
CA ILE B 102 4.57 20.56 -26.84
C ILE B 102 4.65 21.96 -27.42
N SER B 103 4.69 22.06 -28.76
CA SER B 103 4.82 23.33 -29.45
C SER B 103 3.81 23.54 -30.58
N SER B 104 3.54 24.81 -30.92
CA SER B 104 2.67 25.22 -32.02
C SER B 104 3.52 26.00 -33.05
N CYS B 105 2.86 26.60 -34.05
CA CYS B 105 3.55 27.41 -35.06
C CYS B 105 4.07 28.73 -34.47
N ASN B 106 3.55 29.12 -33.30
CA ASN B 106 3.95 30.32 -32.56
C ASN B 106 5.09 30.03 -31.56
N GLY B 107 5.52 28.76 -31.50
CA GLY B 107 6.61 28.31 -30.63
C GLY B 107 6.22 27.30 -29.57
N VAL B 108 7.14 27.07 -28.61
CA VAL B 108 6.98 26.12 -27.49
C VAL B 108 5.87 26.60 -26.56
N ILE B 109 4.86 25.73 -26.29
CA ILE B 109 3.73 26.02 -25.40
C ILE B 109 4.07 25.54 -23.99
N TRP B 110 4.66 24.33 -23.89
CA TRP B 110 5.06 23.70 -22.64
C TRP B 110 6.16 22.68 -22.91
N GLU B 111 7.15 22.58 -21.99
CA GLU B 111 8.25 21.63 -22.08
C GLU B 111 8.77 21.21 -20.71
N ILE B 112 9.32 19.99 -20.62
CA ILE B 112 9.84 19.44 -19.37
C ILE B 112 11.08 18.57 -19.61
N GLU B 113 12.02 18.59 -18.66
CA GLU B 113 13.18 17.72 -18.70
C GLU B 113 12.74 16.36 -18.17
N GLY B 114 13.26 15.29 -18.76
CA GLY B 114 12.95 13.90 -18.41
C GLY B 114 12.82 13.59 -16.92
N GLU B 115 13.80 14.05 -16.12
CA GLU B 115 13.83 13.87 -14.67
C GLU B 115 12.67 14.55 -13.97
N GLU B 116 12.32 15.77 -14.42
CA GLU B 116 11.22 16.54 -13.84
C GLU B 116 9.86 15.90 -14.09
N LEU B 117 9.65 15.28 -15.27
CA LEU B 117 8.41 14.57 -15.59
C LEU B 117 8.25 13.38 -14.64
N TYR B 118 9.35 12.65 -14.40
CA TYR B 118 9.41 11.50 -13.49
C TYR B 118 9.09 11.95 -12.06
N ASN B 119 9.70 13.07 -11.62
CA ASN B 119 9.49 13.66 -10.30
C ASN B 119 8.03 14.08 -10.10
N ASN B 120 7.36 14.54 -11.18
CA ASN B 120 5.96 14.94 -11.15
C ASN B 120 5.03 13.73 -11.07
N CYS B 121 5.50 12.55 -11.51
CA CYS B 121 4.74 11.30 -11.54
C CYS B 121 5.15 10.30 -10.46
N ILE B 122 6.17 10.63 -9.62
CA ILE B 122 6.69 9.75 -8.56
C ILE B 122 5.59 9.33 -7.55
N ASN B 123 4.57 10.18 -7.34
CA ASN B 123 3.45 9.91 -6.42
C ASN B 123 2.36 9.04 -7.06
N ASN B 124 2.38 8.92 -8.41
CA ASN B 124 1.42 8.13 -9.18
C ASN B 124 1.94 6.71 -9.37
N THR B 125 1.44 5.76 -8.56
CA THR B 125 1.83 4.35 -8.56
C THR B 125 1.48 3.68 -9.88
N ILE B 126 0.27 3.95 -10.42
CA ILE B 126 -0.27 3.40 -11.66
C ILE B 126 0.63 3.77 -12.85
N ALA B 127 0.92 5.07 -13.02
CA ALA B 127 1.77 5.61 -14.09
C ALA B 127 3.18 5.02 -14.02
N LEU B 128 3.71 4.83 -12.80
CA LEU B 128 5.03 4.23 -12.57
C LEU B 128 5.06 2.76 -12.95
N LYS B 129 4.01 1.99 -12.58
CA LYS B 129 3.89 0.56 -12.91
C LYS B 129 3.82 0.37 -14.44
N HIS B 130 3.04 1.23 -15.13
CA HIS B 130 2.85 1.21 -16.59
C HIS B 130 4.16 1.44 -17.33
N SER B 131 5.04 2.33 -16.81
CA SER B 131 6.32 2.66 -17.44
C SER B 131 7.36 1.53 -17.38
N GLY B 132 7.10 0.48 -16.61
CA GLY B 132 8.00 -0.65 -16.52
C GLY B 132 8.55 -0.95 -15.14
N TYR B 133 7.75 -1.65 -14.32
CA TYR B 133 8.16 -2.06 -12.99
C TYR B 133 7.69 -3.49 -12.72
N SER B 134 8.50 -4.47 -13.16
CA SER B 134 8.21 -5.90 -13.04
C SER B 134 9.48 -6.72 -12.84
N SER B 135 9.33 -7.97 -12.34
CA SER B 135 10.45 -8.90 -12.17
C SER B 135 10.96 -9.31 -13.55
N GLU B 136 10.05 -9.32 -14.53
CA GLU B 136 10.32 -9.65 -15.93
C GLU B 136 11.28 -8.63 -16.53
N LEU B 137 11.07 -7.32 -16.26
CA LEU B 137 11.88 -6.23 -16.80
C LEU B 137 13.08 -5.80 -15.96
N ASN B 138 12.90 -5.67 -14.63
CA ASN B 138 13.91 -5.09 -13.75
C ASN B 138 14.86 -6.06 -13.06
N ASP B 139 14.50 -7.34 -12.89
CA ASP B 139 15.43 -8.30 -12.29
C ASP B 139 16.57 -8.56 -13.27
N ILE B 140 17.77 -8.83 -12.76
CA ILE B 140 18.93 -9.04 -13.63
C ILE B 140 18.95 -10.48 -14.16
N SER B 141 18.56 -10.65 -15.44
CA SER B 141 18.51 -11.96 -16.12
C SER B 141 19.86 -12.28 -16.76
N ILE B 142 20.20 -13.58 -16.85
CA ILE B 142 21.47 -14.03 -17.41
C ILE B 142 21.29 -14.90 -18.67
N GLY B 143 22.07 -14.58 -19.70
CA GLY B 143 22.14 -15.30 -20.96
C GLY B 143 23.35 -16.22 -20.97
N LEU B 144 23.13 -17.51 -21.27
CA LEU B 144 24.20 -18.51 -21.24
C LEU B 144 24.82 -18.80 -22.60
N THR B 145 24.00 -18.99 -23.65
CA THR B 145 24.45 -19.25 -25.01
C THR B 145 24.31 -17.97 -25.86
N PRO B 146 25.07 -17.79 -26.98
CA PRO B 146 24.92 -16.54 -27.76
C PRO B 146 23.54 -16.30 -28.38
N ASN B 147 22.66 -17.31 -28.37
CA ASN B 147 21.29 -17.21 -28.90
C ASN B 147 20.22 -17.30 -27.79
N ASP B 148 20.65 -17.45 -26.52
CA ASP B 148 19.78 -17.52 -25.35
C ASP B 148 19.05 -16.19 -25.16
N THR B 149 17.75 -16.25 -24.86
CA THR B 149 16.94 -15.05 -24.64
C THR B 149 17.10 -14.58 -23.20
N ILE B 150 17.60 -13.35 -23.03
CA ILE B 150 17.79 -12.72 -21.72
C ILE B 150 16.47 -12.05 -21.32
N LYS B 151 15.91 -11.22 -22.22
CA LYS B 151 14.66 -10.50 -22.01
C LYS B 151 13.72 -10.67 -23.20
N GLU B 152 12.45 -11.02 -22.94
CA GLU B 152 11.41 -11.17 -23.95
C GLU B 152 10.92 -9.77 -24.34
N PRO B 153 10.45 -9.54 -25.59
CA PRO B 153 9.97 -8.18 -25.95
C PRO B 153 8.75 -7.77 -25.12
N SER B 154 8.67 -6.48 -24.77
CA SER B 154 7.58 -5.93 -23.95
C SER B 154 7.26 -4.49 -24.36
N THR B 155 6.05 -4.02 -24.02
CA THR B 155 5.62 -2.66 -24.29
C THR B 155 5.40 -1.91 -22.99
N VAL B 156 5.96 -0.70 -22.87
CA VAL B 156 5.85 0.15 -21.69
C VAL B 156 5.09 1.43 -22.02
N TYR B 157 4.32 1.95 -21.05
CA TYR B 157 3.49 3.14 -21.22
C TYR B 157 3.90 4.27 -20.27
N VAL B 158 4.39 5.38 -20.85
CA VAL B 158 4.88 6.55 -20.12
C VAL B 158 3.84 7.67 -20.12
N TYR B 159 3.24 7.96 -18.95
CA TYR B 159 2.26 9.02 -18.85
C TYR B 159 2.94 10.39 -18.77
N ILE B 160 2.82 11.18 -19.86
CA ILE B 160 3.37 12.52 -19.95
C ILE B 160 2.39 13.48 -19.26
N LYS B 161 2.53 13.63 -17.93
CA LYS B 161 1.70 14.50 -17.11
C LYS B 161 1.96 15.95 -17.51
N THR B 162 0.92 16.63 -18.00
CA THR B 162 0.99 18.02 -18.45
C THR B 162 -0.01 18.88 -17.64
N PRO B 163 0.11 20.24 -17.61
CA PRO B 163 -0.87 21.05 -16.87
C PRO B 163 -2.28 21.01 -17.45
N PHE B 164 -2.43 20.39 -18.64
CA PHE B 164 -3.71 20.23 -19.33
C PHE B 164 -4.59 19.11 -18.75
N ASP B 165 -4.05 18.35 -17.76
CA ASP B 165 -4.76 17.24 -17.11
C ASP B 165 -5.36 17.59 -15.75
N VAL B 166 -4.86 18.67 -15.10
CA VAL B 166 -5.26 19.17 -13.77
C VAL B 166 -6.79 19.16 -13.58
N GLU B 167 -7.53 19.83 -14.46
CA GLU B 167 -8.99 19.90 -14.37
C GLU B 167 -9.70 19.30 -15.61
N ASP B 168 -9.14 18.17 -16.10
CA ASP B 168 -9.62 17.38 -17.23
C ASP B 168 -9.96 18.24 -18.48
N THR B 169 -11.25 18.34 -18.87
CA THR B 169 -11.74 19.09 -20.02
C THR B 169 -11.48 20.59 -19.91
N PHE B 170 -11.58 21.14 -18.68
CA PHE B 170 -11.37 22.56 -18.40
C PHE B 170 -9.93 23.00 -18.66
N SER B 171 -8.94 22.16 -18.28
CA SER B 171 -7.51 22.45 -18.43
C SER B 171 -6.90 22.03 -19.78
N SER B 172 -7.62 21.17 -20.54
CA SER B 172 -7.21 20.62 -21.84
C SER B 172 -6.60 21.65 -22.81
N LEU B 173 -5.58 21.23 -23.57
CA LEU B 173 -4.92 22.09 -24.56
C LEU B 173 -5.84 22.25 -25.76
N LYS B 174 -6.30 23.48 -26.02
CA LYS B 174 -7.16 23.77 -27.15
C LYS B 174 -6.31 23.97 -28.41
N LEU B 175 -6.79 23.47 -29.55
CA LEU B 175 -6.16 23.55 -30.86
C LEU B 175 -7.02 24.47 -31.75
N SER B 176 -6.77 25.80 -31.65
CA SER B 176 -7.48 26.82 -32.42
C SER B 176 -7.00 26.79 -33.88
N ASP B 177 -7.42 25.74 -34.63
CA ASP B 177 -7.05 25.46 -36.03
C ASP B 177 -5.51 25.52 -36.23
N SER B 178 -4.77 25.08 -35.19
CA SER B 178 -3.31 25.10 -35.13
C SER B 178 -2.68 23.71 -35.11
N LYS B 179 -1.44 23.63 -35.60
CA LYS B 179 -0.65 22.40 -35.68
C LYS B 179 0.17 22.27 -34.39
N ILE B 180 -0.11 21.21 -33.63
CA ILE B 180 0.59 20.92 -32.38
C ILE B 180 1.63 19.83 -32.64
N THR B 181 2.90 20.09 -32.29
CA THR B 181 3.99 19.16 -32.48
C THR B 181 4.57 18.73 -31.15
N VAL B 182 4.40 17.43 -30.81
CA VAL B 182 4.94 16.86 -29.57
C VAL B 182 6.30 16.24 -29.93
N THR B 183 7.35 16.81 -29.36
CA THR B 183 8.73 16.39 -29.60
C THR B 183 9.27 15.69 -28.36
N VAL B 184 9.76 14.44 -28.54
CA VAL B 184 10.32 13.63 -27.45
C VAL B 184 11.78 13.28 -27.75
N THR B 185 12.70 13.80 -26.94
CA THR B 185 14.14 13.51 -27.03
C THR B 185 14.43 12.35 -26.10
N PHE B 186 15.15 11.34 -26.59
CA PHE B 186 15.47 10.15 -25.82
C PHE B 186 16.90 10.10 -25.31
N ASN B 187 17.07 9.64 -24.07
CA ASN B 187 18.36 9.43 -23.41
C ASN B 187 19.03 8.21 -24.06
N PRO B 188 20.38 8.09 -24.06
CA PRO B 188 21.00 6.88 -24.64
C PRO B 188 20.56 5.61 -23.92
N VAL B 189 20.45 4.49 -24.66
CA VAL B 189 20.02 3.19 -24.11
C VAL B 189 20.91 2.74 -22.92
N SER B 190 22.12 3.29 -22.80
CA SER B 190 23.05 3.01 -21.71
C SER B 190 22.43 3.35 -20.36
N ASP B 191 21.70 4.48 -20.30
CA ASP B 191 21.03 4.99 -19.11
C ASP B 191 19.95 4.05 -18.56
N ILE B 192 19.17 3.42 -19.46
CA ILE B 192 18.05 2.53 -19.09
C ILE B 192 18.44 1.05 -18.93
N VAL B 193 19.73 0.72 -19.03
CA VAL B 193 20.21 -0.66 -18.97
C VAL B 193 21.26 -0.90 -17.88
N ILE B 194 21.09 -2.01 -17.12
CA ILE B 194 22.00 -2.49 -16.08
C ILE B 194 22.56 -3.82 -16.61
N ARG B 195 23.86 -3.84 -16.93
CA ARG B 195 24.55 -5.00 -17.50
C ARG B 195 25.95 -5.22 -16.93
N ASP B 196 26.53 -6.41 -17.18
CA ASP B 196 27.90 -6.76 -16.74
C ASP B 196 28.88 -6.61 -17.91
N SER B 197 30.16 -7.00 -17.72
CA SER B 197 31.19 -6.92 -18.77
C SER B 197 30.97 -7.97 -19.85
N SER B 198 30.42 -9.14 -19.44
CA SER B 198 30.11 -10.29 -20.30
C SER B 198 29.10 -9.93 -21.40
N PHE B 199 28.13 -9.04 -21.09
CA PHE B 199 27.11 -8.59 -22.04
C PHE B 199 27.73 -7.74 -23.16
N ASP B 200 27.39 -8.06 -24.42
CA ASP B 200 27.88 -7.34 -25.59
C ASP B 200 27.05 -6.07 -25.79
N PHE B 201 27.36 -5.03 -24.99
CA PHE B 201 26.66 -3.75 -25.07
C PHE B 201 26.92 -3.03 -26.38
N GLU B 202 28.16 -3.13 -26.90
CA GLU B 202 28.61 -2.51 -28.16
C GLU B 202 27.62 -2.82 -29.30
N THR B 203 27.30 -4.11 -29.49
CA THR B 203 26.36 -4.57 -30.51
C THR B 203 24.94 -4.15 -30.15
N PHE B 204 24.56 -4.28 -28.85
CA PHE B 204 23.22 -3.91 -28.36
C PHE B 204 22.89 -2.45 -28.63
N ASN B 205 23.85 -1.54 -28.40
CA ASN B 205 23.69 -0.09 -28.61
C ASN B 205 23.48 0.23 -30.10
N LYS B 206 24.17 -0.51 -30.98
CA LYS B 206 24.06 -0.35 -32.43
C LYS B 206 22.70 -0.84 -32.93
N GLU B 207 22.26 -2.01 -32.43
CA GLU B 207 21.01 -2.69 -32.80
C GLU B 207 19.74 -2.08 -32.17
N PHE B 208 19.85 -1.45 -30.98
CA PHE B 208 18.69 -0.85 -30.30
C PHE B 208 18.17 0.40 -31.00
N VAL B 209 16.84 0.48 -31.14
CA VAL B 209 16.11 1.62 -31.70
C VAL B 209 14.83 1.87 -30.90
N TYR B 210 14.61 3.14 -30.52
CA TYR B 210 13.40 3.55 -29.78
C TYR B 210 12.19 3.50 -30.71
N VAL B 211 11.16 2.72 -30.34
CA VAL B 211 9.95 2.57 -31.15
C VAL B 211 8.77 3.24 -30.41
N PRO B 212 8.60 4.58 -30.55
CA PRO B 212 7.52 5.25 -29.81
C PRO B 212 6.22 5.44 -30.57
N GLU B 213 5.12 5.65 -29.81
CA GLU B 213 3.79 5.93 -30.35
C GLU B 213 3.05 6.79 -29.33
N LEU B 214 2.68 8.02 -29.73
CA LEU B 214 2.00 8.96 -28.84
C LEU B 214 0.48 8.86 -28.87
N SER B 215 -0.11 8.58 -27.69
CA SER B 215 -1.55 8.51 -27.49
C SER B 215 -1.97 9.70 -26.65
N PHE B 216 -3.20 10.18 -26.86
CA PHE B 216 -3.79 11.32 -26.16
C PHE B 216 -5.31 11.25 -26.23
N ILE B 217 -6.00 11.92 -25.29
CA ILE B 217 -7.46 11.97 -25.35
C ILE B 217 -7.82 13.22 -26.14
N GLY B 218 -8.35 13.01 -27.36
CA GLY B 218 -8.79 14.08 -28.23
C GLY B 218 -10.26 14.38 -27.99
N TYR B 219 -10.67 15.65 -28.18
CA TYR B 219 -12.04 16.08 -27.96
C TYR B 219 -12.59 16.86 -29.16
N MET B 220 -13.73 16.42 -29.72
CA MET B 220 -14.37 17.15 -30.79
C MET B 220 -15.47 17.99 -30.16
N VAL B 221 -15.23 19.31 -30.08
CA VAL B 221 -16.16 20.23 -29.43
C VAL B 221 -16.98 21.06 -30.42
N LYS B 222 -18.32 20.93 -30.33
CA LYS B 222 -19.26 21.69 -31.14
C LYS B 222 -19.43 23.07 -30.48
N ASN B 223 -19.11 24.16 -31.24
CA ASN B 223 -19.17 25.56 -30.82
C ASN B 223 -18.38 25.82 -29.53
N VAL B 224 -17.05 25.60 -29.58
CA VAL B 224 -16.14 25.80 -28.45
C VAL B 224 -16.00 27.29 -28.10
N GLN B 225 -16.05 27.61 -26.80
CA GLN B 225 -15.89 28.99 -26.34
C GLN B 225 -14.56 29.11 -25.60
N ILE B 226 -13.47 29.26 -26.38
CA ILE B 226 -12.10 29.36 -25.86
C ILE B 226 -11.85 30.68 -25.11
N LYS B 227 -11.31 30.57 -23.89
CA LYS B 227 -10.94 31.69 -23.00
C LYS B 227 -9.45 31.53 -22.63
N PRO B 228 -8.68 32.62 -22.39
CA PRO B 228 -7.26 32.44 -22.04
C PRO B 228 -7.03 31.81 -20.66
N SER B 229 -5.96 31.02 -20.55
CA SER B 229 -5.60 30.33 -19.32
C SER B 229 -4.16 30.62 -18.92
N PHE B 230 -3.75 30.05 -17.77
CA PHE B 230 -2.42 30.20 -17.21
C PHE B 230 -1.72 28.85 -17.13
N ILE B 231 -0.39 28.85 -17.31
CA ILE B 231 0.39 27.62 -17.30
C ILE B 231 1.70 27.79 -16.51
N GLU B 232 2.10 26.74 -15.78
CA GLU B 232 3.34 26.70 -15.01
C GLU B 232 4.37 25.91 -15.82
N LYS B 233 5.46 26.57 -16.23
CA LYS B 233 6.51 25.94 -17.03
C LYS B 233 7.78 25.68 -16.20
N PRO B 234 8.20 24.41 -16.04
CA PRO B 234 9.39 24.13 -15.23
C PRO B 234 10.71 24.46 -15.91
N ARG B 235 11.68 24.96 -15.13
CA ARG B 235 13.00 25.34 -15.59
C ARG B 235 14.05 24.95 -14.53
N ARG B 236 14.92 23.98 -14.88
CA ARG B 236 15.95 23.55 -13.94
C ARG B 236 17.31 24.19 -14.25
N VAL B 237 18.19 24.24 -13.24
CA VAL B 237 19.55 24.76 -13.28
C VAL B 237 20.41 23.79 -12.48
N ILE B 238 21.45 23.24 -13.12
CA ILE B 238 22.36 22.31 -12.44
C ILE B 238 23.66 23.06 -12.17
N GLY B 239 24.01 23.14 -10.89
CA GLY B 239 25.22 23.80 -10.41
C GLY B 239 26.47 23.00 -10.73
N GLN B 240 27.64 23.68 -10.76
CA GLN B 240 28.95 23.09 -11.06
C GLN B 240 29.33 21.98 -10.09
N ILE B 241 30.11 20.99 -10.56
CA ILE B 241 30.54 19.80 -9.80
C ILE B 241 31.16 20.19 -8.45
N ASN B 242 30.58 19.64 -7.37
CA ASN B 242 30.92 19.82 -5.95
C ASN B 242 30.73 21.26 -5.44
N GLN B 243 29.86 22.05 -6.11
CA GLN B 243 29.58 23.42 -5.69
C GLN B 243 28.29 23.52 -4.89
N PRO B 244 28.30 24.23 -3.73
CA PRO B 244 27.07 24.33 -2.92
C PRO B 244 26.16 25.48 -3.32
N THR B 245 26.31 26.01 -4.56
CA THR B 245 25.51 27.13 -5.07
C THR B 245 24.99 26.93 -6.48
N ALA B 246 23.82 27.55 -6.79
CA ALA B 246 23.15 27.56 -8.09
C ALA B 246 22.21 28.75 -8.16
N THR B 247 22.14 29.42 -9.32
CA THR B 247 21.28 30.59 -9.48
C THR B 247 20.37 30.47 -10.70
N VAL B 248 19.08 30.78 -10.50
CA VAL B 248 18.07 30.79 -11.57
C VAL B 248 17.85 32.25 -11.92
N THR B 249 18.23 32.65 -13.15
CA THR B 249 18.10 34.01 -13.64
C THR B 249 16.71 34.28 -14.24
N GLU B 250 16.35 35.57 -14.33
CA GLU B 250 15.09 36.10 -14.87
C GLU B 250 13.83 35.49 -14.23
N VAL B 251 13.78 35.49 -12.88
CA VAL B 251 12.63 35.01 -12.12
C VAL B 251 11.70 36.21 -11.94
N HIS B 252 10.53 36.19 -12.60
CA HIS B 252 9.58 37.30 -12.52
C HIS B 252 8.26 36.92 -11.89
N ALA B 253 7.77 35.71 -12.14
CA ALA B 253 6.54 35.20 -11.58
C ALA B 253 6.65 33.68 -11.38
N ALA B 254 7.15 33.27 -10.21
CA ALA B 254 7.31 31.85 -9.91
C ALA B 254 6.30 31.32 -8.91
N THR B 255 5.73 30.14 -9.21
CA THR B 255 4.73 29.47 -8.38
C THR B 255 5.37 28.55 -7.34
N SER B 256 6.58 28.02 -7.63
CA SER B 256 7.32 27.12 -6.74
C SER B 256 8.81 27.04 -7.07
N LEU B 257 9.62 26.58 -6.09
CA LEU B 257 11.05 26.40 -6.24
C LEU B 257 11.50 25.14 -5.50
N SER B 258 11.99 24.13 -6.26
CA SER B 258 12.46 22.86 -5.71
C SER B 258 13.97 22.81 -5.70
N VAL B 259 14.56 22.24 -4.64
CA VAL B 259 16.02 22.11 -4.48
C VAL B 259 16.36 20.67 -4.08
N TYR B 260 17.25 20.02 -4.85
CA TYR B 260 17.74 18.67 -4.56
C TYR B 260 19.18 18.46 -5.05
N THR B 261 19.80 17.33 -4.67
CA THR B 261 21.17 16.98 -5.05
C THR B 261 21.16 15.78 -5.97
N LYS B 262 22.17 15.70 -6.86
CA LYS B 262 22.36 14.59 -7.79
C LYS B 262 23.83 14.14 -7.76
N PRO B 263 24.13 12.82 -7.78
CA PRO B 263 25.54 12.40 -7.82
C PRO B 263 26.09 12.46 -9.24
N TYR B 264 27.40 12.71 -9.38
CA TYR B 264 28.07 12.75 -10.66
C TYR B 264 29.10 11.62 -10.69
N TYR B 265 28.92 10.64 -11.61
CA TYR B 265 29.80 9.47 -11.70
C TYR B 265 30.73 9.50 -12.93
N GLY B 266 31.20 10.68 -13.31
CA GLY B 266 32.10 10.87 -14.44
C GLY B 266 33.49 10.32 -14.17
N ASN B 267 34.01 10.55 -12.95
CA ASN B 267 35.32 10.08 -12.49
C ASN B 267 35.36 8.55 -12.26
N THR B 268 34.25 7.84 -12.56
CA THR B 268 34.11 6.39 -12.39
C THR B 268 33.67 5.72 -13.70
N ASP B 269 33.73 4.37 -13.76
CA ASP B 269 33.31 3.57 -14.91
C ASP B 269 31.82 3.14 -14.80
N ASN B 270 31.11 3.70 -13.79
CA ASN B 270 29.70 3.46 -13.46
C ASN B 270 29.41 2.00 -13.06
N LYS B 271 30.47 1.25 -12.68
CA LYS B 271 30.37 -0.16 -12.25
C LYS B 271 30.18 -0.24 -10.74
N PHE B 272 29.24 -1.10 -10.29
CA PHE B 272 28.90 -1.32 -8.89
C PHE B 272 28.92 -2.82 -8.58
N ILE B 273 29.31 -3.18 -7.35
CA ILE B 273 29.43 -4.58 -6.89
C ILE B 273 28.09 -5.33 -6.97
N SER B 274 26.99 -4.73 -6.46
CA SER B 274 25.68 -5.39 -6.42
C SER B 274 24.49 -4.51 -6.86
N TYR B 275 23.40 -5.19 -7.25
CA TYR B 275 22.10 -4.60 -7.61
C TYR B 275 20.97 -5.58 -7.21
N PRO B 276 19.92 -5.12 -6.50
CA PRO B 276 18.88 -6.07 -6.02
C PRO B 276 17.80 -6.48 -7.05
N GLY B 277 17.79 -5.84 -8.21
CA GLY B 277 16.84 -6.12 -9.27
C GLY B 277 15.51 -5.40 -9.07
N TYR B 278 14.39 -6.15 -9.19
CA TYR B 278 13.02 -5.65 -9.02
C TYR B 278 12.75 -5.17 -7.60
N SER B 279 13.24 -5.92 -6.59
CA SER B 279 13.11 -5.61 -5.16
C SER B 279 13.91 -4.33 -4.90
N GLN B 280 13.20 -3.21 -4.69
CA GLN B 280 13.82 -1.90 -4.56
C GLN B 280 13.88 -1.29 -3.14
N ASP B 281 13.55 -2.07 -2.09
CA ASP B 281 13.63 -1.53 -0.72
C ASP B 281 15.08 -1.35 -0.28
N GLU B 282 15.32 -0.48 0.72
CA GLU B 282 16.65 -0.21 1.28
C GLU B 282 17.28 -1.52 1.74
N LYS B 283 16.50 -2.38 2.45
CA LYS B 283 16.95 -3.68 2.93
C LYS B 283 17.33 -4.59 1.75
N ASP B 284 16.56 -4.51 0.64
CA ASP B 284 16.81 -5.30 -0.56
C ASP B 284 18.18 -4.98 -1.17
N TYR B 285 18.55 -3.68 -1.20
CA TYR B 285 19.83 -3.20 -1.70
C TYR B 285 20.98 -3.70 -0.83
N ILE B 286 20.80 -3.61 0.51
CA ILE B 286 21.77 -4.05 1.52
C ILE B 286 21.98 -5.57 1.44
N ASP B 287 20.88 -6.35 1.46
CA ASP B 287 20.92 -7.82 1.39
C ASP B 287 21.63 -8.32 0.13
N ALA B 288 21.43 -7.63 -1.02
CA ALA B 288 22.07 -7.97 -2.29
C ALA B 288 23.58 -7.83 -2.20
N TYR B 289 24.05 -6.76 -1.52
CA TYR B 289 25.47 -6.44 -1.29
C TYR B 289 26.12 -7.47 -0.39
N VAL B 290 25.47 -7.76 0.77
CA VAL B 290 25.95 -8.74 1.76
C VAL B 290 26.09 -10.10 1.07
N SER B 291 25.09 -10.49 0.25
CA SER B 291 25.08 -11.75 -0.51
C SER B 291 26.27 -11.86 -1.45
N ARG B 292 26.63 -10.75 -2.14
CA ARG B 292 27.75 -10.71 -3.08
C ARG B 292 29.10 -10.82 -2.36
N LEU B 293 29.23 -10.17 -1.18
CA LEU B 293 30.45 -10.18 -0.38
C LEU B 293 30.69 -11.51 0.33
N LEU B 294 29.61 -12.17 0.81
CA LEU B 294 29.67 -13.43 1.57
C LEU B 294 30.38 -14.57 0.86
N ASP B 295 30.36 -14.58 -0.49
CA ASP B 295 31.01 -15.59 -1.32
C ASP B 295 32.53 -15.62 -1.05
N ASP B 296 33.13 -14.44 -0.84
CA ASP B 296 34.55 -14.24 -0.55
C ASP B 296 34.86 -14.01 0.93
N LEU B 297 33.90 -13.45 1.70
CA LEU B 297 34.09 -13.12 3.11
C LEU B 297 34.38 -14.33 4.01
N VAL B 298 33.59 -15.41 3.87
CA VAL B 298 33.78 -16.63 4.66
C VAL B 298 34.01 -17.81 3.70
N ILE B 299 35.23 -18.38 3.75
CA ILE B 299 35.64 -19.48 2.86
C ILE B 299 35.92 -20.76 3.66
N VAL B 300 35.38 -21.89 3.19
CA VAL B 300 35.63 -23.21 3.77
C VAL B 300 36.55 -23.89 2.74
N SER B 301 37.83 -24.07 3.10
CA SER B 301 38.83 -24.64 2.18
C SER B 301 39.81 -25.60 2.85
N ASP B 302 40.38 -26.51 2.05
CA ASP B 302 41.41 -27.46 2.48
C ASP B 302 42.73 -26.70 2.34
N GLY B 303 43.19 -26.16 3.47
CA GLY B 303 44.38 -25.32 3.53
C GLY B 303 44.07 -23.88 3.18
N PRO B 304 45.07 -22.97 3.20
CA PRO B 304 44.77 -21.55 2.89
C PRO B 304 44.09 -21.34 1.53
N PRO B 305 43.05 -20.47 1.47
CA PRO B 305 42.33 -20.25 0.19
C PRO B 305 43.19 -19.61 -0.90
N THR B 306 42.93 -20.01 -2.15
CA THR B 306 43.63 -19.53 -3.35
C THR B 306 42.65 -18.82 -4.28
N GLY B 307 43.20 -18.02 -5.20
CA GLY B 307 42.41 -17.27 -6.17
C GLY B 307 42.08 -15.86 -5.74
N TYR B 308 42.82 -15.36 -4.74
CA TYR B 308 42.69 -14.02 -4.18
C TYR B 308 43.99 -13.23 -4.34
N PRO B 309 43.96 -11.88 -4.44
CA PRO B 309 45.22 -11.13 -4.59
C PRO B 309 46.20 -11.31 -3.43
N GLU B 310 47.50 -11.01 -3.66
CA GLU B 310 48.54 -11.11 -2.63
C GLU B 310 48.23 -10.16 -1.46
N SER B 311 47.57 -9.03 -1.79
CA SER B 311 47.12 -7.97 -0.90
C SER B 311 46.09 -8.46 0.13
N ALA B 312 45.30 -9.50 -0.20
CA ALA B 312 44.29 -10.10 0.67
C ALA B 312 44.91 -10.77 1.88
N GLU B 313 44.27 -10.59 3.04
CA GLU B 313 44.67 -11.13 4.33
C GLU B 313 43.59 -12.09 4.87
N ILE B 314 43.55 -13.30 4.29
CA ILE B 314 42.59 -14.32 4.70
C ILE B 314 43.16 -15.07 5.89
N VAL B 315 42.46 -14.98 7.02
CA VAL B 315 42.85 -15.56 8.32
C VAL B 315 41.97 -16.76 8.69
N GLU B 316 42.57 -17.81 9.28
CA GLU B 316 41.85 -19.00 9.75
C GLU B 316 41.10 -18.63 11.03
N VAL B 317 39.82 -19.01 11.11
CA VAL B 317 38.96 -18.74 12.27
C VAL B 317 39.40 -19.64 13.44
N PRO B 318 39.74 -19.06 14.63
CA PRO B 318 40.19 -19.89 15.75
C PRO B 318 39.06 -20.66 16.42
N GLU B 319 39.41 -21.62 17.31
CA GLU B 319 38.48 -22.48 18.05
C GLU B 319 37.35 -21.71 18.75
N ASP B 320 37.66 -20.52 19.31
CA ASP B 320 36.69 -19.64 19.99
C ASP B 320 35.64 -19.05 19.03
N GLY B 321 36.00 -18.97 17.74
CA GLY B 321 35.10 -18.47 16.71
C GLY B 321 35.27 -16.99 16.39
N ILE B 322 35.93 -16.24 17.29
CA ILE B 322 36.16 -14.80 17.13
C ILE B 322 37.49 -14.50 16.42
N VAL B 323 37.42 -13.65 15.38
CA VAL B 323 38.56 -13.17 14.60
C VAL B 323 38.64 -11.66 14.90
N SER B 324 39.83 -11.17 15.25
CA SER B 324 40.01 -9.76 15.60
C SER B 324 40.70 -8.95 14.51
N ILE B 325 39.91 -8.10 13.82
CA ILE B 325 40.41 -7.18 12.80
C ILE B 325 40.47 -5.84 13.54
N GLN B 326 41.67 -5.52 14.08
CA GLN B 326 41.92 -4.32 14.90
C GLN B 326 40.96 -4.33 16.11
N ASP B 327 40.18 -3.25 16.30
CA ASP B 327 39.20 -3.12 17.39
C ASP B 327 37.93 -3.96 17.15
N ALA B 328 37.64 -4.29 15.86
CA ALA B 328 36.46 -5.04 15.44
C ALA B 328 36.61 -6.56 15.55
N ASP B 329 35.63 -7.20 16.20
CA ASP B 329 35.57 -8.66 16.39
C ASP B 329 34.49 -9.28 15.52
N VAL B 330 34.83 -10.37 14.80
CA VAL B 330 33.92 -11.09 13.92
C VAL B 330 33.77 -12.54 14.39
N TYR B 331 32.54 -12.93 14.77
CA TYR B 331 32.22 -14.29 15.22
C TYR B 331 31.81 -15.11 14.01
N VAL B 332 32.61 -16.12 13.64
CA VAL B 332 32.34 -16.98 12.48
C VAL B 332 32.23 -18.44 12.91
N LYS B 333 31.03 -19.04 12.78
CA LYS B 333 30.80 -20.45 13.12
C LYS B 333 29.95 -21.17 12.07
N ILE B 334 30.61 -22.03 11.27
CA ILE B 334 29.97 -22.81 10.21
C ILE B 334 29.86 -24.28 10.65
N ASP B 335 28.68 -24.88 10.44
CA ASP B 335 28.40 -26.28 10.78
C ASP B 335 28.72 -27.22 9.61
N ASN B 336 28.82 -28.55 9.91
CA ASN B 336 29.12 -29.64 8.97
C ASN B 336 30.37 -29.37 8.10
N VAL B 337 31.42 -28.80 8.71
CA VAL B 337 32.68 -28.51 8.04
C VAL B 337 33.50 -29.82 7.98
N PRO B 338 33.95 -30.26 6.77
CA PRO B 338 34.72 -31.53 6.70
C PRO B 338 36.01 -31.47 7.51
N ASP B 339 36.45 -32.65 7.99
CA ASP B 339 37.65 -32.82 8.81
C ASP B 339 38.93 -32.33 8.16
N ASN B 340 39.00 -32.40 6.81
CA ASN B 340 40.15 -31.95 6.02
C ASN B 340 40.16 -30.44 5.75
N MET B 341 39.01 -29.76 5.97
CA MET B 341 38.88 -28.31 5.71
C MET B 341 38.76 -27.47 6.98
N SER B 342 39.06 -26.17 6.86
CA SER B 342 38.99 -25.17 7.93
C SER B 342 38.16 -23.95 7.48
N VAL B 343 37.66 -23.17 8.45
CA VAL B 343 36.87 -21.96 8.18
C VAL B 343 37.82 -20.76 8.16
N TYR B 344 37.76 -19.98 7.08
CA TYR B 344 38.59 -18.81 6.83
C TYR B 344 37.77 -17.54 6.66
N LEU B 345 38.29 -16.41 7.16
CA LEU B 345 37.66 -15.10 7.06
C LEU B 345 38.58 -14.12 6.32
N HIS B 346 38.03 -13.46 5.30
CA HIS B 346 38.75 -12.43 4.55
C HIS B 346 38.66 -11.20 5.44
N THR B 347 39.80 -10.78 6.01
CA THR B 347 39.84 -9.64 6.95
C THR B 347 39.96 -8.26 6.28
N ASN B 348 40.11 -8.21 4.94
CA ASN B 348 40.22 -6.93 4.22
C ASN B 348 39.62 -7.01 2.80
N LEU B 349 38.37 -7.51 2.70
CA LEU B 349 37.64 -7.68 1.43
C LEU B 349 37.62 -6.44 0.57
N LEU B 350 37.36 -5.28 1.18
CA LEU B 350 37.37 -3.97 0.54
C LEU B 350 37.90 -3.00 1.60
N MET B 351 39.02 -2.32 1.31
CA MET B 351 39.63 -1.39 2.25
C MET B 351 40.05 -0.07 1.60
N PHE B 352 39.93 1.03 2.36
CA PHE B 352 40.28 2.36 1.88
C PHE B 352 41.08 3.13 2.92
N GLY B 353 42.07 3.87 2.44
CA GLY B 353 42.96 4.71 3.24
C GLY B 353 43.70 5.71 2.38
N THR B 354 43.88 6.93 2.89
CA THR B 354 44.58 8.02 2.18
C THR B 354 46.05 8.15 2.58
N ARG B 355 46.39 7.63 3.77
CA ARG B 355 47.74 7.65 4.33
C ARG B 355 48.17 6.23 4.73
N LYS B 356 49.49 5.97 4.70
CA LYS B 356 50.11 4.67 4.98
C LYS B 356 49.83 4.09 6.38
N ASN B 357 49.64 4.93 7.40
CA ASN B 357 49.38 4.43 8.76
C ASN B 357 48.33 5.26 9.52
N SER B 358 47.20 5.57 8.84
CA SER B 358 46.09 6.33 9.40
C SER B 358 44.82 5.45 9.54
N PHE B 359 43.61 6.07 9.52
CA PHE B 359 42.32 5.40 9.62
C PHE B 359 42.04 4.57 8.35
N ILE B 360 41.38 3.40 8.52
CA ILE B 360 41.07 2.49 7.41
C ILE B 360 39.58 2.12 7.37
N TYR B 361 38.94 2.27 6.19
CA TYR B 361 37.54 1.87 6.00
C TYR B 361 37.55 0.45 5.43
N ASN B 362 37.39 -0.54 6.31
CA ASN B 362 37.41 -1.96 5.94
C ASN B 362 36.00 -2.57 6.04
N ILE B 363 35.46 -3.05 4.91
CA ILE B 363 34.11 -3.62 4.83
C ILE B 363 33.99 -4.90 5.66
N SER B 364 35.10 -5.62 5.89
CA SER B 364 35.13 -6.85 6.69
C SER B 364 34.86 -6.52 8.16
N LYS B 365 35.29 -5.32 8.61
CA LYS B 365 35.07 -4.84 9.98
C LYS B 365 33.58 -4.53 10.23
N LYS B 366 32.82 -4.24 9.14
CA LYS B 366 31.38 -3.93 9.18
C LYS B 366 30.52 -5.18 9.51
N PHE B 367 31.15 -6.34 9.68
CA PHE B 367 30.50 -7.60 10.04
C PHE B 367 30.85 -7.98 11.48
N SER B 368 29.89 -8.52 12.23
CA SER B 368 30.09 -8.92 13.62
C SER B 368 29.87 -10.41 13.88
N ALA B 369 28.92 -11.03 13.15
CA ALA B 369 28.61 -12.46 13.26
C ALA B 369 28.15 -13.07 11.94
N ILE B 370 28.74 -14.23 11.60
CA ILE B 370 28.42 -15.00 10.39
C ILE B 370 28.25 -16.47 10.77
N THR B 371 27.01 -16.97 10.65
CA THR B 371 26.65 -18.36 10.95
C THR B 371 26.09 -19.04 9.71
N GLY B 372 26.38 -20.32 9.57
CA GLY B 372 25.91 -21.12 8.45
C GLY B 372 26.23 -22.59 8.56
N THR B 373 25.94 -23.34 7.49
CA THR B 373 26.18 -24.78 7.40
C THR B 373 26.76 -25.13 6.03
N TYR B 374 27.84 -25.93 6.02
CA TYR B 374 28.49 -26.37 4.80
C TYR B 374 27.70 -27.52 4.20
N SER B 375 27.36 -27.39 2.90
CA SER B 375 26.63 -28.40 2.16
C SER B 375 27.64 -29.28 1.43
N ASP B 376 27.71 -30.56 1.80
CA ASP B 376 28.62 -31.53 1.20
C ASP B 376 28.21 -31.84 -0.24
N ALA B 377 26.88 -31.88 -0.51
CA ALA B 377 26.31 -32.17 -1.82
C ALA B 377 26.64 -31.10 -2.88
N THR B 378 26.53 -29.81 -2.53
CA THR B 378 26.80 -28.70 -3.46
C THR B 378 28.19 -28.08 -3.27
N LYS B 379 28.95 -28.54 -2.23
CA LYS B 379 30.30 -28.08 -1.88
C LYS B 379 30.34 -26.55 -1.70
N ARG B 380 29.31 -26.00 -1.05
CA ARG B 380 29.19 -24.57 -0.78
C ARG B 380 28.64 -24.31 0.63
N THR B 381 28.87 -23.10 1.13
CA THR B 381 28.47 -22.66 2.46
C THR B 381 27.13 -21.95 2.36
N ILE B 382 26.12 -22.47 3.07
CA ILE B 382 24.77 -21.93 3.11
C ILE B 382 24.68 -21.10 4.39
N PHE B 383 24.65 -19.76 4.25
CA PHE B 383 24.61 -18.84 5.39
C PHE B 383 23.22 -18.72 6.01
N ALA B 384 23.15 -18.93 7.34
CA ALA B 384 21.92 -18.89 8.13
C ALA B 384 21.59 -17.49 8.60
N HIS B 385 22.45 -16.89 9.44
CA HIS B 385 22.24 -15.54 9.96
C HIS B 385 23.50 -14.70 9.90
N ILE B 386 23.35 -13.45 9.46
CA ILE B 386 24.43 -12.47 9.35
C ILE B 386 24.09 -11.24 10.21
N SER B 387 25.01 -10.88 11.11
CA SER B 387 24.91 -9.68 11.93
C SER B 387 25.96 -8.72 11.38
N HIS B 388 25.49 -7.60 10.81
CA HIS B 388 26.37 -6.61 10.19
C HIS B 388 25.87 -5.18 10.40
N SER B 389 26.68 -4.21 9.95
CA SER B 389 26.40 -2.78 10.03
C SER B 389 26.45 -2.11 8.64
N ILE B 390 26.33 -2.93 7.56
CA ILE B 390 26.33 -2.47 6.15
C ILE B 390 25.14 -1.54 5.92
N ASN B 391 25.40 -0.40 5.26
CA ASN B 391 24.38 0.62 4.98
C ASN B 391 24.13 0.80 3.46
N ILE B 392 23.12 1.63 3.13
CA ILE B 392 22.72 1.94 1.75
C ILE B 392 23.86 2.65 0.98
N ILE B 393 24.72 3.41 1.71
CA ILE B 393 25.85 4.13 1.13
C ILE B 393 26.87 3.12 0.57
N ASP B 394 27.22 2.07 1.36
CA ASP B 394 28.16 1.00 1.00
C ASP B 394 27.83 0.37 -0.34
N THR B 395 26.53 0.09 -0.56
CA THR B 395 26.00 -0.51 -1.78
C THR B 395 26.13 0.47 -2.97
N SER B 396 26.08 1.78 -2.68
CA SER B 396 26.11 2.86 -3.67
C SER B 396 27.53 3.36 -4.02
N ILE B 397 28.58 2.68 -3.53
CA ILE B 397 29.96 3.05 -3.84
C ILE B 397 30.40 2.44 -5.19
N PRO B 398 30.78 3.27 -6.19
CA PRO B 398 31.27 2.71 -7.47
C PRO B 398 32.62 2.03 -7.24
N VAL B 399 32.82 0.83 -7.85
CA VAL B 399 34.03 0.01 -7.71
C VAL B 399 35.32 0.81 -7.96
N SER B 400 35.29 1.78 -8.92
CA SER B 400 36.41 2.66 -9.27
C SER B 400 37.03 3.32 -8.05
N LEU B 401 36.17 3.80 -7.10
CA LEU B 401 36.61 4.48 -5.89
C LEU B 401 37.38 3.59 -4.93
N TRP B 402 37.15 2.26 -4.95
CA TRP B 402 37.92 1.35 -4.09
C TRP B 402 39.33 1.21 -4.65
N THR B 403 39.46 1.18 -5.98
CA THR B 403 40.73 1.06 -6.69
C THR B 403 41.27 2.40 -7.23
N SER B 404 40.82 3.54 -6.66
CA SER B 404 41.27 4.88 -7.07
C SER B 404 42.71 5.15 -6.63
N GLN B 405 43.36 6.18 -7.24
CA GLN B 405 44.73 6.58 -6.93
C GLN B 405 44.88 7.06 -5.48
N ARG B 406 43.86 7.80 -4.96
CA ARG B 406 43.79 8.32 -3.57
C ARG B 406 44.08 7.23 -2.55
N ASN B 407 43.58 5.99 -2.80
CA ASN B 407 43.75 4.83 -1.93
C ASN B 407 45.19 4.32 -1.94
N VAL B 408 45.80 4.25 -0.75
CA VAL B 408 47.17 3.76 -0.57
C VAL B 408 47.22 2.23 -0.65
N TYR B 409 46.11 1.58 -0.23
CA TYR B 409 45.92 0.13 -0.26
C TYR B 409 45.48 -0.29 -1.66
N ASN B 410 45.45 -1.62 -1.94
CA ASN B 410 45.00 -2.15 -3.22
C ASN B 410 43.53 -1.76 -3.45
N GLY B 411 42.70 -1.98 -2.41
CA GLY B 411 41.29 -1.61 -2.40
C GLY B 411 40.32 -2.75 -2.57
N ASP B 412 40.27 -3.32 -3.79
CA ASP B 412 39.38 -4.42 -4.13
C ASP B 412 40.11 -5.76 -4.02
N ASN B 413 39.92 -6.44 -2.88
CA ASN B 413 40.58 -7.72 -2.62
C ASN B 413 39.64 -8.93 -2.79
N ARG B 414 38.60 -8.73 -3.64
CA ARG B 414 37.62 -9.76 -3.99
C ARG B 414 38.25 -10.75 -4.99
N SER B 415 37.57 -11.89 -5.21
CA SER B 415 37.98 -12.90 -6.18
C SER B 415 37.67 -12.39 -7.60
N ALA B 416 38.37 -12.94 -8.61
CA ALA B 416 38.15 -12.57 -10.03
C ALA B 416 36.71 -12.89 -10.45
N GLU B 417 36.15 -13.96 -9.85
CA GLU B 417 34.78 -14.45 -10.05
C GLU B 417 33.79 -13.37 -9.62
N SER B 418 33.97 -12.84 -8.39
CA SER B 418 33.16 -11.78 -7.79
C SER B 418 33.24 -10.49 -8.61
N LYS B 419 34.48 -10.09 -9.02
CA LYS B 419 34.73 -8.87 -9.80
C LYS B 419 34.08 -8.90 -11.19
N ALA B 420 33.94 -10.10 -11.77
CA ALA B 420 33.32 -10.32 -13.09
C ALA B 420 31.80 -10.12 -13.04
N LYS B 421 31.20 -10.28 -11.82
CA LYS B 421 29.76 -10.16 -11.57
C LYS B 421 29.30 -8.69 -11.35
N ASP B 422 30.24 -7.71 -11.34
CA ASP B 422 29.94 -6.29 -11.16
C ASP B 422 29.08 -5.75 -12.28
N LEU B 423 28.17 -4.83 -11.96
CA LEU B 423 27.23 -4.28 -12.94
C LEU B 423 27.35 -2.79 -13.20
N PHE B 424 27.26 -2.39 -14.47
CA PHE B 424 27.26 -1.00 -14.91
C PHE B 424 25.86 -0.43 -14.69
N ILE B 425 25.74 0.60 -13.84
CA ILE B 425 24.48 1.28 -13.55
C ILE B 425 24.63 2.75 -13.98
N ASN B 426 23.79 3.18 -14.93
CA ASN B 426 23.81 4.54 -15.48
C ASN B 426 22.45 5.24 -15.39
N ASP B 427 21.65 4.92 -14.36
CA ASP B 427 20.33 5.51 -14.14
C ASP B 427 20.42 7.05 -14.16
N PRO B 428 19.69 7.73 -15.06
CA PRO B 428 19.82 9.19 -15.15
C PRO B 428 19.15 9.98 -14.03
N PHE B 429 18.24 9.34 -13.26
CA PHE B 429 17.46 10.03 -12.24
C PHE B 429 17.87 9.70 -10.78
N ILE B 430 19.17 9.38 -10.54
CA ILE B 430 19.67 9.11 -9.19
C ILE B 430 19.77 10.45 -8.44
N LYS B 431 19.34 10.48 -7.18
CA LYS B 431 19.39 11.66 -6.32
C LYS B 431 20.21 11.37 -5.08
N GLY B 432 20.81 12.42 -4.50
CA GLY B 432 21.64 12.30 -3.31
C GLY B 432 22.99 11.68 -3.58
N ILE B 433 23.42 10.77 -2.71
CA ILE B 433 24.70 10.09 -2.84
C ILE B 433 24.52 8.56 -2.75
N ASP B 434 23.28 8.11 -2.52
CA ASP B 434 22.92 6.70 -2.44
C ASP B 434 21.74 6.36 -3.37
N PHE B 435 21.62 5.08 -3.75
CA PHE B 435 20.58 4.56 -4.66
C PHE B 435 19.15 4.80 -4.18
N LYS B 436 18.95 4.90 -2.85
CA LYS B 436 17.64 5.13 -2.26
C LYS B 436 17.36 6.59 -1.90
N ASN B 437 18.35 7.50 -2.10
CA ASN B 437 18.27 8.92 -1.75
C ASN B 437 17.93 9.10 -0.25
N LYS B 438 18.46 8.16 0.57
CA LYS B 438 18.26 8.08 2.02
C LYS B 438 19.04 9.18 2.73
N THR B 439 20.37 9.24 2.50
CA THR B 439 21.28 10.20 3.13
C THR B 439 20.98 11.62 2.71
N ASP B 440 20.62 12.45 3.70
CA ASP B 440 20.34 13.86 3.47
C ASP B 440 21.66 14.52 3.73
N ILE B 441 22.31 15.00 2.66
CA ILE B 441 23.62 15.63 2.71
C ILE B 441 23.51 17.16 2.83
N ILE B 442 22.29 17.70 2.68
CA ILE B 442 22.08 19.13 2.88
C ILE B 442 21.86 19.35 4.39
N SER B 443 22.83 20.01 5.04
CA SER B 443 22.80 20.33 6.47
C SER B 443 22.06 21.64 6.72
N ARG B 444 22.07 22.55 5.72
CA ARG B 444 21.41 23.85 5.76
C ARG B 444 21.09 24.34 4.34
N LEU B 445 19.93 24.96 4.16
CA LEU B 445 19.49 25.53 2.89
C LEU B 445 19.24 27.02 3.05
N GLU B 446 19.69 27.81 2.07
CA GLU B 446 19.51 29.26 2.03
C GLU B 446 19.06 29.63 0.63
N VAL B 447 17.94 30.34 0.52
CA VAL B 447 17.37 30.80 -0.75
C VAL B 447 17.28 32.32 -0.68
N ARG B 448 17.92 33.00 -1.63
CA ARG B 448 17.96 34.45 -1.71
C ARG B 448 17.29 35.00 -2.96
N PHE B 449 16.38 35.97 -2.78
CA PHE B 449 15.74 36.67 -3.89
C PHE B 449 16.49 38.02 -3.95
N GLY B 450 17.52 38.06 -4.79
CA GLY B 450 18.41 39.20 -4.93
C GLY B 450 19.46 39.15 -3.84
N ASN B 451 19.55 40.21 -3.03
CA ASN B 451 20.48 40.30 -1.90
C ASN B 451 19.84 39.79 -0.61
N ASP B 452 18.51 39.95 -0.49
CA ASP B 452 17.71 39.51 0.66
C ASP B 452 17.51 38.01 0.70
N VAL B 453 17.46 37.45 1.91
CA VAL B 453 17.18 36.05 2.21
C VAL B 453 15.65 35.86 2.15
N LEU B 454 15.19 35.04 1.20
CA LEU B 454 13.78 34.73 1.02
C LEU B 454 13.35 33.63 2.00
N TYR B 455 14.19 32.59 2.11
CA TYR B 455 13.96 31.45 2.99
C TYR B 455 15.27 30.80 3.44
N SER B 456 15.27 30.26 4.67
CA SER B 456 16.41 29.56 5.26
C SER B 456 15.91 28.46 6.20
N GLU B 457 16.57 27.29 6.17
CA GLU B 457 16.22 26.16 7.02
C GLU B 457 17.43 25.30 7.38
N ASN B 458 17.38 24.66 8.56
CA ASN B 458 18.42 23.75 9.04
C ASN B 458 17.98 22.28 8.89
N GLY B 459 16.67 22.07 8.93
CA GLY B 459 16.03 20.77 8.75
C GLY B 459 15.24 20.73 7.46
N PRO B 460 14.90 19.55 6.90
CA PRO B 460 14.15 19.52 5.64
C PRO B 460 12.64 19.72 5.83
N ILE B 461 12.25 20.83 6.51
CA ILE B 461 10.84 21.15 6.78
C ILE B 461 10.10 21.48 5.47
N SER B 462 10.81 22.04 4.46
CA SER B 462 10.24 22.32 3.15
C SER B 462 9.94 21.02 2.42
N ARG B 463 10.78 19.97 2.65
CA ARG B 463 10.58 18.63 2.08
C ARG B 463 9.38 17.96 2.79
N ILE B 464 9.26 18.16 4.13
CA ILE B 464 8.14 17.64 4.93
C ILE B 464 6.81 18.24 4.44
N TYR B 465 6.77 19.57 4.21
CA TYR B 465 5.58 20.24 3.67
C TYR B 465 5.27 19.76 2.26
N ASN B 466 6.30 19.57 1.42
CA ASN B 466 6.13 19.07 0.05
C ASN B 466 5.49 17.68 0.09
N GLU B 467 6.04 16.78 0.92
CA GLU B 467 5.55 15.41 1.10
C GLU B 467 4.11 15.37 1.62
N LEU B 468 3.77 16.23 2.61
CA LEU B 468 2.43 16.32 3.18
C LEU B 468 1.41 16.89 2.18
N LEU B 469 1.69 18.09 1.63
CA LEU B 469 0.81 18.80 0.70
C LEU B 469 0.57 18.06 -0.62
N THR B 470 1.55 17.30 -1.13
CA THR B 470 1.40 16.55 -2.38
C THR B 470 1.02 15.08 -2.16
N LYS B 471 0.96 14.62 -0.88
CA LYS B 471 0.65 13.25 -0.47
C LYS B 471 1.62 12.26 -1.15
N SER B 472 2.92 12.61 -1.11
CA SER B 472 4.02 11.84 -1.71
C SER B 472 5.02 11.40 -0.65
N ASN B 473 5.61 10.22 -0.83
CA ASN B 473 6.60 9.67 0.09
C ASN B 473 8.03 10.01 -0.37
N ASN B 474 8.15 10.52 -1.61
CA ASN B 474 9.42 10.89 -2.23
C ASN B 474 9.41 12.34 -2.72
N GLY B 475 9.38 13.26 -1.78
CA GLY B 475 9.39 14.69 -2.07
C GLY B 475 10.78 15.29 -2.08
N THR B 476 10.83 16.60 -2.39
CA THR B 476 12.07 17.41 -2.44
C THR B 476 11.85 18.69 -1.61
N ARG B 477 12.96 19.37 -1.23
CA ARG B 477 12.88 20.64 -0.50
C ARG B 477 12.25 21.65 -1.46
N THR B 478 10.93 21.84 -1.35
CA THR B 478 10.15 22.70 -2.24
C THR B 478 9.50 23.87 -1.53
N LEU B 479 9.63 25.07 -2.13
CA LEU B 479 9.04 26.31 -1.66
C LEU B 479 7.85 26.62 -2.56
N THR B 480 6.63 26.43 -2.04
CA THR B 480 5.40 26.68 -2.79
C THR B 480 4.90 28.08 -2.50
N PHE B 481 4.66 28.86 -3.57
CA PHE B 481 4.17 30.23 -3.49
C PHE B 481 2.69 30.32 -3.86
N ASN B 482 2.19 29.30 -4.57
CA ASN B 482 0.80 29.24 -5.02
C ASN B 482 -0.03 28.20 -4.22
N PHE B 483 -0.94 28.69 -3.36
CA PHE B 483 -1.85 27.87 -2.56
C PHE B 483 -3.30 28.14 -3.00
N THR B 484 -3.45 28.81 -4.15
CA THR B 484 -4.72 29.18 -4.77
C THR B 484 -5.16 28.03 -5.68
N PRO B 485 -6.47 27.67 -5.71
CA PRO B 485 -6.91 26.56 -6.59
C PRO B 485 -6.52 26.76 -8.05
N LYS B 486 -5.91 25.72 -8.65
CA LYS B 486 -5.42 25.73 -10.03
C LYS B 486 -6.56 25.80 -11.05
N ILE B 487 -6.26 26.36 -12.25
CA ILE B 487 -7.13 26.49 -13.43
C ILE B 487 -8.24 27.55 -13.23
N PHE B 488 -9.01 27.47 -12.13
CA PHE B 488 -10.11 28.40 -11.84
C PHE B 488 -9.65 29.78 -11.34
N PHE B 489 -8.34 29.94 -11.09
CA PHE B 489 -7.74 31.17 -10.60
C PHE B 489 -6.37 31.44 -11.24
N ARG B 490 -5.94 32.71 -11.24
CA ARG B 490 -4.61 33.09 -11.70
C ARG B 490 -3.66 32.71 -10.56
N PRO B 491 -2.66 31.83 -10.79
CA PRO B 491 -1.78 31.41 -9.69
C PRO B 491 -1.03 32.53 -8.97
N THR B 492 -0.88 32.38 -7.65
CA THR B 492 -0.16 33.31 -6.78
C THR B 492 1.33 33.09 -7.03
N THR B 493 2.03 34.17 -7.40
CA THR B 493 3.45 34.10 -7.72
C THR B 493 4.31 35.05 -6.90
N ILE B 494 5.60 34.70 -6.76
CA ILE B 494 6.58 35.54 -6.09
C ILE B 494 6.94 36.67 -7.08
N THR B 495 6.52 37.90 -6.75
CA THR B 495 6.69 39.08 -7.58
C THR B 495 8.13 39.61 -7.50
N ALA B 496 8.73 39.89 -8.69
CA ALA B 496 10.10 40.39 -8.84
C ALA B 496 10.20 41.93 -8.77
N ASN B 497 11.42 42.44 -8.52
CA ASN B 497 11.74 43.87 -8.51
C ASN B 497 13.10 44.08 -9.18
N VAL B 498 13.08 44.17 -10.53
CA VAL B 498 14.26 44.30 -11.41
C VAL B 498 15.16 45.48 -10.98
N SER B 499 14.54 46.64 -10.64
CA SER B 499 15.21 47.85 -10.19
C SER B 499 16.07 47.62 -8.94
N ARG B 500 15.57 46.80 -7.99
CA ARG B 500 16.27 46.46 -6.74
C ARG B 500 17.15 45.20 -6.86
N GLY B 501 17.28 44.67 -8.08
CA GLY B 501 18.07 43.48 -8.36
C GLY B 501 17.47 42.17 -7.87
N LYS B 502 16.14 42.16 -7.65
CA LYS B 502 15.37 41.00 -7.18
C LYS B 502 14.67 40.33 -8.37
N ASP B 503 15.47 39.81 -9.31
CA ASP B 503 14.99 39.14 -10.53
C ASP B 503 15.72 37.82 -10.74
N LYS B 504 16.33 37.28 -9.68
CA LYS B 504 17.07 36.02 -9.67
C LYS B 504 16.96 35.30 -8.32
N LEU B 505 16.91 33.95 -8.35
CA LEU B 505 16.85 33.14 -7.14
C LEU B 505 18.16 32.40 -6.95
N SER B 506 18.89 32.76 -5.88
CA SER B 506 20.19 32.17 -5.57
C SER B 506 20.06 31.18 -4.41
N VAL B 507 20.40 29.92 -4.67
CA VAL B 507 20.34 28.85 -3.69
C VAL B 507 21.74 28.51 -3.20
N ARG B 508 21.93 28.50 -1.87
CA ARG B 508 23.19 28.14 -1.22
C ARG B 508 22.93 27.07 -0.16
N VAL B 509 23.63 25.94 -0.28
CA VAL B 509 23.53 24.84 0.69
C VAL B 509 24.81 24.73 1.51
N VAL B 510 24.73 23.97 2.60
CA VAL B 510 25.87 23.66 3.44
C VAL B 510 25.85 22.13 3.46
N TYR B 511 26.77 21.50 2.73
CA TYR B 511 26.87 20.04 2.64
C TYR B 511 27.48 19.46 3.91
N SER B 512 27.05 18.26 4.30
CA SER B 512 27.58 17.58 5.49
C SER B 512 29.04 17.17 5.25
N THR B 513 29.90 17.40 6.24
CA THR B 513 31.32 17.06 6.14
C THR B 513 31.52 15.56 6.40
N MET B 514 32.21 14.88 5.48
CA MET B 514 32.47 13.43 5.54
C MET B 514 33.94 13.12 5.71
N ASP B 515 34.25 11.90 6.17
CA ASP B 515 35.62 11.44 6.39
C ASP B 515 36.31 11.12 5.06
N VAL B 516 37.58 11.54 4.93
CA VAL B 516 38.39 11.34 3.71
C VAL B 516 38.78 9.86 3.50
N ASN B 517 38.71 9.04 4.55
CA ASN B 517 39.05 7.62 4.44
C ASN B 517 37.83 6.75 4.12
N HIS B 518 36.68 7.39 3.81
CA HIS B 518 35.42 6.75 3.43
C HIS B 518 35.25 6.97 1.92
N PRO B 519 35.09 5.92 1.09
CA PRO B 519 35.02 6.13 -0.38
C PRO B 519 33.93 7.07 -0.89
N ILE B 520 32.79 7.22 -0.18
CA ILE B 520 31.68 8.08 -0.60
C ILE B 520 32.03 9.59 -0.62
N TYR B 521 33.08 10.00 0.12
CA TYR B 521 33.58 11.38 0.19
C TYR B 521 33.94 11.89 -1.23
N TYR B 522 34.37 10.95 -2.10
CA TYR B 522 34.84 11.18 -3.46
C TYR B 522 33.72 11.07 -4.50
N VAL B 523 32.46 10.94 -4.04
CA VAL B 523 31.31 10.92 -4.95
C VAL B 523 30.96 12.37 -5.19
N GLN B 524 31.17 12.81 -6.44
CA GLN B 524 30.92 14.17 -6.87
C GLN B 524 29.44 14.51 -6.77
N LYS B 525 29.13 15.74 -6.31
CA LYS B 525 27.77 16.22 -6.09
C LYS B 525 27.42 17.33 -7.05
N GLN B 526 26.12 17.48 -7.35
CA GLN B 526 25.59 18.54 -8.19
C GLN B 526 24.27 19.04 -7.61
N LEU B 527 24.18 20.35 -7.41
CA LEU B 527 22.97 20.98 -6.89
C LEU B 527 22.00 21.27 -8.02
N VAL B 528 20.76 20.77 -7.89
CA VAL B 528 19.71 20.97 -8.90
C VAL B 528 18.63 21.87 -8.31
N VAL B 529 18.33 22.97 -9.01
CA VAL B 529 17.32 23.94 -8.59
C VAL B 529 16.28 24.07 -9.69
N VAL B 530 15.01 23.76 -9.37
CA VAL B 530 13.90 23.81 -10.32
C VAL B 530 12.95 24.96 -10.00
N CYS B 531 12.64 25.78 -11.02
CA CYS B 531 11.76 26.93 -10.91
C CYS B 531 10.55 26.80 -11.84
N ASN B 532 9.33 27.02 -11.32
CA ASN B 532 8.11 26.95 -12.12
C ASN B 532 7.65 28.37 -12.44
N ASP B 533 7.94 28.82 -13.67
CA ASP B 533 7.61 30.15 -14.17
C ASP B 533 6.18 30.22 -14.68
N LEU B 534 5.49 31.33 -14.38
CA LEU B 534 4.11 31.55 -14.81
C LEU B 534 4.08 32.17 -16.20
N TYR B 535 3.25 31.59 -17.07
CA TYR B 535 3.04 32.01 -18.45
C TYR B 535 1.54 32.15 -18.74
N LYS B 536 1.17 33.05 -19.65
CA LYS B 536 -0.22 33.24 -20.06
C LYS B 536 -0.45 32.59 -21.42
N VAL B 537 -1.43 31.69 -21.50
CA VAL B 537 -1.81 31.01 -22.73
C VAL B 537 -2.84 31.86 -23.48
N SER B 538 -2.46 32.33 -24.68
CA SER B 538 -3.26 33.16 -25.57
C SER B 538 -3.66 32.31 -26.76
N TYR B 539 -4.93 32.42 -27.17
CA TYR B 539 -5.45 31.65 -28.30
C TYR B 539 -5.79 32.51 -29.53
N ASP B 540 -5.49 33.83 -29.46
CA ASP B 540 -5.73 34.76 -30.56
C ASP B 540 -4.74 34.50 -31.70
N GLN B 541 -5.26 34.03 -32.85
CA GLN B 541 -4.49 33.65 -34.05
C GLN B 541 -3.46 32.55 -33.73
N GLY B 542 -3.98 31.39 -33.29
CA GLY B 542 -3.18 30.23 -32.90
C GLY B 542 -2.83 30.22 -31.42
N VAL B 543 -2.30 29.08 -30.93
CA VAL B 543 -1.91 28.91 -29.52
C VAL B 543 -0.54 29.55 -29.29
N SER B 544 -0.41 30.34 -28.21
CA SER B 544 0.85 31.03 -27.86
C SER B 544 0.98 31.24 -26.36
N ILE B 545 2.24 31.27 -25.85
CA ILE B 545 2.50 31.51 -24.43
C ILE B 545 3.34 32.79 -24.25
N THR B 546 3.08 33.53 -23.16
CA THR B 546 3.78 34.79 -22.84
C THR B 546 4.21 34.77 -21.37
N LYS B 547 5.51 34.97 -21.11
CA LYS B 547 6.09 34.98 -19.76
C LYS B 547 5.57 36.17 -18.94
N ILE B 548 4.90 35.88 -17.80
CA ILE B 548 4.35 36.89 -16.88
C ILE B 548 5.54 37.62 -16.23
N MET B 549 5.62 38.95 -16.45
CA MET B 549 6.68 39.81 -15.93
C MET B 549 6.14 41.11 -15.35
N ILE C 18 -8.39 46.69 -8.57
CA ILE C 18 -8.85 45.51 -9.31
C ILE C 18 -9.76 44.61 -8.44
N LYS C 19 -10.84 44.08 -9.06
CA LYS C 19 -11.80 43.18 -8.41
C LYS C 19 -11.17 41.80 -8.21
N ARG C 20 -11.14 41.34 -6.94
CA ARG C 20 -10.53 40.06 -6.55
C ARG C 20 -11.52 39.15 -5.84
N SER C 21 -11.43 37.83 -6.13
CA SER C 21 -12.27 36.80 -5.49
C SER C 21 -11.67 36.47 -4.12
N ASN C 22 -12.52 36.41 -3.07
CA ASN C 22 -12.05 36.11 -1.71
C ASN C 22 -11.64 34.65 -1.58
N VAL C 23 -10.34 34.45 -1.34
CA VAL C 23 -9.72 33.12 -1.22
C VAL C 23 -9.38 32.82 0.25
N PHE C 24 -9.58 33.80 1.15
CA PHE C 24 -9.26 33.62 2.57
C PHE C 24 -10.49 33.54 3.49
N ALA C 25 -11.69 33.75 2.93
CA ALA C 25 -12.95 33.68 3.68
C ALA C 25 -14.09 33.28 2.77
N VAL C 26 -15.15 32.71 3.35
CA VAL C 26 -16.32 32.24 2.61
C VAL C 26 -17.60 32.39 3.43
N ASP C 27 -18.71 32.74 2.75
CA ASP C 27 -20.03 32.90 3.37
C ASP C 27 -20.55 31.49 3.68
N SER C 28 -20.67 31.16 4.97
CA SER C 28 -21.15 29.83 5.39
C SER C 28 -22.66 29.72 5.12
N GLN C 29 -23.02 29.03 4.03
CA GLN C 29 -24.41 28.83 3.60
C GLN C 29 -25.18 27.96 4.58
N ILE C 30 -26.44 28.32 4.88
CA ILE C 30 -27.27 27.51 5.77
C ILE C 30 -27.83 26.34 4.95
N PRO C 31 -27.52 25.08 5.34
CA PRO C 31 -28.01 23.93 4.56
C PRO C 31 -29.48 23.60 4.81
N THR C 32 -30.01 22.63 4.04
CA THR C 32 -31.36 22.10 4.19
C THR C 32 -31.42 21.43 5.56
N LEU C 33 -32.48 21.67 6.34
CA LEU C 33 -32.58 21.05 7.66
C LEU C 33 -32.89 19.55 7.55
N TYR C 34 -31.95 18.73 8.01
CA TYR C 34 -32.07 17.27 8.00
C TYR C 34 -31.41 16.67 9.22
N MET C 35 -31.58 15.36 9.37
CA MET C 35 -31.01 14.58 10.45
C MET C 35 -30.73 13.17 9.93
N PRO C 36 -29.46 12.71 9.94
CA PRO C 36 -29.17 11.36 9.44
C PRO C 36 -29.31 10.27 10.50
N GLN C 37 -29.51 9.03 10.06
CA GLN C 37 -29.63 7.87 10.95
C GLN C 37 -29.18 6.59 10.25
N TYR C 38 -28.32 5.79 10.93
CA TYR C 38 -27.89 4.50 10.37
C TYR C 38 -29.01 3.49 10.66
N ILE C 39 -29.75 3.09 9.62
CA ILE C 39 -30.87 2.16 9.76
C ILE C 39 -30.52 0.78 9.21
N SER C 40 -30.69 -0.27 10.04
CA SER C 40 -30.45 -1.67 9.66
C SER C 40 -31.78 -2.42 9.60
N LEU C 41 -31.98 -3.25 8.56
CA LEU C 41 -33.21 -4.00 8.35
C LEU C 41 -32.99 -5.47 8.07
N SER C 42 -33.79 -6.33 8.71
CA SER C 42 -33.77 -7.78 8.49
C SER C 42 -34.71 -8.03 7.32
N GLY C 43 -34.30 -8.91 6.40
CA GLY C 43 -35.07 -9.19 5.20
C GLY C 43 -35.93 -10.43 5.20
N VAL C 44 -36.54 -10.69 4.03
CA VAL C 44 -37.40 -11.84 3.78
C VAL C 44 -36.64 -12.76 2.83
N MET C 45 -36.33 -13.98 3.27
CA MET C 45 -35.61 -14.96 2.46
C MET C 45 -36.56 -15.83 1.65
N THR C 46 -36.23 -16.02 0.35
CA THR C 46 -37.00 -16.80 -0.61
C THR C 46 -36.03 -17.75 -1.35
N ASN C 47 -36.57 -18.80 -2.02
CA ASN C 47 -35.80 -19.78 -2.79
C ASN C 47 -36.55 -20.19 -4.06
N ASP C 51 -34.47 -21.90 -10.07
CA ASP C 51 -33.30 -22.75 -9.78
C ASP C 51 -33.01 -22.81 -8.27
N ASN C 52 -34.03 -22.45 -7.44
CA ASN C 52 -34.00 -22.41 -5.97
C ASN C 52 -32.90 -21.44 -5.44
N GLN C 53 -32.69 -20.33 -6.18
CA GLN C 53 -31.72 -19.28 -5.87
C GLN C 53 -32.20 -18.46 -4.67
N ALA C 54 -31.30 -18.18 -3.71
CA ALA C 54 -31.62 -17.43 -2.50
C ALA C 54 -31.83 -15.95 -2.82
N ILE C 55 -32.98 -15.40 -2.42
CA ILE C 55 -33.34 -14.00 -2.67
C ILE C 55 -33.74 -13.32 -1.35
N ALA C 56 -33.10 -12.18 -1.04
CA ALA C 56 -33.38 -11.38 0.14
C ALA C 56 -34.08 -10.08 -0.28
N SER C 57 -35.22 -9.78 0.36
CA SER C 57 -35.99 -8.57 0.05
C SER C 57 -36.09 -7.68 1.27
N PHE C 58 -35.74 -6.38 1.09
CA PHE C 58 -35.76 -5.38 2.15
C PHE C 58 -36.70 -4.24 1.77
N GLU C 59 -37.81 -4.08 2.51
CA GLU C 59 -38.80 -3.04 2.24
C GLU C 59 -38.58 -1.80 3.12
N ILE C 60 -38.26 -0.68 2.49
CA ILE C 60 -38.03 0.60 3.14
C ILE C 60 -39.25 1.48 2.87
N ARG C 61 -40.11 1.61 3.88
CA ARG C 61 -41.31 2.44 3.83
C ARG C 61 -41.49 3.10 5.18
N ASP C 62 -41.19 4.41 5.20
CA ASP C 62 -41.27 5.26 6.37
C ASP C 62 -41.49 6.68 5.88
N GLN C 63 -42.46 7.38 6.48
CA GLN C 63 -42.79 8.76 6.14
C GLN C 63 -41.63 9.70 6.43
N TYR C 64 -40.93 9.43 7.54
CA TYR C 64 -39.80 10.23 8.01
C TYR C 64 -38.49 9.93 7.27
N ILE C 65 -38.34 8.74 6.61
CA ILE C 65 -37.13 8.49 5.80
C ILE C 65 -37.38 9.21 4.46
N THR C 66 -36.79 10.42 4.32
CA THR C 66 -36.92 11.28 3.15
C THR C 66 -35.96 10.86 2.04
N ALA C 67 -34.72 10.51 2.40
CA ALA C 67 -33.67 10.10 1.47
C ALA C 67 -32.74 9.05 2.07
N LEU C 68 -32.05 8.27 1.21
CA LEU C 68 -31.10 7.26 1.63
C LEU C 68 -29.94 7.08 0.66
N ASN C 69 -28.79 6.64 1.20
CA ASN C 69 -27.57 6.33 0.45
C ASN C 69 -26.69 5.37 1.28
N HIS C 70 -25.52 4.98 0.74
CA HIS C 70 -24.51 4.10 1.35
C HIS C 70 -25.11 2.78 1.89
N LEU C 71 -25.52 1.91 0.97
CA LEU C 71 -26.08 0.60 1.29
C LEU C 71 -24.95 -0.36 1.68
N VAL C 72 -25.09 -1.05 2.82
CA VAL C 72 -24.10 -2.01 3.32
C VAL C 72 -24.85 -3.27 3.71
N LEU C 73 -24.56 -4.38 3.03
CA LEU C 73 -25.19 -5.66 3.32
C LEU C 73 -24.28 -6.51 4.21
N SER C 74 -24.77 -6.86 5.41
CA SER C 74 -24.01 -7.70 6.33
C SER C 74 -24.41 -9.15 6.16
N LEU C 75 -23.45 -10.07 6.33
CA LEU C 75 -23.71 -11.50 6.20
C LEU C 75 -23.07 -12.29 7.32
N GLU C 76 -23.89 -13.06 8.06
CA GLU C 76 -23.42 -13.89 9.16
C GLU C 76 -23.06 -15.26 8.61
N LEU C 77 -21.75 -15.51 8.47
CA LEU C 77 -21.21 -16.78 7.98
C LEU C 77 -21.22 -17.79 9.14
N PRO C 78 -21.72 -19.02 8.92
CA PRO C 78 -21.83 -19.98 10.03
C PRO C 78 -20.51 -20.66 10.39
N GLU C 79 -20.53 -21.39 11.52
CA GLU C 79 -19.40 -22.18 11.99
C GLU C 79 -19.31 -23.38 11.04
N VAL C 80 -18.10 -23.66 10.54
CA VAL C 80 -17.87 -24.77 9.64
C VAL C 80 -17.16 -25.88 10.43
N LYS C 81 -17.89 -26.99 10.67
CA LYS C 81 -17.38 -28.15 11.41
C LYS C 81 -17.36 -29.39 10.52
N GLY C 82 -16.36 -30.22 10.71
CA GLY C 82 -16.21 -31.47 9.96
C GLY C 82 -14.79 -31.78 9.53
N MET C 83 -14.67 -32.68 8.56
CA MET C 83 -13.39 -33.13 8.02
C MET C 83 -13.11 -32.59 6.62
N GLY C 84 -11.82 -32.47 6.28
CA GLY C 84 -11.36 -31.99 4.99
C GLY C 84 -10.85 -30.56 4.98
N ARG C 85 -10.37 -30.10 3.81
N ARG C 85 -10.37 -30.11 3.81
CA ARG C 85 -9.86 -28.76 3.59
CA ARG C 85 -9.85 -28.76 3.59
C ARG C 85 -10.98 -27.83 3.15
C ARG C 85 -10.98 -27.83 3.16
N PHE C 86 -11.05 -26.63 3.76
CA PHE C 86 -12.09 -25.62 3.48
C PHE C 86 -11.56 -24.21 3.70
N GLY C 87 -12.02 -23.30 2.85
CA GLY C 87 -11.68 -21.88 2.90
C GLY C 87 -12.62 -21.07 2.05
N TYR C 88 -12.80 -19.78 2.39
CA TYR C 88 -13.67 -18.90 1.61
C TYR C 88 -12.83 -18.17 0.55
N VAL C 89 -13.49 -17.76 -0.55
CA VAL C 89 -12.85 -17.00 -1.63
C VAL C 89 -12.49 -15.59 -1.09
N PRO C 90 -11.42 -14.90 -1.57
CA PRO C 90 -11.13 -13.56 -1.05
C PRO C 90 -12.27 -12.61 -1.39
N TYR C 91 -12.59 -11.68 -0.48
CA TYR C 91 -13.70 -10.71 -0.61
C TYR C 91 -15.00 -11.49 -0.79
N VAL C 92 -15.18 -12.54 0.07
CA VAL C 92 -16.29 -13.49 0.10
C VAL C 92 -17.66 -12.80 -0.04
N GLY C 93 -17.87 -11.71 0.70
CA GLY C 93 -19.10 -10.92 0.68
C GLY C 93 -19.54 -10.46 -0.70
N TYR C 94 -18.61 -9.93 -1.51
CA TYR C 94 -18.91 -9.47 -2.87
C TYR C 94 -19.24 -10.64 -3.78
N LYS C 95 -18.50 -11.77 -3.61
CA LYS C 95 -18.67 -12.99 -4.38
C LYS C 95 -20.02 -13.70 -4.14
N CYS C 96 -20.65 -13.42 -2.97
N CYS C 96 -20.66 -13.46 -2.98
CA CYS C 96 -21.96 -13.95 -2.56
CA CYS C 96 -21.96 -14.09 -2.71
C CYS C 96 -23.07 -13.36 -3.42
C CYS C 96 -23.10 -13.37 -3.45
N ILE C 97 -22.91 -12.09 -3.82
CA ILE C 97 -23.87 -11.30 -4.59
C ILE C 97 -23.91 -11.77 -6.05
N ASN C 98 -25.11 -12.06 -6.56
CA ASN C 98 -25.32 -12.41 -7.97
C ASN C 98 -25.93 -11.20 -8.68
N HIS C 99 -26.87 -10.50 -7.99
CA HIS C 99 -27.58 -9.34 -8.49
C HIS C 99 -28.16 -8.54 -7.33
N VAL C 100 -28.24 -7.21 -7.50
CA VAL C 100 -28.83 -6.28 -6.55
C VAL C 100 -29.74 -5.36 -7.34
N SER C 101 -30.96 -5.11 -6.85
CA SER C 101 -31.91 -4.22 -7.51
C SER C 101 -32.68 -3.34 -6.52
N ILE C 102 -32.62 -2.02 -6.72
CA ILE C 102 -33.32 -1.01 -5.93
C ILE C 102 -34.52 -0.61 -6.79
N SER C 103 -35.73 -0.93 -6.30
CA SER C 103 -36.97 -0.65 -7.03
C SER C 103 -38.05 0.02 -6.20
N SER C 104 -38.97 0.73 -6.88
CA SER C 104 -40.12 1.40 -6.30
C SER C 104 -41.39 0.76 -6.86
N CYS C 105 -42.58 1.34 -6.56
CA CYS C 105 -43.85 0.83 -7.08
C CYS C 105 -44.00 1.12 -8.59
N ASN C 106 -43.15 2.02 -9.13
CA ASN C 106 -43.12 2.37 -10.55
C ASN C 106 -42.11 1.50 -11.32
N GLY C 107 -41.43 0.59 -10.61
CA GLY C 107 -40.45 -0.33 -11.18
C GLY C 107 -39.03 -0.16 -10.68
N VAL C 108 -38.07 -0.83 -11.37
CA VAL C 108 -36.63 -0.81 -11.06
C VAL C 108 -36.06 0.58 -11.26
N ILE C 109 -35.39 1.14 -10.23
CA ILE C 109 -34.76 2.46 -10.25
C ILE C 109 -33.29 2.30 -10.66
N TRP C 110 -32.61 1.28 -10.09
CA TRP C 110 -31.21 0.97 -10.35
C TRP C 110 -30.94 -0.49 -10.02
N GLU C 111 -30.10 -1.16 -10.82
CA GLU C 111 -29.71 -2.55 -10.62
C GLU C 111 -28.31 -2.85 -11.15
N ILE C 112 -27.64 -3.83 -10.55
CA ILE C 112 -26.28 -4.22 -10.93
C ILE C 112 -26.06 -5.73 -10.78
N GLU C 113 -25.24 -6.30 -11.67
CA GLU C 113 -24.85 -7.70 -11.61
C GLU C 113 -23.69 -7.79 -10.61
N GLY C 114 -23.70 -8.83 -9.76
CA GLY C 114 -22.72 -9.08 -8.72
C GLY C 114 -21.28 -8.74 -9.05
N GLU C 115 -20.82 -9.20 -10.23
CA GLU C 115 -19.46 -8.96 -10.73
C GLU C 115 -19.17 -7.48 -10.96
N GLU C 116 -20.16 -6.75 -11.50
CA GLU C 116 -20.02 -5.33 -11.80
C GLU C 116 -19.90 -4.49 -10.52
N LEU C 117 -20.64 -4.85 -9.46
CA LEU C 117 -20.56 -4.17 -8.16
C LEU C 117 -19.14 -4.32 -7.60
N TYR C 118 -18.59 -5.54 -7.69
CA TYR C 118 -17.24 -5.89 -7.26
C TYR C 118 -16.20 -5.07 -8.05
N ASN C 119 -16.38 -4.98 -9.39
CA ASN C 119 -15.53 -4.24 -10.30
C ASN C 119 -15.53 -2.75 -9.97
N ASN C 120 -16.69 -2.22 -9.52
CA ASN C 120 -16.84 -0.82 -9.14
C ASN C 120 -16.14 -0.53 -7.79
N CYS C 121 -15.96 -1.57 -6.96
CA CYS C 121 -15.35 -1.47 -5.64
C CYS C 121 -13.91 -2.00 -5.57
N ILE C 122 -13.37 -2.55 -6.69
CA ILE C 122 -12.02 -3.14 -6.76
C ILE C 122 -10.91 -2.15 -6.33
N ASN C 123 -11.11 -0.84 -6.57
CA ASN C 123 -10.15 0.21 -6.22
C ASN C 123 -10.30 0.64 -4.72
N ASN C 124 -11.43 0.26 -4.07
CA ASN C 124 -11.70 0.58 -2.67
C ASN C 124 -11.21 -0.55 -1.75
N THR C 125 -10.04 -0.33 -1.13
CA THR C 125 -9.38 -1.29 -0.22
C THR C 125 -10.20 -1.59 1.03
N ILE C 126 -10.79 -0.52 1.63
CA ILE C 126 -11.61 -0.60 2.85
C ILE C 126 -12.83 -1.49 2.64
N ALA C 127 -13.62 -1.21 1.57
CA ALA C 127 -14.82 -1.97 1.20
C ALA C 127 -14.49 -3.43 0.94
N LEU C 128 -13.32 -3.70 0.30
CA LEU C 128 -12.84 -5.04 0.00
C LEU C 128 -12.47 -5.80 1.27
N LYS C 129 -11.77 -5.13 2.22
CA LYS C 129 -11.38 -5.72 3.50
C LYS C 129 -12.60 -6.11 4.33
N HIS C 130 -13.63 -5.22 4.36
CA HIS C 130 -14.88 -5.42 5.08
C HIS C 130 -15.65 -6.65 4.59
N SER C 131 -15.62 -6.92 3.27
CA SER C 131 -16.34 -8.04 2.66
C SER C 131 -15.73 -9.42 2.95
N GLY C 132 -14.55 -9.45 3.56
CA GLY C 132 -13.94 -10.70 3.94
C GLY C 132 -12.60 -10.97 3.30
N TYR C 133 -11.55 -10.38 3.88
CA TYR C 133 -10.18 -10.60 3.44
C TYR C 133 -9.26 -10.74 4.64
N SER C 134 -9.17 -11.97 5.17
CA SER C 134 -8.37 -12.31 6.36
C SER C 134 -7.80 -13.73 6.25
N SER C 135 -6.75 -14.03 7.07
CA SER C 135 -6.15 -15.36 7.13
C SER C 135 -7.15 -16.32 7.78
N GLU C 136 -8.01 -15.77 8.66
CA GLU C 136 -9.06 -16.50 9.35
C GLU C 136 -10.08 -17.04 8.33
N LEU C 137 -10.48 -16.22 7.33
CA LEU C 137 -11.47 -16.59 6.33
C LEU C 137 -10.93 -17.23 5.04
N ASN C 138 -9.83 -16.69 4.49
CA ASN C 138 -9.35 -17.08 3.17
C ASN C 138 -8.23 -18.11 3.12
N ASP C 139 -7.51 -18.37 4.24
CA ASP C 139 -6.50 -19.45 4.23
C ASP C 139 -7.24 -20.79 4.25
N ILE C 140 -6.66 -21.82 3.62
CA ILE C 140 -7.30 -23.13 3.54
C ILE C 140 -7.06 -23.92 4.85
N SER C 141 -8.09 -23.96 5.72
CA SER C 141 -8.05 -24.65 7.01
C SER C 141 -8.45 -26.12 6.84
N ILE C 142 -7.89 -27.00 7.68
CA ILE C 142 -8.16 -28.45 7.62
C ILE C 142 -8.82 -28.98 8.90
N GLY C 143 -9.88 -29.76 8.71
CA GLY C 143 -10.63 -30.43 9.77
C GLY C 143 -10.19 -31.87 9.87
N LEU C 144 -9.82 -32.32 11.08
CA LEU C 144 -9.31 -33.67 11.29
C LEU C 144 -10.37 -34.66 11.78
N THR C 145 -11.17 -34.27 12.79
CA THR C 145 -12.24 -35.12 13.35
C THR C 145 -13.61 -34.65 12.82
N PRO C 146 -14.67 -35.49 12.78
CA PRO C 146 -15.96 -35.01 12.26
C PRO C 146 -16.61 -33.85 13.01
N ASN C 147 -16.10 -33.52 14.22
CA ASN C 147 -16.60 -32.43 15.05
C ASN C 147 -15.59 -31.27 15.18
N ASP C 148 -14.41 -31.40 14.53
CA ASP C 148 -13.34 -30.40 14.51
C ASP C 148 -13.83 -29.14 13.78
N THR C 149 -13.55 -27.96 14.36
CA THR C 149 -13.95 -26.69 13.75
C THR C 149 -12.93 -26.28 12.71
N ILE C 150 -13.38 -26.14 11.46
CA ILE C 150 -12.56 -25.72 10.32
C ILE C 150 -12.53 -24.18 10.31
N LYS C 151 -13.73 -23.56 10.33
CA LYS C 151 -13.90 -22.11 10.34
C LYS C 151 -14.86 -21.66 11.44
N GLU C 152 -14.44 -20.64 12.21
CA GLU C 152 -15.25 -20.05 13.28
C GLU C 152 -16.30 -19.13 12.64
N PRO C 153 -17.49 -18.92 13.23
CA PRO C 153 -18.47 -18.01 12.61
C PRO C 153 -17.96 -16.57 12.55
N SER C 154 -18.29 -15.85 11.47
CA SER C 154 -17.84 -14.48 11.26
C SER C 154 -18.88 -13.66 10.51
N THR C 155 -18.83 -12.32 10.65
CA THR C 155 -19.73 -11.41 9.94
C THR C 155 -18.94 -10.55 8.94
N VAL C 156 -19.41 -10.52 7.68
CA VAL C 156 -18.79 -9.76 6.60
C VAL C 156 -19.70 -8.61 6.14
N TYR C 157 -19.11 -7.48 5.73
CA TYR C 157 -19.85 -6.29 5.31
C TYR C 157 -19.58 -5.92 3.85
N VAL C 158 -20.64 -5.99 3.01
CA VAL C 158 -20.57 -5.73 1.58
C VAL C 158 -21.12 -4.34 1.26
N TYR C 159 -20.23 -3.41 0.84
CA TYR C 159 -20.67 -2.07 0.49
C TYR C 159 -21.27 -2.04 -0.91
N ILE C 160 -22.61 -1.87 -0.99
CA ILE C 160 -23.35 -1.78 -2.25
C ILE C 160 -23.22 -0.34 -2.77
N LYS C 161 -22.12 -0.08 -3.52
CA LYS C 161 -21.83 1.23 -4.13
C LYS C 161 -22.89 1.52 -5.17
N THR C 162 -23.67 2.59 -4.95
CA THR C 162 -24.74 3.03 -5.84
C THR C 162 -24.46 4.46 -6.34
N PRO C 163 -25.11 4.95 -7.44
CA PRO C 163 -24.85 6.34 -7.89
C PRO C 163 -25.35 7.39 -6.90
N PHE C 164 -26.07 6.97 -5.86
CA PHE C 164 -26.60 7.83 -4.82
C PHE C 164 -25.55 8.25 -3.79
N ASP C 165 -24.31 7.72 -3.90
CA ASP C 165 -23.20 7.99 -2.97
C ASP C 165 -22.20 9.00 -3.52
N VAL C 166 -22.15 9.17 -4.87
CA VAL C 166 -21.23 10.05 -5.61
C VAL C 166 -21.05 11.42 -4.93
N GLU C 167 -22.15 12.15 -4.71
CA GLU C 167 -22.12 13.47 -4.07
C GLU C 167 -22.91 13.52 -2.76
N ASP C 168 -22.79 12.44 -1.96
CA ASP C 168 -23.40 12.26 -0.64
C ASP C 168 -24.90 12.61 -0.60
N THR C 169 -25.28 13.69 0.13
CA THR C 169 -26.66 14.15 0.28
C THR C 169 -27.29 14.60 -1.04
N PHE C 170 -26.49 15.22 -1.92
CA PHE C 170 -26.92 15.71 -3.24
C PHE C 170 -27.39 14.58 -4.16
N SER C 171 -26.63 13.46 -4.19
CA SER C 171 -26.90 12.30 -5.05
C SER C 171 -27.89 11.28 -4.43
N SER C 172 -28.12 11.34 -3.09
CA SER C 172 -28.99 10.43 -2.32
C SER C 172 -30.33 10.12 -2.97
N LEU C 173 -30.80 8.86 -2.84
CA LEU C 173 -32.08 8.42 -3.38
C LEU C 173 -33.20 8.99 -2.53
N LYS C 174 -34.04 9.86 -3.12
CA LYS C 174 -35.18 10.46 -2.43
C LYS C 174 -36.36 9.50 -2.47
N LEU C 175 -37.10 9.40 -1.36
CA LEU C 175 -38.29 8.56 -1.18
C LEU C 175 -39.51 9.49 -1.06
N SER C 176 -40.07 9.89 -2.21
CA SER C 176 -41.24 10.78 -2.28
C SER C 176 -42.51 10.00 -1.87
N ASP C 177 -42.64 9.75 -0.53
CA ASP C 177 -43.72 8.97 0.09
C ASP C 177 -43.95 7.61 -0.64
N SER C 178 -42.86 7.08 -1.21
CA SER C 178 -42.80 5.85 -2.00
C SER C 178 -42.14 4.70 -1.24
N LYS C 179 -42.49 3.46 -1.62
CA LYS C 179 -41.97 2.22 -1.01
C LYS C 179 -40.76 1.75 -1.83
N ILE C 180 -39.58 1.65 -1.19
CA ILE C 180 -38.34 1.21 -1.85
C ILE C 180 -38.04 -0.23 -1.44
N THR C 181 -37.86 -1.12 -2.42
CA THR C 181 -37.56 -2.52 -2.19
C THR C 181 -36.18 -2.88 -2.72
N VAL C 182 -35.25 -3.21 -1.81
CA VAL C 182 -33.90 -3.62 -2.16
C VAL C 182 -33.89 -5.14 -2.23
N THR C 183 -33.69 -5.68 -3.44
CA THR C 183 -33.69 -7.11 -3.70
C THR C 183 -32.26 -7.59 -3.97
N VAL C 184 -31.81 -8.59 -3.20
CA VAL C 184 -30.47 -9.16 -3.33
C VAL C 184 -30.55 -10.66 -3.66
N THR C 185 -30.09 -11.04 -4.88
CA THR C 185 -30.06 -12.42 -5.36
C THR C 185 -28.66 -12.98 -5.05
N PHE C 186 -28.61 -14.13 -4.38
CA PHE C 186 -27.34 -14.75 -4.00
C PHE C 186 -26.88 -15.88 -4.89
N ASN C 187 -25.57 -15.91 -5.16
CA ASN C 187 -24.89 -16.95 -5.93
C ASN C 187 -24.86 -18.23 -5.07
N PRO C 188 -24.80 -19.45 -5.65
CA PRO C 188 -24.73 -20.67 -4.81
C PRO C 188 -23.46 -20.67 -3.94
N VAL C 189 -23.55 -21.25 -2.72
CA VAL C 189 -22.43 -21.30 -1.77
C VAL C 189 -21.18 -21.97 -2.38
N SER C 190 -21.35 -22.76 -3.46
CA SER C 190 -20.26 -23.42 -4.18
C SER C 190 -19.25 -22.40 -4.70
N ASP C 191 -19.76 -21.26 -5.21
CA ASP C 191 -18.97 -20.15 -5.76
C ASP C 191 -18.03 -19.51 -4.75
N ILE C 192 -18.49 -19.32 -3.50
CA ILE C 192 -17.73 -18.65 -2.43
C ILE C 192 -16.87 -19.59 -1.57
N VAL C 193 -16.79 -20.88 -1.94
CA VAL C 193 -16.08 -21.89 -1.16
C VAL C 193 -14.99 -22.63 -1.97
N ILE C 194 -13.78 -22.74 -1.39
CA ILE C 194 -12.64 -23.49 -1.93
C ILE C 194 -12.48 -24.68 -0.99
N ARG C 195 -12.76 -25.89 -1.50
N ARG C 195 -12.77 -25.89 -1.50
CA ARG C 195 -12.74 -27.15 -0.74
CA ARG C 195 -12.74 -27.15 -0.74
C ARG C 195 -12.10 -28.31 -1.51
C ARG C 195 -12.13 -28.31 -1.51
N ASP C 196 -11.74 -29.39 -0.79
CA ASP C 196 -11.18 -30.61 -1.40
C ASP C 196 -12.28 -31.70 -1.51
N SER C 197 -11.92 -32.91 -1.95
CA SER C 197 -12.87 -34.03 -2.08
C SER C 197 -13.28 -34.58 -0.70
N SER C 198 -12.35 -34.51 0.28
CA SER C 198 -12.51 -34.96 1.67
C SER C 198 -13.63 -34.21 2.39
N PHE C 199 -13.81 -32.90 2.07
CA PHE C 199 -14.86 -32.07 2.67
C PHE C 199 -16.25 -32.51 2.20
N ASP C 200 -17.18 -32.67 3.16
CA ASP C 200 -18.56 -33.07 2.87
C ASP C 200 -19.35 -31.85 2.40
N PHE C 201 -19.17 -31.47 1.13
CA PHE C 201 -19.86 -30.32 0.54
C PHE C 201 -21.36 -30.57 0.42
N GLU C 202 -21.76 -31.82 0.09
CA GLU C 202 -23.16 -32.25 -0.07
C GLU C 202 -24.00 -31.80 1.12
N THR C 203 -23.54 -32.14 2.35
CA THR C 203 -24.20 -31.78 3.61
C THR C 203 -24.09 -30.27 3.85
N PHE C 204 -22.91 -29.67 3.58
CA PHE C 204 -22.65 -28.24 3.77
C PHE C 204 -23.62 -27.38 2.94
N ASN C 205 -23.85 -27.75 1.67
CA ASN C 205 -24.74 -27.04 0.75
C ASN C 205 -26.19 -27.08 1.24
N LYS C 206 -26.61 -28.22 1.84
CA LYS C 206 -27.94 -28.42 2.38
C LYS C 206 -28.14 -27.57 3.65
N GLU C 207 -27.14 -27.57 4.53
CA GLU C 207 -27.13 -26.87 5.82
C GLU C 207 -26.88 -25.36 5.74
N PHE C 208 -26.15 -24.88 4.70
CA PHE C 208 -25.86 -23.45 4.54
C PHE C 208 -27.07 -22.62 4.14
N VAL C 209 -27.23 -21.47 4.83
CA VAL C 209 -28.28 -20.47 4.59
C VAL C 209 -27.70 -19.07 4.71
N TYR C 210 -27.99 -18.20 3.71
CA TYR C 210 -27.52 -16.82 3.70
C TYR C 210 -28.30 -16.01 4.76
N VAL C 211 -27.58 -15.37 5.70
CA VAL C 211 -28.21 -14.59 6.77
C VAL C 211 -27.90 -13.09 6.53
N PRO C 212 -28.68 -12.39 5.68
CA PRO C 212 -28.37 -10.98 5.39
C PRO C 212 -29.13 -9.95 6.23
N GLU C 213 -28.57 -8.72 6.30
CA GLU C 213 -29.17 -7.57 6.98
C GLU C 213 -28.71 -6.31 6.26
N LEU C 214 -29.66 -5.54 5.69
CA LEU C 214 -29.35 -4.33 4.94
C LEU C 214 -29.33 -3.07 5.79
N SER C 215 -28.17 -2.39 5.79
CA SER C 215 -27.96 -1.12 6.47
C SER C 215 -27.82 -0.03 5.42
N PHE C 216 -28.24 1.19 5.76
CA PHE C 216 -28.18 2.37 4.88
C PHE C 216 -28.21 3.64 5.72
N ILE C 217 -27.72 4.76 5.16
CA ILE C 217 -27.79 6.03 5.87
C ILE C 217 -29.10 6.70 5.44
N GLY C 218 -30.05 6.77 6.37
CA GLY C 218 -31.35 7.39 6.15
C GLY C 218 -31.29 8.86 6.55
N TYR C 219 -32.07 9.70 5.89
CA TYR C 219 -32.09 11.15 6.15
C TYR C 219 -33.52 11.66 6.34
N MET C 220 -33.80 12.33 7.48
CA MET C 220 -35.10 12.94 7.70
C MET C 220 -34.96 14.40 7.35
N VAL C 221 -35.53 14.79 6.19
CA VAL C 221 -35.42 16.15 5.68
C VAL C 221 -36.69 16.97 5.89
N LYS C 222 -36.55 18.10 6.62
CA LYS C 222 -37.64 19.05 6.86
C LYS C 222 -37.74 19.95 5.63
N ASN C 223 -38.93 19.97 4.98
CA ASN C 223 -39.25 20.73 3.77
C ASN C 223 -38.25 20.49 2.63
N VAL C 224 -38.20 19.23 2.15
CA VAL C 224 -37.31 18.81 1.06
C VAL C 224 -37.74 19.43 -0.28
N GLN C 225 -36.75 19.93 -1.05
CA GLN C 225 -37.00 20.52 -2.36
C GLN C 225 -36.43 19.60 -3.43
N ILE C 226 -37.17 18.53 -3.76
CA ILE C 226 -36.75 17.51 -4.73
C ILE C 226 -36.78 18.06 -6.17
N LYS C 227 -35.66 17.85 -6.90
CA LYS C 227 -35.45 18.23 -8.30
C LYS C 227 -35.04 16.95 -9.07
N PRO C 228 -35.36 16.82 -10.39
CA PRO C 228 -34.96 15.60 -11.11
C PRO C 228 -33.45 15.48 -11.33
N SER C 229 -32.95 14.24 -11.31
CA SER C 229 -31.53 13.94 -11.50
C SER C 229 -31.29 12.93 -12.62
N PHE C 230 -30.01 12.61 -12.88
CA PHE C 230 -29.60 11.65 -13.89
C PHE C 230 -28.88 10.47 -13.25
N ILE C 231 -29.05 9.27 -13.82
CA ILE C 231 -28.45 8.05 -13.29
C ILE C 231 -27.86 7.19 -14.41
N GLU C 232 -26.70 6.56 -14.13
CA GLU C 232 -26.02 5.66 -15.06
C GLU C 232 -26.34 4.23 -14.62
N LYS C 233 -27.05 3.46 -15.47
CA LYS C 233 -27.45 2.09 -15.18
C LYS C 233 -26.61 1.08 -15.97
N PRO C 234 -25.85 0.19 -15.30
CA PRO C 234 -25.00 -0.77 -16.03
C PRO C 234 -25.78 -1.94 -16.65
N ARG C 235 -25.37 -2.35 -17.86
CA ARG C 235 -25.95 -3.43 -18.67
C ARG C 235 -24.83 -4.31 -19.19
N ARG C 236 -24.76 -5.58 -18.76
CA ARG C 236 -23.72 -6.44 -19.29
C ARG C 236 -24.31 -7.46 -20.25
N VAL C 237 -23.49 -7.86 -21.21
CA VAL C 237 -23.82 -8.86 -22.23
C VAL C 237 -22.65 -9.83 -22.27
N ILE C 238 -22.94 -11.13 -22.06
CA ILE C 238 -21.91 -12.16 -22.12
C ILE C 238 -22.08 -12.92 -23.43
N GLY C 239 -21.01 -12.98 -24.21
CA GLY C 239 -21.00 -13.70 -25.48
C GLY C 239 -21.01 -15.20 -25.30
N GLN C 240 -21.25 -15.93 -26.40
CA GLN C 240 -21.27 -17.40 -26.40
C GLN C 240 -19.85 -17.95 -26.14
N ILE C 241 -19.76 -19.15 -25.57
CA ILE C 241 -18.48 -19.81 -25.27
C ILE C 241 -17.59 -19.86 -26.52
N ASN C 242 -16.43 -19.19 -26.45
CA ASN C 242 -15.39 -19.07 -27.48
C ASN C 242 -15.82 -18.22 -28.70
N GLN C 243 -16.85 -17.35 -28.54
CA GLN C 243 -17.28 -16.41 -29.59
C GLN C 243 -16.56 -15.08 -29.34
N PRO C 244 -15.82 -14.52 -30.33
CA PRO C 244 -15.10 -13.27 -30.08
C PRO C 244 -15.93 -12.01 -30.32
N THR C 245 -17.25 -12.18 -30.42
CA THR C 245 -18.20 -11.10 -30.66
C THR C 245 -19.27 -11.07 -29.59
N ALA C 246 -19.77 -9.85 -29.30
CA ALA C 246 -20.88 -9.57 -28.38
C ALA C 246 -21.52 -8.25 -28.78
N THR C 247 -22.86 -8.18 -28.74
CA THR C 247 -23.58 -6.96 -29.12
C THR C 247 -24.57 -6.51 -28.06
N VAL C 248 -24.53 -5.21 -27.73
CA VAL C 248 -25.43 -4.55 -26.78
C VAL C 248 -26.44 -3.79 -27.64
N THR C 249 -27.71 -4.20 -27.60
CA THR C 249 -28.78 -3.60 -28.41
C THR C 249 -29.42 -2.40 -27.71
N GLU C 250 -30.11 -1.54 -28.50
CA GLU C 250 -30.82 -0.33 -28.05
C GLU C 250 -29.93 0.64 -27.23
N VAL C 251 -28.77 1.00 -27.81
CA VAL C 251 -27.85 1.95 -27.20
C VAL C 251 -28.24 3.33 -27.72
N HIS C 252 -28.80 4.18 -26.84
CA HIS C 252 -29.27 5.51 -27.21
C HIS C 252 -28.49 6.64 -26.54
N ALA C 253 -28.08 6.44 -25.28
CA ALA C 253 -27.31 7.41 -24.52
C ALA C 253 -26.39 6.68 -23.54
N ALA C 254 -25.16 6.37 -23.99
CA ALA C 254 -24.19 5.66 -23.15
C ALA C 254 -23.04 6.55 -22.69
N THR C 255 -22.68 6.44 -21.40
CA THR C 255 -21.60 7.21 -20.77
C THR C 255 -20.25 6.49 -20.87
N SER C 256 -20.27 5.15 -20.92
CA SER C 256 -19.06 4.32 -21.02
C SER C 256 -19.34 2.90 -21.53
N LEU C 257 -18.29 2.23 -22.04
CA LEU C 257 -18.35 0.87 -22.52
C LEU C 257 -17.09 0.10 -22.13
N SER C 258 -17.25 -0.91 -21.26
CA SER C 258 -16.14 -1.75 -20.79
C SER C 258 -16.16 -3.09 -21.49
N VAL C 259 -14.98 -3.61 -21.84
CA VAL C 259 -14.82 -4.89 -22.51
C VAL C 259 -13.74 -5.72 -21.78
N TYR C 260 -14.09 -6.94 -21.37
CA TYR C 260 -13.17 -7.87 -20.72
C TYR C 260 -13.51 -9.32 -21.04
N THR C 261 -12.60 -10.24 -20.66
CA THR C 261 -12.74 -11.67 -20.88
C THR C 261 -12.89 -12.37 -19.54
N LYS C 262 -13.62 -13.48 -19.57
CA LYS C 262 -13.87 -14.33 -18.44
C LYS C 262 -13.60 -15.77 -18.84
N PRO C 263 -12.96 -16.60 -17.99
CA PRO C 263 -12.79 -18.00 -18.38
C PRO C 263 -14.06 -18.79 -18.07
N TYR C 264 -14.34 -19.82 -18.87
CA TYR C 264 -15.49 -20.71 -18.68
C TYR C 264 -14.93 -22.09 -18.35
N TYR C 265 -15.23 -22.58 -17.14
CA TYR C 265 -14.73 -23.88 -16.69
C TYR C 265 -15.79 -25.00 -16.66
N GLY C 266 -16.70 -24.98 -17.65
CA GLY C 266 -17.75 -25.99 -17.77
C GLY C 266 -17.22 -27.35 -18.19
N ASN C 267 -16.26 -27.35 -19.14
CA ASN C 267 -15.60 -28.55 -19.67
C ASN C 267 -14.63 -29.19 -18.65
N THR C 268 -14.56 -28.63 -17.41
CA THR C 268 -13.70 -29.11 -16.32
C THR C 268 -14.52 -29.36 -15.04
N ASP C 269 -13.91 -30.02 -14.04
CA ASP C 269 -14.53 -30.32 -12.75
C ASP C 269 -14.26 -29.21 -11.71
N ASN C 270 -13.67 -28.08 -12.18
CA ASN C 270 -13.28 -26.88 -11.42
C ASN C 270 -12.22 -27.16 -10.34
N LYS C 271 -11.51 -28.29 -10.47
CA LYS C 271 -10.45 -28.72 -9.55
C LYS C 271 -9.09 -28.19 -10.03
N PHE C 272 -8.30 -27.66 -9.09
CA PHE C 272 -6.97 -27.09 -9.33
C PHE C 272 -5.96 -27.70 -8.35
N ILE C 273 -4.70 -27.89 -8.79
CA ILE C 273 -3.62 -28.49 -7.99
C ILE C 273 -3.33 -27.71 -6.69
N SER C 274 -3.19 -26.37 -6.79
CA SER C 274 -2.85 -25.52 -5.64
C SER C 274 -3.65 -24.22 -5.53
N TYR C 275 -3.68 -23.68 -4.29
CA TYR C 275 -4.27 -22.40 -3.93
C TYR C 275 -3.47 -21.77 -2.78
N PRO C 276 -3.08 -20.47 -2.87
CA PRO C 276 -2.21 -19.88 -1.83
C PRO C 276 -2.92 -19.39 -0.55
N GLY C 277 -4.24 -19.35 -0.56
CA GLY C 277 -5.03 -18.91 0.59
C GLY C 277 -5.21 -17.41 0.66
N TYR C 278 -4.91 -16.82 1.83
CA TYR C 278 -5.00 -15.38 2.08
C TYR C 278 -4.00 -14.59 1.25
N SER C 279 -2.75 -15.10 1.15
CA SER C 279 -1.66 -14.48 0.39
C SER C 279 -2.06 -14.55 -1.10
N GLN C 280 -2.42 -13.38 -1.67
CA GLN C 280 -2.94 -13.30 -3.04
C GLN C 280 -1.99 -12.72 -4.10
N ASP C 281 -0.71 -12.50 -3.78
CA ASP C 281 0.22 -12.00 -4.79
C ASP C 281 0.54 -13.06 -5.83
N GLU C 282 1.00 -12.64 -7.02
CA GLU C 282 1.37 -13.52 -8.13
C GLU C 282 2.41 -14.53 -7.64
N LYS C 283 3.44 -14.06 -6.88
CA LYS C 283 4.49 -14.91 -6.30
C LYS C 283 3.89 -15.92 -5.33
N ASP C 284 2.87 -15.52 -4.56
CA ASP C 284 2.20 -16.38 -3.59
C ASP C 284 1.51 -17.57 -4.27
N TYR C 285 0.88 -17.32 -5.43
CA TYR C 285 0.22 -18.34 -6.24
C TYR C 285 1.24 -19.33 -6.80
N ILE C 286 2.37 -18.80 -7.31
CA ILE C 286 3.47 -19.57 -7.88
C ILE C 286 4.12 -20.45 -6.79
N ASP C 287 4.50 -19.85 -5.64
CA ASP C 287 5.13 -20.56 -4.52
C ASP C 287 4.28 -21.72 -4.00
N ALA C 288 2.94 -21.52 -3.94
CA ALA C 288 1.99 -22.53 -3.51
C ALA C 288 2.01 -23.76 -4.43
N TYR C 289 2.11 -23.52 -5.75
CA TYR C 289 2.16 -24.53 -6.81
C TYR C 289 3.46 -25.32 -6.73
N VAL C 290 4.61 -24.61 -6.64
CA VAL C 290 5.94 -25.21 -6.54
C VAL C 290 5.99 -26.13 -5.31
N SER C 291 5.44 -25.66 -4.16
CA SER C 291 5.36 -26.40 -2.91
C SER C 291 4.59 -27.72 -3.07
N ARG C 292 3.47 -27.69 -3.82
CA ARG C 292 2.63 -28.87 -4.06
C ARG C 292 3.32 -29.89 -4.97
N LEU C 293 4.05 -29.40 -6.00
CA LEU C 293 4.76 -30.25 -6.96
C LEU C 293 6.01 -30.89 -6.37
N LEU C 294 6.75 -30.16 -5.49
CA LEU C 294 8.00 -30.60 -4.87
C LEU C 294 7.90 -31.93 -4.11
N ASP C 295 6.72 -32.25 -3.56
CA ASP C 295 6.46 -33.49 -2.82
C ASP C 295 6.72 -34.73 -3.71
N ASP C 296 6.35 -34.62 -5.00
CA ASP C 296 6.51 -35.67 -6.00
C ASP C 296 7.71 -35.45 -6.93
N LEU C 297 8.11 -34.19 -7.15
CA LEU C 297 9.22 -33.83 -8.06
C LEU C 297 10.57 -34.42 -7.65
N VAL C 298 10.96 -34.29 -6.37
CA VAL C 298 12.22 -34.83 -5.87
C VAL C 298 11.92 -35.82 -4.73
N ILE C 299 12.24 -37.10 -4.97
CA ILE C 299 11.98 -38.18 -4.01
C ILE C 299 13.27 -38.82 -3.50
N VAL C 300 13.38 -39.01 -2.17
CA VAL C 300 14.51 -39.70 -1.53
C VAL C 300 13.93 -41.04 -1.11
N SER C 301 14.31 -42.13 -1.82
CA SER C 301 13.78 -43.47 -1.57
C SER C 301 14.81 -44.59 -1.64
N ASP C 302 14.52 -45.71 -0.94
CA ASP C 302 15.34 -46.93 -0.95
C ASP C 302 14.88 -47.72 -2.17
N GLY C 303 15.62 -47.57 -3.26
CA GLY C 303 15.31 -48.17 -4.54
C GLY C 303 14.33 -47.32 -5.33
N PRO C 304 13.93 -47.72 -6.56
CA PRO C 304 12.99 -46.89 -7.34
C PRO C 304 11.69 -46.54 -6.61
N PRO C 305 11.23 -45.28 -6.69
CA PRO C 305 10.00 -44.90 -5.96
C PRO C 305 8.73 -45.60 -6.47
N THR C 306 7.81 -45.89 -5.53
CA THR C 306 6.55 -46.57 -5.79
C THR C 306 5.38 -45.65 -5.42
N GLY C 307 4.20 -45.95 -5.96
CA GLY C 307 2.98 -45.18 -5.70
C GLY C 307 2.71 -44.14 -6.75
N TYR C 308 3.35 -44.29 -7.92
CA TYR C 308 3.22 -43.39 -9.07
C TYR C 308 2.73 -44.18 -10.28
N PRO C 309 2.01 -43.55 -11.26
CA PRO C 309 1.54 -44.31 -12.43
C PRO C 309 2.68 -44.91 -13.26
N GLU C 310 2.36 -45.94 -14.07
CA GLU C 310 3.33 -46.62 -14.94
C GLU C 310 3.91 -45.63 -15.96
N SER C 311 3.09 -44.64 -16.35
CA SER C 311 3.37 -43.56 -17.27
C SER C 311 4.50 -42.64 -16.79
N ALA C 312 4.67 -42.53 -15.46
CA ALA C 312 5.70 -41.69 -14.82
C ALA C 312 7.11 -42.19 -15.09
N GLU C 313 8.01 -41.25 -15.39
CA GLU C 313 9.42 -41.54 -15.70
C GLU C 313 10.32 -40.94 -14.61
N ILE C 314 10.37 -41.61 -13.44
CA ILE C 314 11.20 -41.17 -12.31
C ILE C 314 12.62 -41.72 -12.52
N VAL C 315 13.58 -40.80 -12.65
CA VAL C 315 14.99 -41.08 -12.94
C VAL C 315 15.88 -40.81 -11.72
N GLU C 316 16.88 -41.66 -11.48
CA GLU C 316 17.85 -41.49 -10.39
C GLU C 316 18.81 -40.36 -10.77
N VAL C 317 19.05 -39.43 -9.83
CA VAL C 317 19.95 -38.29 -10.05
C VAL C 317 21.41 -38.79 -10.05
N PRO C 318 22.21 -38.51 -11.12
CA PRO C 318 23.60 -38.99 -11.14
C PRO C 318 24.52 -38.25 -10.16
N GLU C 319 25.77 -38.75 -9.99
CA GLU C 319 26.78 -38.17 -9.10
C GLU C 319 27.06 -36.71 -9.45
N ASP C 320 26.93 -36.37 -10.75
CA ASP C 320 27.07 -35.05 -11.36
C ASP C 320 26.05 -34.05 -10.80
N GLY C 321 24.87 -34.54 -10.46
CA GLY C 321 23.75 -33.75 -9.93
C GLY C 321 22.77 -33.29 -11.00
N ILE C 322 23.22 -33.25 -12.27
CA ILE C 322 22.42 -32.81 -13.42
C ILE C 322 21.66 -33.99 -14.08
N VAL C 323 20.35 -33.81 -14.26
CA VAL C 323 19.44 -34.73 -14.93
C VAL C 323 19.00 -34.02 -16.22
N SER C 324 19.10 -34.71 -17.37
CA SER C 324 18.74 -34.12 -18.65
C SER C 324 17.40 -34.59 -19.20
N ILE C 325 16.39 -33.70 -19.14
CA ILE C 325 15.05 -33.94 -19.70
C ILE C 325 15.09 -33.19 -21.02
N GLN C 326 15.41 -33.90 -22.12
CA GLN C 326 15.58 -33.34 -23.46
C GLN C 326 16.65 -32.23 -23.42
N ASP C 327 16.32 -31.01 -23.88
CA ASP C 327 17.23 -29.86 -23.89
C ASP C 327 17.40 -29.24 -22.49
N ALA C 328 16.42 -29.47 -21.58
CA ALA C 328 16.38 -28.93 -20.23
C ALA C 328 17.19 -29.74 -19.21
N ASP C 329 18.06 -29.05 -18.46
CA ASP C 329 18.91 -29.64 -17.42
C ASP C 329 18.42 -29.22 -16.03
N VAL C 330 18.29 -30.21 -15.12
CA VAL C 330 17.83 -30.00 -13.74
C VAL C 330 18.93 -30.44 -12.76
N TYR C 331 19.43 -29.48 -11.97
CA TYR C 331 20.46 -29.73 -10.96
C TYR C 331 19.76 -30.07 -9.64
N VAL C 332 19.92 -31.32 -9.17
CA VAL C 332 19.27 -31.78 -7.93
C VAL C 332 20.35 -32.28 -6.95
N LYS C 333 20.49 -31.58 -5.81
CA LYS C 333 21.46 -31.95 -4.76
C LYS C 333 20.85 -31.82 -3.37
N ILE C 334 20.56 -32.98 -2.76
CA ILE C 334 19.99 -33.09 -1.41
C ILE C 334 21.08 -33.56 -0.43
N ASP C 335 21.19 -32.88 0.73
CA ASP C 335 22.15 -33.21 1.77
C ASP C 335 21.58 -34.21 2.78
N ASN C 336 22.46 -34.84 3.57
CA ASN C 336 22.17 -35.84 4.62
C ASN C 336 21.26 -36.99 4.12
N VAL C 337 21.53 -37.47 2.90
CA VAL C 337 20.78 -38.58 2.31
C VAL C 337 21.32 -39.90 2.88
N PRO C 338 20.46 -40.79 3.45
CA PRO C 338 20.95 -42.07 3.99
C PRO C 338 21.67 -42.93 2.95
N ASP C 339 22.60 -43.79 3.41
CA ASP C 339 23.41 -44.67 2.58
C ASP C 339 22.60 -45.70 1.78
N ASN C 340 21.45 -46.13 2.34
CA ASN C 340 20.56 -47.11 1.71
C ASN C 340 19.62 -46.47 0.66
N MET C 341 19.51 -45.12 0.66
CA MET C 341 18.62 -44.38 -0.23
C MET C 341 19.34 -43.57 -1.30
N SER C 342 18.62 -43.23 -2.38
CA SER C 342 19.09 -42.42 -3.52
C SER C 342 18.13 -41.26 -3.80
N VAL C 343 18.63 -40.22 -4.51
CA VAL C 343 17.83 -39.05 -4.90
C VAL C 343 17.26 -39.30 -6.29
N TYR C 344 15.93 -39.16 -6.42
CA TYR C 344 15.17 -39.37 -7.65
C TYR C 344 14.43 -38.12 -8.10
N LEU C 345 14.36 -37.90 -9.42
CA LEU C 345 13.64 -36.79 -10.03
C LEU C 345 12.53 -37.28 -10.98
N HIS C 346 11.30 -36.78 -10.79
CA HIS C 346 10.16 -37.10 -11.63
C HIS C 346 10.31 -36.22 -12.89
N THR C 347 10.73 -36.83 -14.02
CA THR C 347 11.03 -36.09 -15.25
C THR C 347 9.78 -35.72 -16.10
N ASN C 348 8.57 -36.15 -15.68
CA ASN C 348 7.35 -35.83 -16.44
C ASN C 348 6.09 -35.73 -15.54
N LEU C 349 6.23 -35.07 -14.37
CA LEU C 349 5.18 -34.87 -13.37
C LEU C 349 3.83 -34.48 -13.98
N LEU C 350 3.84 -33.50 -14.90
CA LEU C 350 2.68 -33.03 -15.65
C LEU C 350 3.15 -32.74 -17.08
N MET C 351 2.56 -33.44 -18.07
CA MET C 351 2.94 -33.27 -19.46
C MET C 351 1.73 -33.19 -20.39
N PHE C 352 1.87 -32.44 -21.49
CA PHE C 352 0.81 -32.24 -22.48
C PHE C 352 1.39 -32.19 -23.90
N GLY C 353 0.76 -32.93 -24.80
CA GLY C 353 1.10 -33.01 -26.21
C GLY C 353 -0.11 -33.40 -27.03
N THR C 354 -0.29 -32.76 -28.21
CA THR C 354 -1.43 -33.04 -29.09
C THR C 354 -1.21 -34.24 -29.98
N ARG C 355 0.04 -34.43 -30.44
CA ARG C 355 0.47 -35.53 -31.32
C ARG C 355 1.64 -36.27 -30.66
N LYS C 356 1.91 -37.51 -31.09
CA LYS C 356 3.04 -38.27 -30.54
C LYS C 356 4.38 -37.77 -31.08
N ASN C 357 4.35 -36.91 -32.12
CA ASN C 357 5.52 -36.31 -32.76
C ASN C 357 5.47 -34.76 -32.70
N SER C 358 4.90 -34.22 -31.61
CA SER C 358 4.75 -32.76 -31.42
C SER C 358 5.57 -32.24 -30.24
N PHE C 359 5.50 -30.91 -29.99
CA PHE C 359 6.13 -30.25 -28.86
C PHE C 359 5.41 -30.70 -27.60
N ILE C 360 6.16 -30.91 -26.51
CA ILE C 360 5.61 -31.36 -25.23
C ILE C 360 5.75 -30.27 -24.17
N TYR C 361 4.67 -29.99 -23.46
CA TYR C 361 4.68 -29.03 -22.37
C TYR C 361 4.86 -29.82 -21.07
N ASN C 362 6.10 -29.89 -20.59
CA ASN C 362 6.51 -30.65 -19.41
C ASN C 362 6.82 -29.71 -18.23
N ILE C 363 6.10 -29.87 -17.11
CA ILE C 363 6.29 -29.02 -15.93
C ILE C 363 7.62 -29.29 -15.22
N SER C 364 8.18 -30.51 -15.35
CA SER C 364 9.45 -30.88 -14.75
C SER C 364 10.60 -30.13 -15.43
N LYS C 365 10.44 -29.82 -16.74
CA LYS C 365 11.41 -29.06 -17.53
C LYS C 365 11.46 -27.59 -17.11
N LYS C 366 10.37 -27.10 -16.46
CA LYS C 366 10.26 -25.73 -15.95
C LYS C 366 11.12 -25.50 -14.69
N PHE C 367 11.83 -26.54 -14.22
CA PHE C 367 12.74 -26.47 -13.06
C PHE C 367 14.19 -26.59 -13.52
N SER C 368 15.10 -25.82 -12.90
CA SER C 368 16.53 -25.83 -13.25
C SER C 368 17.43 -26.27 -12.11
N ALA C 369 17.06 -25.94 -10.84
CA ALA C 369 17.84 -26.31 -9.66
C ALA C 369 16.95 -26.54 -8.44
N ILE C 370 17.19 -27.66 -7.74
CA ILE C 370 16.48 -28.08 -6.52
C ILE C 370 17.50 -28.52 -5.46
N THR C 371 17.61 -27.74 -4.38
CA THR C 371 18.53 -28.01 -3.27
C THR C 371 17.75 -28.16 -1.98
N GLY C 372 18.24 -29.03 -1.11
CA GLY C 372 17.62 -29.30 0.18
C GLY C 372 18.42 -30.22 1.06
N THR C 373 17.84 -30.59 2.21
CA THR C 373 18.46 -31.49 3.18
C THR C 373 17.42 -32.48 3.69
N TYR C 374 17.80 -33.77 3.73
CA TYR C 374 16.94 -34.83 4.22
C TYR C 374 16.97 -34.83 5.75
N SER C 375 15.79 -34.81 6.37
CA SER C 375 15.65 -34.84 7.82
C SER C 375 15.44 -36.29 8.24
N ASP C 376 16.39 -36.85 9.00
CA ASP C 376 16.33 -38.23 9.50
C ASP C 376 15.24 -38.37 10.55
N ALA C 377 15.04 -37.33 11.38
CA ALA C 377 14.06 -37.29 12.46
C ALA C 377 12.61 -37.36 11.96
N THR C 378 12.27 -36.59 10.91
CA THR C 378 10.92 -36.54 10.35
C THR C 378 10.77 -37.40 9.07
N LYS C 379 11.88 -37.98 8.57
CA LYS C 379 11.96 -38.81 7.35
C LYS C 379 11.37 -38.07 6.13
N ARG C 380 11.73 -36.76 6.02
CA ARG C 380 11.24 -35.82 5.00
C ARG C 380 12.37 -35.03 4.34
N THR C 381 12.15 -34.56 3.09
CA THR C 381 13.11 -33.71 2.39
C THR C 381 12.68 -32.26 2.60
N ILE C 382 13.55 -31.47 3.24
CA ILE C 382 13.31 -30.06 3.52
C ILE C 382 14.04 -29.27 2.45
N PHE C 383 13.29 -28.67 1.51
CA PHE C 383 13.84 -27.91 0.38
C PHE C 383 14.33 -26.53 0.77
N ALA C 384 15.59 -26.22 0.44
CA ALA C 384 16.25 -24.96 0.75
C ALA C 384 16.00 -23.90 -0.32
N HIS C 385 16.46 -24.15 -1.57
CA HIS C 385 16.30 -23.21 -2.67
C HIS C 385 15.86 -23.90 -3.94
N ILE C 386 14.89 -23.29 -4.64
CA ILE C 386 14.34 -23.77 -5.90
C ILE C 386 14.52 -22.70 -6.99
N SER C 387 15.16 -23.08 -8.10
CA SER C 387 15.33 -22.21 -9.28
C SER C 387 14.41 -22.78 -10.34
N HIS C 388 13.38 -22.02 -10.73
CA HIS C 388 12.37 -22.45 -11.70
C HIS C 388 11.88 -21.32 -12.60
N SER C 389 11.02 -21.67 -13.58
CA SER C 389 10.41 -20.75 -14.55
C SER C 389 8.88 -20.85 -14.53
N ILE C 390 8.30 -21.38 -13.43
CA ILE C 390 6.84 -21.54 -13.22
C ILE C 390 6.16 -20.17 -13.24
N ASN C 391 5.05 -20.04 -13.98
CA ASN C 391 4.28 -18.81 -14.11
C ASN C 391 2.87 -18.89 -13.52
N ILE C 392 2.14 -17.74 -13.49
CA ILE C 392 0.78 -17.62 -12.99
C ILE C 392 -0.22 -18.48 -13.80
N ILE C 393 0.06 -18.69 -15.10
CA ILE C 393 -0.78 -19.51 -15.98
C ILE C 393 -0.76 -20.97 -15.49
N ASP C 394 0.45 -21.52 -15.21
CA ASP C 394 0.66 -22.88 -14.73
C ASP C 394 -0.21 -23.21 -13.53
N THR C 395 -0.28 -22.27 -12.58
CA THR C 395 -1.06 -22.35 -11.35
C THR C 395 -2.57 -22.27 -11.60
N SER C 396 -2.97 -21.75 -12.77
CA SER C 396 -4.37 -21.54 -13.18
C SER C 396 -4.92 -22.62 -14.14
N ILE C 397 -4.16 -23.70 -14.39
CA ILE C 397 -4.61 -24.79 -15.27
C ILE C 397 -5.51 -25.77 -14.50
N PRO C 398 -6.81 -25.94 -14.87
CA PRO C 398 -7.65 -26.93 -14.18
C PRO C 398 -7.09 -28.33 -14.46
N VAL C 399 -7.05 -29.20 -13.42
CA VAL C 399 -6.49 -30.56 -13.50
C VAL C 399 -7.08 -31.35 -14.70
N SER C 400 -8.38 -31.15 -15.01
CA SER C 400 -9.10 -31.78 -16.11
C SER C 400 -8.35 -31.64 -17.45
N LEU C 401 -7.79 -30.45 -17.71
CA LEU C 401 -7.06 -30.15 -18.95
C LEU C 401 -5.74 -30.92 -19.09
N TRP C 402 -5.12 -31.32 -17.97
CA TRP C 402 -3.89 -32.12 -18.04
C TRP C 402 -4.27 -33.53 -18.51
N THR C 403 -5.42 -34.06 -18.00
CA THR C 403 -5.95 -35.38 -18.35
C THR C 403 -7.00 -35.31 -19.48
N SER C 404 -6.96 -34.23 -20.29
CA SER C 404 -7.84 -33.95 -21.44
C SER C 404 -7.73 -35.00 -22.54
N GLN C 405 -8.78 -35.09 -23.40
CA GLN C 405 -8.84 -36.02 -24.54
C GLN C 405 -7.79 -35.66 -25.57
N ARG C 406 -7.51 -34.34 -25.74
CA ARG C 406 -6.53 -33.76 -26.66
C ARG C 406 -5.10 -34.21 -26.36
N ASN C 407 -4.82 -34.60 -25.10
CA ASN C 407 -3.49 -35.04 -24.67
C ASN C 407 -3.25 -36.51 -24.98
N VAL C 408 -2.29 -36.78 -25.89
CA VAL C 408 -1.88 -38.13 -26.30
C VAL C 408 -1.16 -38.88 -25.18
N TYR C 409 -0.64 -38.11 -24.20
CA TYR C 409 0.06 -38.61 -23.02
C TYR C 409 -0.92 -38.73 -21.86
N ASN C 410 -0.52 -39.39 -20.75
CA ASN C 410 -1.38 -39.57 -19.57
C ASN C 410 -1.76 -38.20 -18.99
N GLY C 411 -0.77 -37.32 -18.79
CA GLY C 411 -1.00 -35.97 -18.30
C GLY C 411 -0.63 -35.72 -16.85
N ASP C 412 -1.41 -36.28 -15.92
CA ASP C 412 -1.21 -36.12 -14.49
C ASP C 412 -0.50 -37.35 -13.90
N ASN C 413 0.83 -37.25 -13.76
CA ASN C 413 1.67 -38.34 -13.26
C ASN C 413 2.01 -38.20 -11.76
N ARG C 414 1.24 -37.35 -11.04
CA ARG C 414 1.39 -37.10 -9.61
C ARG C 414 0.96 -38.33 -8.80
N SER C 415 1.31 -38.36 -7.51
CA SER C 415 0.93 -39.43 -6.60
C SER C 415 -0.55 -39.29 -6.26
N ALA C 416 -1.18 -40.38 -5.77
CA ALA C 416 -2.60 -40.37 -5.37
C ALA C 416 -2.80 -39.40 -4.18
N GLU C 417 -1.77 -39.28 -3.33
CA GLU C 417 -1.69 -38.41 -2.15
C GLU C 417 -1.81 -36.94 -2.61
N SER C 418 -0.99 -36.56 -3.61
CA SER C 418 -0.97 -35.22 -4.20
C SER C 418 -2.30 -34.88 -4.87
N LYS C 419 -2.86 -35.84 -5.65
CA LYS C 419 -4.13 -35.69 -6.37
C LYS C 419 -5.31 -35.49 -5.43
N ALA C 420 -5.25 -36.06 -4.21
CA ALA C 420 -6.29 -35.96 -3.18
C ALA C 420 -6.33 -34.56 -2.54
N LYS C 421 -5.21 -33.84 -2.61
CA LYS C 421 -5.03 -32.50 -2.06
C LYS C 421 -5.55 -31.37 -2.99
N ASP C 422 -6.01 -31.73 -4.22
CA ASP C 422 -6.53 -30.78 -5.20
C ASP C 422 -7.79 -30.09 -4.68
N LEU C 423 -7.95 -28.80 -5.04
CA LEU C 423 -9.08 -28.01 -4.55
C LEU C 423 -10.01 -27.52 -5.63
N PHE C 424 -11.33 -27.59 -5.34
CA PHE C 424 -12.39 -27.09 -6.21
C PHE C 424 -12.49 -25.58 -6.02
N ILE C 425 -12.24 -24.81 -7.10
CA ILE C 425 -12.32 -23.36 -7.09
C ILE C 425 -13.41 -22.96 -8.09
N ASN C 426 -14.46 -22.29 -7.58
CA ASN C 426 -15.60 -21.85 -8.38
C ASN C 426 -15.87 -20.34 -8.25
N ASP C 427 -14.80 -19.54 -8.05
CA ASP C 427 -14.91 -18.08 -7.91
C ASP C 427 -15.67 -17.50 -9.12
N PRO C 428 -16.79 -16.79 -8.87
CA PRO C 428 -17.59 -16.29 -9.99
C PRO C 428 -17.01 -15.10 -10.73
N PHE C 429 -16.01 -14.40 -10.12
CA PHE C 429 -15.46 -13.17 -10.69
C PHE C 429 -14.03 -13.30 -11.26
N ILE C 430 -13.66 -14.49 -11.76
CA ILE C 430 -12.35 -14.69 -12.39
C ILE C 430 -12.36 -14.02 -13.77
N LYS C 431 -11.28 -13.32 -14.11
CA LYS C 431 -11.13 -12.65 -15.41
C LYS C 431 -9.89 -13.17 -16.13
N GLY C 432 -9.91 -13.08 -17.45
CA GLY C 432 -8.82 -13.54 -18.29
C GLY C 432 -8.73 -15.04 -18.36
N ILE C 433 -7.49 -15.58 -18.23
CA ILE C 433 -7.25 -17.03 -18.27
C ILE C 433 -6.41 -17.49 -17.08
N ASP C 434 -6.01 -16.53 -16.20
CA ASP C 434 -5.25 -16.81 -14.99
C ASP C 434 -5.90 -16.17 -13.76
N PHE C 435 -5.61 -16.73 -12.57
CA PHE C 435 -6.14 -16.28 -11.28
C PHE C 435 -5.85 -14.82 -10.93
N LYS C 436 -4.75 -14.26 -11.46
CA LYS C 436 -4.35 -12.87 -11.23
C LYS C 436 -4.76 -11.91 -12.35
N ASN C 437 -5.37 -12.43 -13.44
CA ASN C 437 -5.79 -11.67 -14.64
C ASN C 437 -4.56 -10.92 -15.24
N LYS C 438 -3.38 -11.56 -15.15
CA LYS C 438 -2.09 -11.06 -15.62
C LYS C 438 -2.02 -11.08 -17.15
N THR C 439 -2.26 -12.25 -17.74
CA THR C 439 -2.19 -12.49 -19.19
C THR C 439 -3.32 -11.80 -19.95
N ASP C 440 -2.94 -10.95 -20.91
CA ASP C 440 -3.89 -10.26 -21.80
C ASP C 440 -4.07 -11.12 -23.06
N ILE C 441 -5.28 -11.66 -23.24
CA ILE C 441 -5.55 -12.57 -24.37
C ILE C 441 -6.27 -11.89 -25.54
N ILE C 442 -6.48 -10.57 -25.46
CA ILE C 442 -7.07 -9.80 -26.54
C ILE C 442 -5.89 -9.18 -27.30
N SER C 443 -5.72 -9.57 -28.58
CA SER C 443 -4.66 -9.09 -29.46
C SER C 443 -5.10 -7.81 -30.19
N ARG C 444 -6.42 -7.66 -30.42
CA ARG C 444 -7.03 -6.52 -31.09
C ARG C 444 -8.49 -6.35 -30.65
N LEU C 445 -8.94 -5.10 -30.49
CA LEU C 445 -10.32 -4.76 -30.12
C LEU C 445 -10.94 -3.87 -31.19
N GLU C 446 -12.21 -4.15 -31.56
CA GLU C 446 -12.96 -3.39 -32.54
C GLU C 446 -14.36 -3.12 -32.02
N VAL C 447 -14.69 -1.84 -31.80
CA VAL C 447 -16.01 -1.42 -31.31
C VAL C 447 -16.75 -0.67 -32.42
N ARG C 448 -17.95 -1.14 -32.78
CA ARG C 448 -18.77 -0.56 -33.82
C ARG C 448 -20.10 -0.01 -33.29
N PHE C 449 -20.38 1.29 -33.59
CA PHE C 449 -21.65 1.93 -33.25
C PHE C 449 -22.48 1.82 -34.52
N GLY C 450 -23.46 0.94 -34.47
CA GLY C 450 -24.28 0.61 -35.64
C GLY C 450 -23.48 -0.37 -36.48
N ASN C 451 -22.94 0.12 -37.61
CA ASN C 451 -22.11 -0.64 -38.55
C ASN C 451 -20.78 0.08 -38.80
N ASP C 452 -20.67 1.34 -38.33
CA ASP C 452 -19.47 2.18 -38.48
C ASP C 452 -18.56 1.96 -37.28
N VAL C 453 -17.24 1.87 -37.53
CA VAL C 453 -16.23 1.64 -36.51
C VAL C 453 -16.14 2.87 -35.61
N LEU C 454 -16.50 2.70 -34.33
CA LEU C 454 -16.45 3.76 -33.32
C LEU C 454 -15.05 3.88 -32.75
N TYR C 455 -14.41 2.74 -32.46
CA TYR C 455 -13.06 2.67 -31.90
C TYR C 455 -12.39 1.34 -32.26
N SER C 456 -11.06 1.37 -32.42
CA SER C 456 -10.23 0.20 -32.72
C SER C 456 -8.85 0.37 -32.09
N GLU C 457 -8.31 -0.72 -31.53
CA GLU C 457 -6.99 -0.72 -30.90
C GLU C 457 -6.27 -2.06 -31.03
N ASN C 458 -4.94 -2.01 -31.07
CA ASN C 458 -4.08 -3.20 -31.13
C ASN C 458 -3.44 -3.48 -29.76
N GLY C 459 -3.26 -2.42 -28.98
CA GLY C 459 -2.73 -2.47 -27.63
C GLY C 459 -3.80 -2.10 -26.61
N PRO C 460 -3.63 -2.44 -25.31
CA PRO C 460 -4.69 -2.09 -24.34
C PRO C 460 -4.59 -0.65 -23.84
N ILE C 461 -4.55 0.33 -24.77
CA ILE C 461 -4.45 1.75 -24.44
C ILE C 461 -5.71 2.23 -23.71
N SER C 462 -6.89 1.65 -24.02
CA SER C 462 -8.15 1.96 -23.35
C SER C 462 -8.10 1.47 -21.89
N ARG C 463 -7.40 0.33 -21.65
CA ARG C 463 -7.20 -0.21 -20.29
C ARG C 463 -6.21 0.68 -19.53
N ILE C 464 -5.15 1.18 -20.21
CA ILE C 464 -4.15 2.09 -19.63
C ILE C 464 -4.83 3.38 -19.19
N TYR C 465 -5.70 3.96 -20.05
CA TYR C 465 -6.45 5.18 -19.72
C TYR C 465 -7.40 4.92 -18.57
N ASN C 466 -8.08 3.75 -18.57
CA ASN C 466 -9.00 3.36 -17.50
C ASN C 466 -8.27 3.30 -16.16
N GLU C 467 -7.11 2.62 -16.14
CA GLU C 467 -6.27 2.47 -14.95
C GLU C 467 -5.74 3.81 -14.43
N LEU C 468 -5.32 4.71 -15.34
CA LEU C 468 -4.83 6.05 -15.01
C LEU C 468 -5.95 6.94 -14.48
N LEU C 469 -7.02 7.12 -15.27
CA LEU C 469 -8.17 7.98 -14.96
C LEU C 469 -8.93 7.57 -13.69
N THR C 470 -9.01 6.26 -13.38
CA THR C 470 -9.72 5.78 -12.18
C THR C 470 -8.79 5.52 -10.99
N LYS C 471 -7.45 5.65 -11.19
CA LYS C 471 -6.41 5.40 -10.19
C LYS C 471 -6.56 3.95 -9.62
N SER C 472 -6.71 2.99 -10.54
CA SER C 472 -6.91 1.57 -10.24
C SER C 472 -5.80 0.75 -10.89
N ASN C 473 -5.37 -0.32 -10.24
CA ASN C 473 -4.34 -1.23 -10.74
C ASN C 473 -5.00 -2.42 -11.47
N ASN C 474 -6.34 -2.55 -11.34
CA ASN C 474 -7.13 -3.62 -11.95
C ASN C 474 -8.25 -3.05 -12.81
N GLY C 475 -7.86 -2.44 -13.92
CA GLY C 475 -8.78 -1.85 -14.89
C GLY C 475 -9.12 -2.79 -16.02
N THR C 476 -10.04 -2.32 -16.88
CA THR C 476 -10.53 -3.05 -18.06
C THR C 476 -10.46 -2.12 -19.28
N ARG C 477 -10.52 -2.69 -20.50
CA ARG C 477 -10.53 -1.90 -21.74
C ARG C 477 -11.86 -1.13 -21.75
N THR C 478 -11.81 0.12 -21.28
CA THR C 478 -12.99 0.96 -21.14
C THR C 478 -12.96 2.20 -22.03
N LEU C 479 -14.09 2.46 -22.71
CA LEU C 479 -14.31 3.61 -23.57
C LEU C 479 -15.21 4.57 -22.81
N THR C 480 -14.62 5.67 -22.31
CA THR C 480 -15.36 6.68 -21.54
C THR C 480 -15.82 7.79 -22.48
N PHE C 481 -17.12 8.08 -22.45
CA PHE C 481 -17.72 9.13 -23.27
C PHE C 481 -18.04 10.37 -22.42
N ASN C 482 -18.14 10.20 -21.10
CA ASN C 482 -18.45 11.25 -20.14
C ASN C 482 -17.23 11.69 -19.31
N PHE C 483 -16.70 12.90 -19.59
CA PHE C 483 -15.57 13.50 -18.88
C PHE C 483 -16.06 14.76 -18.14
N THR C 484 -17.39 14.91 -18.05
CA THR C 484 -18.09 16.02 -17.40
C THR C 484 -18.31 15.66 -15.92
N PRO C 485 -18.13 16.62 -14.96
CA PRO C 485 -18.37 16.29 -13.53
C PRO C 485 -19.75 15.72 -13.26
N LYS C 486 -19.79 14.61 -12.50
CA LYS C 486 -21.03 13.90 -12.15
C LYS C 486 -21.93 14.69 -11.20
N ILE C 487 -23.25 14.40 -11.25
CA ILE C 487 -24.34 14.96 -10.44
C ILE C 487 -24.65 16.43 -10.77
N PHE C 488 -23.62 17.31 -10.79
CA PHE C 488 -23.79 18.75 -11.08
C PHE C 488 -24.00 19.07 -12.56
N PHE C 489 -23.89 18.05 -13.43
CA PHE C 489 -24.08 18.20 -14.87
C PHE C 489 -24.81 17.00 -15.46
N ARG C 490 -25.46 17.18 -16.64
CA ARG C 490 -26.10 16.10 -17.37
C ARG C 490 -24.92 15.37 -18.06
N PRO C 491 -24.72 14.06 -17.81
CA PRO C 491 -23.55 13.38 -18.40
C PRO C 491 -23.49 13.41 -19.93
N THR C 492 -22.26 13.50 -20.48
CA THR C 492 -21.99 13.50 -21.91
C THR C 492 -22.14 12.06 -22.39
N THR C 493 -23.02 11.85 -23.37
CA THR C 493 -23.30 10.51 -23.88
C THR C 493 -23.13 10.39 -25.37
N ILE C 494 -22.89 9.17 -25.85
CA ILE C 494 -22.81 8.85 -27.26
C ILE C 494 -24.25 8.88 -27.80
N THR C 495 -24.53 9.83 -28.68
CA THR C 495 -25.86 10.05 -29.26
C THR C 495 -26.15 9.09 -30.41
N ALA C 496 -27.31 8.43 -30.37
CA ALA C 496 -27.75 7.45 -31.36
C ALA C 496 -28.50 8.05 -32.55
N ASN C 497 -28.57 7.29 -33.66
CA ASN C 497 -29.30 7.65 -34.88
C ASN C 497 -29.96 6.39 -35.43
N VAL C 498 -31.18 6.08 -34.90
CA VAL C 498 -31.99 4.90 -35.21
C VAL C 498 -32.23 4.75 -36.72
N SER C 499 -32.53 5.88 -37.41
CA SER C 499 -32.76 5.94 -38.86
C SER C 499 -31.56 5.45 -39.67
N ARG C 500 -30.33 5.76 -39.21
CA ARG C 500 -29.08 5.34 -39.86
C ARG C 500 -28.54 3.99 -39.31
N GLY C 501 -29.34 3.34 -38.45
CA GLY C 501 -29.01 2.06 -37.83
C GLY C 501 -28.02 2.14 -36.68
N LYS C 502 -27.64 3.37 -36.27
CA LYS C 502 -26.70 3.61 -35.17
C LYS C 502 -27.46 3.60 -33.83
N ASP C 503 -27.86 2.40 -33.38
CA ASP C 503 -28.58 2.20 -32.13
C ASP C 503 -28.12 0.92 -31.39
N LYS C 504 -26.88 0.49 -31.67
CA LYS C 504 -26.28 -0.70 -31.05
C LYS C 504 -24.77 -0.63 -31.02
N LEU C 505 -24.17 -1.29 -30.02
CA LEU C 505 -22.72 -1.37 -29.87
C LEU C 505 -22.26 -2.80 -30.04
N SER C 506 -21.51 -3.06 -31.12
CA SER C 506 -20.99 -4.37 -31.45
C SER C 506 -19.48 -4.43 -31.20
N VAL C 507 -19.07 -5.37 -30.34
CA VAL C 507 -17.66 -5.56 -29.98
C VAL C 507 -17.13 -6.83 -30.65
N ARG C 508 -15.95 -6.73 -31.29
CA ARG C 508 -15.28 -7.84 -31.97
C ARG C 508 -13.84 -7.86 -31.54
N VAL C 509 -13.41 -8.96 -30.89
CA VAL C 509 -12.03 -9.12 -30.44
C VAL C 509 -11.28 -10.15 -31.28
N VAL C 510 -9.95 -10.06 -31.30
CA VAL C 510 -9.10 -11.04 -31.98
C VAL C 510 -8.26 -11.63 -30.86
N TYR C 511 -8.51 -12.89 -30.48
CA TYR C 511 -7.74 -13.46 -29.38
C TYR C 511 -6.28 -13.73 -29.77
N SER C 512 -5.36 -13.51 -28.83
CA SER C 512 -3.93 -13.72 -29.03
C SER C 512 -3.67 -15.21 -29.16
N THR C 513 -3.05 -15.61 -30.28
CA THR C 513 -2.74 -16.99 -30.62
C THR C 513 -1.78 -17.63 -29.60
N MET C 514 -2.15 -18.82 -29.13
CA MET C 514 -1.42 -19.61 -28.15
C MET C 514 -0.96 -20.91 -28.83
N ASP C 515 0.07 -21.57 -28.28
CA ASP C 515 0.55 -22.85 -28.79
C ASP C 515 -0.44 -23.95 -28.42
N VAL C 516 -0.77 -24.80 -29.40
CA VAL C 516 -1.73 -25.91 -29.25
C VAL C 516 -1.29 -26.96 -28.23
N ASN C 517 0.04 -27.10 -27.99
CA ASN C 517 0.56 -28.09 -27.05
C ASN C 517 0.67 -27.58 -25.59
N HIS C 518 0.22 -26.33 -25.34
CA HIS C 518 0.16 -25.71 -24.03
C HIS C 518 -1.27 -25.93 -23.51
N PRO C 519 -1.45 -26.54 -22.31
CA PRO C 519 -2.82 -26.84 -21.83
C PRO C 519 -3.78 -25.64 -21.74
N ILE C 520 -3.28 -24.44 -21.43
CA ILE C 520 -4.11 -23.23 -21.28
C ILE C 520 -4.86 -22.84 -22.57
N TYR C 521 -4.39 -23.32 -23.75
CA TYR C 521 -5.01 -23.06 -25.05
C TYR C 521 -6.45 -23.58 -25.06
N TYR C 522 -6.74 -24.57 -24.19
CA TYR C 522 -8.02 -25.26 -24.09
C TYR C 522 -8.94 -24.69 -23.02
N VAL C 523 -8.62 -23.50 -22.49
CA VAL C 523 -9.47 -22.82 -21.52
C VAL C 523 -10.49 -22.03 -22.33
N GLN C 524 -11.76 -22.42 -22.22
CA GLN C 524 -12.89 -21.78 -22.90
C GLN C 524 -13.01 -20.32 -22.45
N LYS C 525 -13.14 -19.39 -23.41
CA LYS C 525 -13.23 -17.96 -23.10
C LYS C 525 -14.64 -17.41 -23.33
N GLN C 526 -15.00 -16.32 -22.60
CA GLN C 526 -16.29 -15.63 -22.73
C GLN C 526 -16.12 -14.11 -22.70
N LEU C 527 -16.55 -13.44 -23.78
CA LEU C 527 -16.44 -11.99 -23.92
C LEU C 527 -17.55 -11.29 -23.16
N VAL C 528 -17.18 -10.39 -22.24
CA VAL C 528 -18.12 -9.62 -21.42
C VAL C 528 -18.05 -8.16 -21.84
N VAL C 529 -19.20 -7.58 -22.22
CA VAL C 529 -19.30 -6.18 -22.65
C VAL C 529 -20.30 -5.48 -21.72
N VAL C 530 -19.84 -4.43 -21.03
CA VAL C 530 -20.65 -3.65 -20.09
C VAL C 530 -20.92 -2.25 -20.64
N CYS C 531 -22.21 -1.87 -20.67
CA CYS C 531 -22.68 -0.58 -21.18
C CYS C 531 -23.41 0.19 -20.08
N ASN C 532 -23.04 1.47 -19.88
CA ASN C 532 -23.69 2.33 -18.88
C ASN C 532 -24.66 3.27 -19.58
N ASP C 533 -25.96 2.93 -19.51
CA ASP C 533 -27.05 3.67 -20.14
C ASP C 533 -27.52 4.82 -19.26
N LEU C 534 -27.78 5.99 -19.87
CA LEU C 534 -28.24 7.16 -19.15
C LEU C 534 -29.76 7.15 -19.02
N TYR C 535 -30.24 7.37 -17.79
CA TYR C 535 -31.64 7.41 -17.40
C TYR C 535 -31.94 8.70 -16.64
N LYS C 536 -33.19 9.19 -16.72
CA LYS C 536 -33.62 10.38 -16.00
C LYS C 536 -34.50 9.97 -14.82
N VAL C 537 -34.13 10.42 -13.61
CA VAL C 537 -34.88 10.13 -12.39
C VAL C 537 -35.96 11.19 -12.21
N SER C 538 -37.22 10.76 -12.25
CA SER C 538 -38.42 11.59 -12.09
C SER C 538 -39.05 11.28 -10.74
N TYR C 539 -39.46 12.31 -10.01
CA TYR C 539 -40.05 12.14 -8.68
C TYR C 539 -41.54 12.49 -8.63
N ASP C 540 -42.14 12.82 -9.79
CA ASP C 540 -43.57 13.16 -9.91
C ASP C 540 -44.42 11.90 -9.69
N GLN C 541 -45.19 11.87 -8.59
CA GLN C 541 -46.05 10.75 -8.15
C GLN C 541 -45.22 9.45 -7.98
N GLY C 542 -44.26 9.51 -7.06
CA GLY C 542 -43.34 8.42 -6.76
C GLY C 542 -42.05 8.47 -7.57
N VAL C 543 -41.06 7.64 -7.19
CA VAL C 543 -39.75 7.58 -7.87
C VAL C 543 -39.88 6.74 -9.14
N SER C 544 -39.33 7.23 -10.26
CA SER C 544 -39.35 6.54 -11.55
C SER C 544 -38.14 6.90 -12.42
N ILE C 545 -37.71 5.97 -13.27
CA ILE C 545 -36.59 6.19 -14.20
C ILE C 545 -37.07 6.08 -15.65
N THR C 546 -36.49 6.90 -16.54
CA THR C 546 -36.84 6.94 -17.96
C THR C 546 -35.56 6.91 -18.79
N LYS C 547 -35.44 5.93 -19.72
CA LYS C 547 -34.28 5.78 -20.59
C LYS C 547 -34.16 6.95 -21.57
N ILE C 548 -33.02 7.66 -21.52
CA ILE C 548 -32.73 8.81 -22.39
C ILE C 548 -32.56 8.29 -23.82
N MET C 549 -33.42 8.76 -24.75
CA MET C 549 -33.42 8.33 -26.16
C MET C 549 -33.54 9.51 -27.10
#